data_1T2F
#
_entry.id   1T2F
#
_cell.length_a   137.397
_cell.length_b   160.443
_cell.length_c   59.366
_cell.angle_alpha   90.00
_cell.angle_beta   90.00
_cell.angle_gamma   90.00
#
_symmetry.space_group_name_H-M   'P 21 21 2'
#
loop_
_entity.id
_entity.type
_entity.pdbx_description
1 polymer 'L-lactate dehydrogenase B chain'
2 non-polymer NICOTINAMIDE-ADENINE-DINUCLEOTIDE
3 non-polymer '4-HYDROXY-1,2,5-OXADIAZOLE-3-CARBOXYLIC ACID'
4 water water
#
_entity_poly.entity_id   1
_entity_poly.type   'polypeptide(L)'
_entity_poly.pdbx_seq_one_letter_code
;ATLKEKLIAPVAEEEATVPNNKITVVGVGQVGMACAISILGKSLADELALVDVLEDKLKGEMMDLQHGSLFLQTPKIVAD
KDYSVTANSKIVVVTAGVRQQEGESRLNLVQRNVNVFKFIIPQIVKYSPDCIIIVVSNPVDILTYVTWKLSGLPKHRVIG
SGCNLDSARFRYLMAEKLGIHPSSCHGWILGEHGDSSVAVWSGVNVAGVSLQELNPEMGTDNDSENWKEVHKMVVESAYE
VIKLKGYTNWAIGLSVADLIESMLKNLSRIHPVSTMVKGMYGIENEVFLSLPCILNARGLTSVINQKLKDDEVAQLKKSA
DTLWDIQKDLKFL
;
_entity_poly.pdbx_strand_id   A,B,C,D
#
loop_
_chem_comp.id
_chem_comp.type
_chem_comp.name
_chem_comp.formula
NAD non-polymer NICOTINAMIDE-ADENINE-DINUCLEOTIDE 'C21 H27 N7 O14 P2'
OXQ non-polymer '4-HYDROXY-1,2,5-OXADIAZOLE-3-CARBOXYLIC ACID' 'C3 H2 N2 O4'
#
# COMPACT_ATOMS: atom_id res chain seq x y z
N ALA A 1 -28.81 -10.97 -24.99
CA ALA A 1 -28.18 -9.81 -25.73
C ALA A 1 -26.98 -9.24 -24.95
N THR A 2 -25.77 -9.39 -25.50
CA THR A 2 -24.52 -9.52 -24.69
C THR A 2 -24.74 -10.57 -23.58
N LEU A 3 -23.66 -11.11 -23.02
CA LEU A 3 -23.81 -12.19 -22.02
C LEU A 3 -24.24 -11.63 -20.67
N LYS A 4 -23.83 -10.39 -20.35
CA LYS A 4 -24.35 -9.66 -19.20
C LYS A 4 -25.83 -9.88 -19.08
N GLU A 5 -26.51 -9.81 -20.22
CA GLU A 5 -27.97 -9.90 -20.25
C GLU A 5 -28.49 -11.08 -19.40
N LYS A 6 -27.82 -12.24 -19.40
CA LYS A 6 -27.96 -13.25 -18.31
C LYS A 6 -26.73 -14.16 -18.00
N LEU A 7 -25.59 -13.49 -17.84
CA LEU A 7 -24.44 -13.99 -17.09
C LEU A 7 -24.54 -13.36 -15.67
N ILE A 8 -25.08 -12.13 -15.64
CA ILE A 8 -25.23 -11.29 -14.46
C ILE A 8 -26.72 -11.17 -14.12
N ALA A 9 -27.10 -11.69 -12.95
CA ALA A 9 -28.48 -11.71 -12.51
C ALA A 9 -28.63 -10.84 -11.28
N PRO A 10 -28.87 -9.54 -11.46
CA PRO A 10 -28.78 -8.55 -10.36
C PRO A 10 -29.61 -8.81 -9.09
N VAL A 11 -29.08 -8.37 -7.93
CA VAL A 11 -29.81 -8.34 -6.63
C VAL A 11 -30.16 -6.91 -6.22
N ALA A 12 -29.60 -5.94 -6.93
CA ALA A 12 -29.95 -4.54 -6.73
C ALA A 12 -30.32 -3.87 -8.04
N GLU A 13 -31.50 -3.22 -8.04
CA GLU A 13 -31.89 -2.14 -8.95
C GLU A 13 -30.74 -1.59 -9.82
N GLU A 14 -30.88 -1.67 -11.15
CA GLU A 14 -29.83 -1.24 -12.07
C GLU A 14 -29.25 0.03 -11.49
N GLU A 15 -30.11 1.05 -11.36
CA GLU A 15 -29.87 2.23 -10.49
C GLU A 15 -28.66 3.15 -10.77
N ALA A 16 -28.30 3.94 -9.76
CA ALA A 16 -27.70 5.29 -9.92
C ALA A 16 -26.47 5.60 -9.02
N THR A 17 -25.25 5.30 -9.49
CA THR A 17 -24.06 5.19 -8.60
C THR A 17 -23.75 6.47 -7.83
N VAL A 18 -23.12 7.46 -8.46
CA VAL A 18 -22.55 8.64 -7.77
C VAL A 18 -21.27 8.27 -7.03
N PRO A 19 -20.16 8.89 -7.43
CA PRO A 19 -18.86 8.52 -6.86
C PRO A 19 -18.71 9.10 -5.48
N ASN A 20 -18.03 8.39 -4.61
CA ASN A 20 -17.67 8.91 -3.32
C ASN A 20 -16.55 9.93 -3.54
N ASN A 21 -15.31 9.52 -3.37
CA ASN A 21 -14.21 10.39 -3.66
C ASN A 21 -13.92 10.35 -5.12
N LYS A 22 -14.51 11.25 -5.88
CA LYS A 22 -14.17 11.46 -7.29
C LYS A 22 -13.03 12.49 -7.33
N ILE A 23 -12.11 12.41 -8.28
CA ILE A 23 -11.13 13.51 -8.42
C ILE A 23 -10.98 13.92 -9.85
N THR A 24 -10.90 15.22 -10.09
CA THR A 24 -10.79 15.76 -11.46
C THR A 24 -9.43 16.33 -11.65
N VAL A 25 -8.90 16.23 -12.84
CA VAL A 25 -7.60 16.81 -13.10
C VAL A 25 -7.76 17.70 -14.32
N VAL A 26 -7.92 18.99 -14.08
CA VAL A 26 -8.03 19.94 -15.16
C VAL A 26 -6.60 20.05 -15.74
N GLY A 27 -6.42 19.56 -16.96
CA GLY A 27 -5.14 19.64 -17.64
C GLY A 27 -4.51 18.27 -17.69
N VAL A 28 -4.08 17.86 -18.89
CA VAL A 28 -3.42 16.58 -19.05
C VAL A 28 -2.00 16.72 -19.61
N GLY A 29 -1.33 17.80 -19.23
CA GLY A 29 0.06 17.99 -19.61
C GLY A 29 0.98 17.22 -18.71
N GLN A 30 2.28 17.36 -18.95
CA GLN A 30 3.28 16.64 -18.16
C GLN A 30 2.89 16.62 -16.66
N VAL A 31 2.78 17.82 -16.08
CA VAL A 31 2.29 18.03 -14.71
C VAL A 31 1.00 17.26 -14.55
N GLY A 32 -0.02 17.60 -15.33
CA GLY A 32 -1.31 16.95 -15.30
C GLY A 32 -1.40 15.43 -15.20
N MET A 33 -0.57 14.71 -15.96
CA MET A 33 -0.63 13.27 -15.96
C MET A 33 0.15 12.72 -14.80
N ALA A 34 1.24 13.40 -14.43
CA ALA A 34 1.97 13.12 -13.19
C ALA A 34 1.01 13.02 -12.03
N CYS A 35 0.20 14.04 -11.88
CA CYS A 35 -0.86 14.01 -10.89
C CYS A 35 -1.82 12.84 -11.11
N ALA A 36 -2.20 12.55 -12.36
CA ALA A 36 -3.18 11.50 -12.60
C ALA A 36 -2.60 10.15 -12.24
N ILE A 37 -1.34 9.90 -12.57
CA ILE A 37 -0.76 8.59 -12.29
C ILE A 37 -0.46 8.33 -10.82
N SER A 38 0.14 9.30 -10.13
CA SER A 38 0.36 9.24 -8.67
C SER A 38 -0.99 9.04 -7.93
N ILE A 39 -1.99 9.82 -8.31
CA ILE A 39 -3.31 9.66 -7.76
C ILE A 39 -3.75 8.25 -7.94
N LEU A 40 -3.57 7.72 -9.14
CA LEU A 40 -4.11 6.40 -9.48
C LEU A 40 -3.53 5.19 -8.77
N GLY A 41 -2.23 5.18 -8.56
CA GLY A 41 -1.54 4.13 -7.83
C GLY A 41 -1.66 4.13 -6.30
N LYS A 42 -1.96 5.28 -5.72
CA LYS A 42 -2.23 5.34 -4.30
C LYS A 42 -3.69 5.01 -4.13
N SER A 43 -4.39 5.00 -5.28
CA SER A 43 -5.75 4.49 -5.43
C SER A 43 -6.71 5.46 -4.79
N LEU A 44 -6.49 6.75 -5.00
CA LEU A 44 -7.26 7.72 -4.22
C LEU A 44 -8.63 8.00 -4.86
N ALA A 45 -8.71 7.84 -6.16
CA ALA A 45 -9.95 7.99 -6.88
C ALA A 45 -10.66 6.64 -7.12
N ASP A 46 -11.98 6.71 -6.97
CA ASP A 46 -12.89 5.73 -7.54
C ASP A 46 -13.59 6.36 -8.75
N GLU A 47 -13.11 7.54 -9.12
CA GLU A 47 -13.39 8.05 -10.45
C GLU A 47 -12.34 9.07 -10.69
N LEU A 48 -11.61 8.92 -11.79
CA LEU A 48 -10.73 9.98 -12.26
C LEU A 48 -11.42 10.72 -13.40
N ALA A 49 -11.12 12.01 -13.55
CA ALA A 49 -11.69 12.78 -14.65
C ALA A 49 -10.62 13.70 -15.24
N LEU A 50 -10.43 13.61 -16.54
CA LEU A 50 -9.44 14.45 -17.20
C LEU A 50 -10.06 15.48 -18.15
N VAL A 51 -9.89 16.75 -17.86
CA VAL A 51 -10.41 17.81 -18.71
C VAL A 51 -9.22 18.41 -19.44
N ASP A 52 -9.49 19.00 -20.61
CA ASP A 52 -8.49 19.72 -21.40
C ASP A 52 -9.15 20.33 -22.65
N VAL A 53 -8.43 21.19 -23.35
CA VAL A 53 -8.85 21.72 -24.65
C VAL A 53 -8.30 20.87 -25.80
N LEU A 54 -7.15 20.25 -25.61
CA LEU A 54 -6.60 19.32 -26.60
C LEU A 54 -7.38 18.00 -26.58
N GLU A 55 -8.54 18.06 -27.25
CA GLU A 55 -9.55 16.99 -27.33
C GLU A 55 -9.10 15.56 -27.74
N ASP A 56 -8.27 15.48 -28.78
CA ASP A 56 -7.61 14.21 -29.09
C ASP A 56 -6.67 13.68 -27.97
N LYS A 57 -5.54 14.31 -27.69
CA LYS A 57 -4.58 13.84 -26.63
C LYS A 57 -5.29 13.46 -25.32
N LEU A 58 -6.07 14.40 -24.83
CA LEU A 58 -6.98 14.13 -23.76
C LEU A 58 -7.50 12.67 -23.81
N LYS A 59 -8.20 12.30 -24.89
CA LYS A 59 -8.69 10.95 -25.17
C LYS A 59 -7.55 9.92 -25.37
N GLY A 60 -6.43 10.35 -25.91
CA GLY A 60 -5.22 9.56 -25.83
C GLY A 60 -4.96 9.15 -24.39
N GLU A 61 -4.72 10.13 -23.50
CA GLU A 61 -4.44 9.88 -22.08
C GLU A 61 -5.50 9.02 -21.33
N MET A 62 -6.77 9.27 -21.58
CA MET A 62 -7.81 8.54 -20.88
C MET A 62 -7.63 7.08 -21.22
N MET A 63 -7.58 6.79 -22.53
CA MET A 63 -7.61 5.42 -23.04
C MET A 63 -6.42 4.67 -22.59
N ASP A 64 -5.30 5.38 -22.46
CA ASP A 64 -4.06 4.80 -22.00
C ASP A 64 -4.13 4.37 -20.54
N LEU A 65 -4.72 5.19 -19.69
CA LEU A 65 -4.87 4.83 -18.32
C LEU A 65 -5.85 3.67 -18.29
N GLN A 66 -6.94 3.81 -19.01
CA GLN A 66 -8.01 2.82 -18.97
C GLN A 66 -7.35 1.50 -19.15
N HIS A 67 -6.50 1.40 -20.16
CA HIS A 67 -5.92 0.13 -20.46
C HIS A 67 -5.27 -0.47 -19.24
N GLY A 68 -4.55 0.35 -18.46
CA GLY A 68 -4.01 -0.07 -17.16
C GLY A 68 -4.92 -0.56 -16.02
N SER A 69 -6.23 -0.64 -16.21
CA SER A 69 -7.18 -0.70 -15.08
C SER A 69 -7.15 -1.94 -14.21
N LEU A 70 -6.88 -3.06 -14.84
CA LEU A 70 -6.46 -4.26 -14.16
C LEU A 70 -5.48 -4.00 -13.00
N PHE A 71 -4.50 -3.12 -13.18
CA PHE A 71 -3.47 -2.85 -12.16
C PHE A 71 -3.78 -1.76 -11.10
N LEU A 72 -4.92 -1.10 -11.25
CA LEU A 72 -5.42 -0.05 -10.37
C LEU A 72 -6.70 -0.45 -9.61
N GLN A 73 -7.14 0.45 -8.73
CA GLN A 73 -8.38 0.34 -7.98
C GLN A 73 -9.23 1.55 -8.29
N THR A 74 -9.41 1.78 -9.61
CA THR A 74 -10.16 2.94 -10.13
C THR A 74 -11.15 2.60 -11.28
N PRO A 75 -12.40 2.34 -10.87
CA PRO A 75 -13.46 1.86 -11.76
C PRO A 75 -13.88 2.71 -12.97
N LYS A 76 -13.68 4.03 -12.90
CA LYS A 76 -14.25 4.95 -13.90
C LYS A 76 -13.26 6.01 -14.22
N ILE A 77 -12.83 6.12 -15.45
CA ILE A 77 -11.88 7.13 -15.85
C ILE A 77 -12.47 7.67 -17.11
N VAL A 78 -12.95 8.91 -17.00
CA VAL A 78 -13.66 9.59 -18.10
C VAL A 78 -12.87 10.83 -18.42
N ALA A 79 -13.21 11.48 -19.51
CA ALA A 79 -12.45 12.63 -19.96
C ALA A 79 -13.22 13.28 -21.06
N ASP A 80 -13.37 14.61 -20.94
CA ASP A 80 -13.95 15.44 -21.98
C ASP A 80 -13.51 16.84 -21.74
N LYS A 81 -13.68 17.69 -22.76
CA LYS A 81 -13.41 19.13 -22.73
C LYS A 81 -14.54 19.93 -22.10
N ASP A 82 -15.41 19.21 -21.42
CA ASP A 82 -16.71 19.70 -21.12
C ASP A 82 -16.85 19.44 -19.63
N TYR A 83 -16.91 20.51 -18.85
CA TYR A 83 -16.74 20.38 -17.40
C TYR A 83 -17.97 19.66 -16.88
N SER A 84 -18.68 18.98 -17.78
CA SER A 84 -19.80 18.15 -17.43
C SER A 84 -19.42 16.74 -17.00
N VAL A 85 -18.15 16.35 -17.17
CA VAL A 85 -17.70 15.05 -16.62
C VAL A 85 -17.27 15.16 -15.18
N THR A 86 -16.88 16.36 -14.79
CA THR A 86 -16.25 16.61 -13.51
C THR A 86 -17.29 16.72 -12.41
N ALA A 87 -18.54 16.69 -12.83
CA ALA A 87 -19.61 16.70 -11.87
C ALA A 87 -19.26 15.80 -10.71
N ASN A 88 -19.56 16.26 -9.51
CA ASN A 88 -19.50 15.51 -8.24
C ASN A 88 -18.16 15.13 -7.66
N SER A 89 -17.17 15.97 -7.95
CA SER A 89 -15.84 15.67 -7.56
C SER A 89 -15.53 16.23 -6.23
N LYS A 90 -14.91 15.41 -5.40
CA LYS A 90 -14.52 15.80 -4.06
C LYS A 90 -13.29 16.75 -4.04
N ILE A 91 -12.66 16.94 -5.21
CA ILE A 91 -11.34 17.57 -5.36
C ILE A 91 -11.11 17.76 -6.82
N VAL A 92 -10.69 18.95 -7.20
CA VAL A 92 -10.35 19.28 -8.56
C VAL A 92 -8.94 19.85 -8.59
N VAL A 93 -8.02 19.19 -9.30
CA VAL A 93 -6.62 19.57 -9.35
C VAL A 93 -6.45 20.36 -10.61
N VAL A 94 -6.17 21.67 -10.53
CA VAL A 94 -6.08 22.50 -11.74
C VAL A 94 -4.62 22.75 -12.23
N THR A 95 -4.19 21.96 -13.21
CA THR A 95 -2.86 22.07 -13.79
C THR A 95 -2.94 22.84 -15.07
N ALA A 96 -4.14 23.21 -15.45
CA ALA A 96 -4.40 23.98 -16.66
C ALA A 96 -3.49 25.14 -16.84
N GLY A 97 -3.17 25.44 -18.10
CA GLY A 97 -2.56 26.71 -18.47
C GLY A 97 -1.12 26.64 -18.93
N VAL A 98 -0.48 27.80 -19.03
CA VAL A 98 0.88 27.90 -19.56
C VAL A 98 1.85 27.70 -18.43
N ARG A 99 3.10 27.43 -18.79
CA ARG A 99 4.17 27.12 -17.87
C ARG A 99 5.34 27.97 -18.20
N GLN A 100 6.46 27.72 -17.52
CA GLN A 100 7.68 28.47 -17.80
C GLN A 100 8.37 28.16 -19.12
N GLN A 101 9.02 29.16 -19.65
CA GLN A 101 10.05 28.90 -20.60
C GLN A 101 11.43 29.07 -19.91
N GLU A 102 12.43 28.40 -20.46
CA GLU A 102 13.77 28.39 -19.89
C GLU A 102 14.05 29.79 -19.35
N GLY A 103 13.95 29.91 -18.04
CA GLY A 103 14.36 31.17 -17.39
C GLY A 103 13.25 31.90 -16.70
N GLU A 104 12.02 31.58 -17.05
CA GLU A 104 10.90 32.45 -16.83
C GLU A 104 10.43 32.48 -15.41
N SER A 105 10.07 33.67 -14.96
CA SER A 105 9.59 33.82 -13.60
C SER A 105 8.20 33.28 -13.57
N ARG A 106 7.92 32.52 -12.53
CA ARG A 106 6.59 32.02 -12.26
C ARG A 106 5.60 33.16 -12.31
N LEU A 107 6.01 34.36 -11.87
CA LEU A 107 5.11 35.51 -11.71
C LEU A 107 4.71 36.16 -13.01
N ASN A 108 5.39 35.76 -14.07
CA ASN A 108 5.27 36.34 -15.38
C ASN A 108 4.22 35.61 -16.17
N LEU A 109 3.74 34.49 -15.65
CA LEU A 109 2.66 33.75 -16.30
C LEU A 109 1.28 34.22 -15.89
N VAL A 110 1.24 35.27 -15.06
CA VAL A 110 0.03 35.67 -14.35
C VAL A 110 -1.03 36.20 -15.30
N GLN A 111 -0.68 37.12 -16.20
CA GLN A 111 -1.68 37.68 -17.12
C GLN A 111 -2.43 36.58 -17.92
N ARG A 112 -1.68 35.68 -18.54
CA ARG A 112 -2.25 34.57 -19.29
C ARG A 112 -3.01 33.50 -18.46
N ASN A 113 -2.49 33.09 -17.31
CA ASN A 113 -3.12 32.00 -16.57
C ASN A 113 -4.33 32.58 -15.83
N VAL A 114 -4.28 33.88 -15.56
CA VAL A 114 -5.43 34.57 -15.00
C VAL A 114 -6.54 34.39 -16.03
N ASN A 115 -6.23 34.59 -17.30
CA ASN A 115 -7.25 34.72 -18.32
C ASN A 115 -7.88 33.43 -18.63
N VAL A 116 -7.22 32.34 -18.20
CA VAL A 116 -7.69 30.97 -18.34
C VAL A 116 -8.58 30.61 -17.17
N PHE A 117 -8.05 30.71 -15.96
CA PHE A 117 -8.84 30.50 -14.74
C PHE A 117 -10.10 31.32 -14.75
N LYS A 118 -10.18 32.30 -15.64
CA LYS A 118 -11.31 33.21 -15.68
C LYS A 118 -12.51 32.57 -16.37
N PHE A 119 -12.20 31.81 -17.42
CA PHE A 119 -13.17 31.16 -18.26
C PHE A 119 -13.11 29.67 -18.06
N ILE A 120 -12.47 29.20 -16.97
CA ILE A 120 -12.54 27.77 -16.56
C ILE A 120 -13.06 27.52 -15.19
N ILE A 121 -12.92 28.47 -14.29
CA ILE A 121 -13.27 28.21 -12.92
C ILE A 121 -14.76 28.18 -12.67
N PRO A 122 -15.55 29.07 -13.31
CA PRO A 122 -17.00 29.01 -13.23
C PRO A 122 -17.58 27.67 -13.78
N GLN A 123 -16.83 27.06 -14.69
CA GLN A 123 -17.24 25.79 -15.22
C GLN A 123 -16.98 24.68 -14.16
N ILE A 124 -15.95 24.84 -13.36
CA ILE A 124 -15.69 23.88 -12.28
C ILE A 124 -16.72 23.93 -11.18
N VAL A 125 -17.11 25.13 -10.75
CA VAL A 125 -18.05 25.29 -9.64
C VAL A 125 -19.45 24.94 -10.10
N LYS A 126 -19.76 25.16 -11.36
CA LYS A 126 -21.06 24.74 -11.88
C LYS A 126 -21.38 23.29 -11.53
N TYR A 127 -20.50 22.38 -11.92
CA TYR A 127 -20.80 20.97 -11.83
C TYR A 127 -20.29 20.37 -10.55
N SER A 128 -19.68 21.17 -9.70
CA SER A 128 -19.12 20.68 -8.44
C SER A 128 -18.81 21.88 -7.50
N PRO A 129 -19.84 22.40 -6.82
CA PRO A 129 -19.67 23.55 -5.90
C PRO A 129 -19.51 23.13 -4.41
N ASP A 130 -19.12 21.90 -4.19
CA ASP A 130 -18.60 21.52 -2.88
C ASP A 130 -17.34 20.68 -3.11
N CYS A 131 -16.38 21.26 -3.84
CA CYS A 131 -15.16 20.56 -4.19
C CYS A 131 -13.98 21.36 -3.74
N ILE A 132 -13.00 20.72 -3.13
CA ILE A 132 -11.75 21.37 -2.76
C ILE A 132 -10.96 21.58 -4.04
N ILE A 133 -10.59 22.83 -4.36
CA ILE A 133 -9.85 23.15 -5.58
C ILE A 133 -8.38 23.26 -5.26
N ILE A 134 -7.58 22.33 -5.75
CA ILE A 134 -6.15 22.42 -5.68
C ILE A 134 -5.62 23.16 -6.92
N VAL A 135 -5.03 24.32 -6.66
CA VAL A 135 -4.38 25.12 -7.67
C VAL A 135 -2.90 24.78 -7.72
N VAL A 136 -2.43 24.32 -8.88
CA VAL A 136 -1.03 24.07 -9.14
C VAL A 136 -0.45 25.10 -10.16
N SER A 137 -1.15 25.29 -11.28
CA SER A 137 -0.79 26.24 -12.32
C SER A 137 -0.18 27.52 -11.73
N ASN A 138 0.86 28.05 -12.34
CA ASN A 138 1.53 29.20 -11.77
C ASN A 138 1.12 30.53 -12.36
N PRO A 139 1.49 31.63 -11.69
CA PRO A 139 2.09 31.60 -10.35
C PRO A 139 1.00 31.17 -9.37
N VAL A 140 1.35 30.24 -8.46
CA VAL A 140 0.36 29.37 -7.86
C VAL A 140 -0.35 30.08 -6.75
N ASP A 141 0.37 30.93 -6.04
CA ASP A 141 -0.21 31.69 -4.92
C ASP A 141 -1.25 32.74 -5.42
N ILE A 142 -0.94 33.40 -6.52
CA ILE A 142 -1.77 34.44 -7.06
C ILE A 142 -3.02 33.83 -7.66
N LEU A 143 -2.88 32.68 -8.31
CA LEU A 143 -4.04 32.02 -8.93
C LEU A 143 -4.89 31.24 -7.89
N THR A 144 -4.28 30.85 -6.76
CA THR A 144 -5.07 30.50 -5.60
C THR A 144 -6.03 31.67 -5.20
N TYR A 145 -5.53 32.91 -5.11
CA TYR A 145 -6.30 34.14 -4.75
C TYR A 145 -7.32 34.44 -5.82
N VAL A 146 -6.88 34.31 -7.07
CA VAL A 146 -7.77 34.42 -8.23
C VAL A 146 -8.81 33.32 -8.25
N THR A 147 -8.52 32.16 -7.67
CA THR A 147 -9.48 31.06 -7.79
C THR A 147 -10.52 31.28 -6.73
N TRP A 148 -10.04 31.75 -5.60
CA TRP A 148 -10.89 32.05 -4.46
C TRP A 148 -11.99 33.07 -4.80
N LYS A 149 -11.59 34.05 -5.61
CA LYS A 149 -12.34 35.27 -5.78
C LYS A 149 -13.39 35.05 -6.83
N LEU A 150 -13.05 34.19 -7.79
CA LEU A 150 -13.98 33.85 -8.86
C LEU A 150 -14.93 32.80 -8.42
N SER A 151 -14.50 31.92 -7.50
CA SER A 151 -15.19 30.64 -7.25
C SER A 151 -16.30 30.72 -6.25
N GLY A 152 -16.18 31.63 -5.31
CA GLY A 152 -17.17 31.74 -4.26
C GLY A 152 -17.10 30.68 -3.19
N LEU A 153 -16.16 29.75 -3.29
CA LEU A 153 -15.89 28.74 -2.26
C LEU A 153 -15.23 29.42 -1.06
N PRO A 154 -15.22 28.81 0.12
CA PRO A 154 -14.66 29.46 1.28
C PRO A 154 -13.13 29.36 1.31
N LYS A 155 -12.48 30.00 2.28
CA LYS A 155 -11.02 29.96 2.32
C LYS A 155 -10.56 28.55 2.40
N HIS A 156 -11.28 27.70 3.14
CA HIS A 156 -10.71 26.38 3.44
C HIS A 156 -10.88 25.36 2.32
N ARG A 157 -11.51 25.80 1.21
CA ARG A 157 -11.80 24.93 0.04
C ARG A 157 -11.16 25.44 -1.23
N VAL A 158 -10.25 26.42 -1.11
CA VAL A 158 -9.28 26.68 -2.17
C VAL A 158 -7.83 26.62 -1.69
N ILE A 159 -7.09 25.64 -2.16
CA ILE A 159 -5.81 25.31 -1.60
C ILE A 159 -4.75 25.35 -2.66
N GLY A 160 -3.78 26.24 -2.53
CA GLY A 160 -2.71 26.30 -3.49
C GLY A 160 -1.71 25.24 -3.08
N SER A 161 -1.01 24.65 -4.03
CA SER A 161 -0.11 23.52 -3.74
C SER A 161 1.14 24.02 -3.02
N GLY A 162 1.47 25.27 -3.29
CA GLY A 162 2.37 26.05 -2.44
C GLY A 162 3.73 25.46 -2.17
N CYS A 163 4.09 25.43 -0.90
CA CYS A 163 5.40 25.02 -0.55
C CYS A 163 5.47 23.56 -0.14
N ASN A 164 4.38 22.80 -0.29
CA ASN A 164 4.55 21.39 -0.05
C ASN A 164 5.78 20.88 -0.82
N LEU A 165 5.99 21.34 -2.04
CA LEU A 165 7.18 20.90 -2.79
C LEU A 165 8.49 21.56 -2.35
N ASP A 166 8.65 22.87 -2.44
CA ASP A 166 9.89 23.50 -2.02
C ASP A 166 10.43 22.82 -0.84
N SER A 167 9.53 22.64 0.14
CA SER A 167 9.83 22.01 1.45
C SER A 167 10.22 20.57 1.34
N ALA A 168 9.68 19.80 0.40
CA ALA A 168 10.18 18.42 0.20
C ALA A 168 11.58 18.33 -0.39
N ARG A 169 11.90 19.25 -1.32
CA ARG A 169 13.25 19.43 -1.86
C ARG A 169 14.23 19.81 -0.77
N PHE A 170 13.78 20.70 0.12
CA PHE A 170 14.59 21.12 1.25
C PHE A 170 14.85 20.00 2.27
N ARG A 171 13.83 19.24 2.59
CA ARG A 171 14.01 18.08 3.44
C ARG A 171 14.91 17.02 2.81
N TYR A 172 14.92 16.97 1.48
CA TYR A 172 15.72 15.98 0.74
C TYR A 172 17.13 16.52 0.64
N LEU A 173 17.33 17.78 0.33
CA LEU A 173 18.66 18.38 0.39
C LEU A 173 19.29 18.31 1.79
N MET A 174 18.50 18.66 2.80
CA MET A 174 18.86 18.35 4.17
C MET A 174 19.38 16.90 4.38
N ALA A 175 18.57 15.94 3.91
CA ALA A 175 18.77 14.53 4.14
C ALA A 175 20.05 14.11 3.49
N GLU A 176 20.17 14.30 2.18
CA GLU A 176 21.49 14.25 1.50
C GLU A 176 22.66 14.59 2.48
N LYS A 177 22.62 15.78 3.08
CA LYS A 177 23.71 16.27 3.94
C LYS A 177 24.00 15.36 5.12
N LEU A 178 22.97 14.71 5.65
CA LEU A 178 23.00 13.97 6.93
C LEU A 178 22.91 12.44 6.88
N GLY A 179 22.39 11.85 5.80
CA GLY A 179 22.29 10.38 5.66
C GLY A 179 21.11 9.71 6.39
N ILE A 180 19.92 10.23 6.10
CA ILE A 180 18.67 9.72 6.63
C ILE A 180 17.55 9.94 5.60
N HIS A 181 16.28 9.70 5.98
CA HIS A 181 15.17 9.91 5.08
C HIS A 181 14.80 11.38 5.19
N PRO A 182 14.41 11.97 4.08
CA PRO A 182 13.70 13.23 4.10
C PRO A 182 12.71 13.26 5.22
N SER A 183 11.84 12.27 5.32
CA SER A 183 10.84 12.19 6.39
C SER A 183 11.39 12.32 7.81
N SER A 184 12.63 11.87 8.02
CA SER A 184 13.26 12.03 9.31
C SER A 184 13.97 13.39 9.55
N CYS A 185 14.30 14.15 8.51
CA CYS A 185 14.61 15.58 8.70
C CYS A 185 13.38 16.42 8.64
N HIS A 186 13.45 17.62 9.20
CA HIS A 186 12.31 18.53 9.28
C HIS A 186 12.78 19.92 9.12
N GLY A 187 11.94 20.79 8.59
CA GLY A 187 12.36 22.09 8.11
C GLY A 187 11.36 22.60 7.11
N TRP A 188 10.93 23.86 7.29
CA TRP A 188 9.86 24.42 6.48
C TRP A 188 10.39 25.49 5.62
N ILE A 189 9.81 25.55 4.42
CA ILE A 189 9.97 26.63 3.47
C ILE A 189 8.54 27.10 3.33
N LEU A 190 8.31 28.36 3.61
CA LEU A 190 7.01 28.95 3.47
C LEU A 190 7.21 30.14 2.56
N GLY A 191 6.13 30.75 2.08
CA GLY A 191 6.24 32.00 1.31
C GLY A 191 5.70 31.88 -0.09
N GLU A 192 6.26 32.64 -1.02
CA GLU A 192 5.94 32.43 -2.40
C GLU A 192 6.61 31.14 -2.86
N HIS A 193 5.84 30.17 -3.35
CA HIS A 193 6.41 29.09 -4.16
C HIS A 193 7.17 29.76 -5.27
N GLY A 194 8.47 29.86 -5.08
CA GLY A 194 9.32 30.55 -6.02
C GLY A 194 10.22 31.60 -5.41
N ASP A 195 10.69 32.52 -6.26
CA ASP A 195 11.93 33.25 -6.03
C ASP A 195 12.06 33.66 -4.55
N SER A 196 10.99 34.22 -4.00
CA SER A 196 11.04 34.89 -2.69
C SER A 196 10.71 34.04 -1.42
N SER A 197 10.99 32.74 -1.41
CA SER A 197 10.48 31.86 -0.35
C SER A 197 11.28 32.07 0.89
N VAL A 198 10.86 31.46 1.97
CA VAL A 198 11.44 31.68 3.27
C VAL A 198 11.78 30.37 3.96
N ALA A 199 13.05 30.18 4.18
CA ALA A 199 13.57 29.08 4.96
C ALA A 199 13.46 29.42 6.46
N VAL A 200 12.41 28.95 7.11
CA VAL A 200 12.25 29.06 8.55
C VAL A 200 13.24 28.15 9.27
N TRP A 201 14.46 28.68 9.43
CA TRP A 201 15.61 28.01 10.06
C TRP A 201 15.41 27.76 11.55
N SER A 202 14.65 28.64 12.19
CA SER A 202 14.22 28.46 13.57
C SER A 202 13.73 27.03 13.87
N GLY A 203 13.21 26.34 12.84
CA GLY A 203 12.52 25.08 12.99
C GLY A 203 13.18 23.83 12.43
N VAL A 204 14.09 24.03 11.50
CA VAL A 204 14.98 22.98 11.09
C VAL A 204 15.43 22.14 12.33
N ASN A 205 15.09 20.86 12.29
CA ASN A 205 15.37 19.94 13.40
C ASN A 205 15.50 18.45 12.97
N VAL A 206 16.20 17.66 13.79
CA VAL A 206 16.31 16.21 13.62
C VAL A 206 16.14 15.59 15.00
N ALA A 207 15.17 14.72 15.17
CA ALA A 207 14.91 14.11 16.49
C ALA A 207 14.61 15.13 17.57
N GLY A 208 14.04 16.25 17.13
CA GLY A 208 13.74 17.36 18.03
C GLY A 208 14.85 18.36 18.29
N VAL A 209 16.09 17.94 18.06
CA VAL A 209 17.29 18.76 18.25
C VAL A 209 17.30 19.91 17.24
N SER A 210 17.37 21.15 17.71
CA SER A 210 17.35 22.36 16.86
C SER A 210 18.75 22.75 16.30
N LEU A 211 18.89 22.68 14.98
CA LEU A 211 20.16 22.88 14.31
C LEU A 211 20.60 24.32 14.27
N GLN A 212 19.69 25.27 14.44
CA GLN A 212 20.11 26.69 14.54
C GLN A 212 20.77 26.97 15.93
N GLU A 213 20.16 26.49 17.01
CA GLU A 213 20.86 26.33 18.29
C GLU A 213 22.24 25.65 18.10
N LEU A 214 22.30 24.56 17.36
CA LEU A 214 23.59 23.88 17.17
C LEU A 214 24.57 24.67 16.23
N ASN A 215 24.05 25.69 15.57
CA ASN A 215 24.79 26.43 14.55
C ASN A 215 24.14 27.79 14.37
N PRO A 216 24.32 28.67 15.34
CA PRO A 216 23.55 29.93 15.43
C PRO A 216 23.73 30.83 14.22
N GLU A 217 24.94 30.80 13.64
CA GLU A 217 25.22 31.48 12.38
C GLU A 217 24.79 30.59 11.21
N MET A 218 23.51 30.16 11.23
CA MET A 218 22.90 29.31 10.20
C MET A 218 22.00 30.19 9.40
N GLY A 219 22.14 30.07 8.09
CA GLY A 219 21.29 30.77 7.15
C GLY A 219 21.62 32.22 7.21
N THR A 220 22.90 32.48 7.47
CA THR A 220 23.33 33.76 7.96
C THR A 220 24.34 34.33 7.02
N ASP A 221 24.29 35.68 6.89
CA ASP A 221 24.93 36.46 5.82
C ASP A 221 26.39 36.13 5.67
N ASN A 222 26.66 34.98 5.03
CA ASN A 222 28.00 34.45 4.91
C ASN A 222 28.38 33.38 5.93
N ASP A 223 28.34 33.76 7.20
CA ASP A 223 29.07 32.98 8.18
C ASP A 223 28.81 31.48 8.14
N SER A 224 27.59 30.98 8.39
CA SER A 224 27.35 29.50 8.35
C SER A 224 28.32 28.72 7.41
N GLU A 225 28.37 27.41 7.58
CA GLU A 225 29.19 26.59 6.69
C GLU A 225 28.33 25.50 6.09
N ASN A 226 27.36 25.97 5.29
CA ASN A 226 26.59 25.21 4.27
C ASN A 226 25.23 25.84 3.89
N TRP A 227 24.54 26.43 4.87
CA TRP A 227 23.06 26.62 4.79
C TRP A 227 22.43 27.52 3.71
N LYS A 228 22.78 28.81 3.67
CA LYS A 228 22.05 29.73 2.80
C LYS A 228 21.96 29.17 1.40
N GLU A 229 22.96 28.39 0.99
CA GLU A 229 23.08 27.92 -0.39
C GLU A 229 22.26 26.68 -0.71
N VAL A 230 21.56 26.17 0.32
CA VAL A 230 20.53 25.14 0.20
C VAL A 230 19.19 25.83 -0.15
N HIS A 231 18.89 26.91 0.55
CA HIS A 231 17.71 27.69 0.28
C HIS A 231 17.81 28.20 -1.12
N LYS A 232 19.04 28.46 -1.58
CA LYS A 232 19.32 28.98 -2.93
C LYS A 232 19.21 27.81 -3.89
N MET A 233 19.44 26.62 -3.38
CA MET A 233 19.21 25.36 -4.10
C MET A 233 17.72 25.10 -4.39
N VAL A 234 16.94 25.34 -3.33
CA VAL A 234 15.52 25.10 -3.27
C VAL A 234 14.79 26.06 -4.18
N VAL A 235 15.33 27.26 -4.35
CA VAL A 235 14.73 28.28 -5.22
C VAL A 235 14.97 28.00 -6.68
N GLU A 236 16.22 27.67 -7.00
CA GLU A 236 16.64 27.58 -8.38
C GLU A 236 16.30 26.22 -8.94
N SER A 237 15.63 25.40 -8.12
CA SER A 237 15.50 23.99 -8.42
C SER A 237 14.60 23.76 -9.62
N ALA A 238 13.49 24.48 -9.69
CA ALA A 238 12.67 24.40 -10.89
C ALA A 238 13.50 24.82 -12.09
N TYR A 239 14.26 25.92 -12.00
CA TYR A 239 14.94 26.55 -13.12
C TYR A 239 16.10 25.72 -13.60
N GLU A 240 16.73 25.06 -12.64
CA GLU A 240 17.81 24.15 -12.94
C GLU A 240 17.25 22.98 -13.76
N VAL A 241 16.05 22.53 -13.41
CA VAL A 241 15.45 21.34 -13.96
C VAL A 241 14.72 21.54 -15.26
N ILE A 242 13.95 22.62 -15.38
CA ILE A 242 13.25 22.94 -16.62
C ILE A 242 14.26 23.08 -17.70
N LYS A 243 15.45 23.56 -17.33
CA LYS A 243 16.53 23.83 -18.29
C LYS A 243 17.02 22.54 -18.93
N LEU A 244 17.11 21.44 -18.17
CA LEU A 244 17.66 20.16 -18.68
C LEU A 244 16.56 19.29 -19.27
N LYS A 245 15.35 19.42 -18.75
CA LYS A 245 14.24 18.62 -19.18
C LYS A 245 12.98 19.30 -19.69
N GLY A 246 13.01 20.61 -19.93
CA GLY A 246 11.87 21.35 -20.48
C GLY A 246 10.78 21.79 -19.50
N TYR A 247 10.66 21.06 -18.38
CA TYR A 247 9.57 21.24 -17.39
C TYR A 247 9.82 20.41 -16.17
N THR A 248 9.02 20.59 -15.12
CA THR A 248 9.06 19.66 -13.99
C THR A 248 7.67 19.08 -13.91
N ASN A 249 7.58 17.83 -13.47
CA ASN A 249 6.29 17.26 -13.14
C ASN A 249 6.19 16.11 -12.16
N TRP A 250 7.21 15.26 -11.98
CA TRP A 250 7.04 14.08 -11.10
C TRP A 250 6.98 14.52 -9.65
N ALA A 251 7.95 15.34 -9.25
CA ALA A 251 7.91 15.92 -7.91
C ALA A 251 6.58 16.54 -7.65
N ILE A 252 6.19 17.53 -8.41
CA ILE A 252 4.91 18.16 -8.11
C ILE A 252 3.71 17.20 -8.29
N GLY A 253 3.80 16.24 -9.21
CA GLY A 253 2.72 15.29 -9.36
C GLY A 253 2.45 14.59 -8.02
N LEU A 254 3.57 14.22 -7.43
CA LEU A 254 3.61 13.48 -6.19
C LEU A 254 3.29 14.36 -5.03
N SER A 255 3.60 15.66 -5.03
CA SER A 255 3.13 16.46 -3.90
C SER A 255 1.60 16.46 -3.92
N VAL A 256 1.02 16.79 -5.10
CA VAL A 256 -0.43 16.98 -5.18
C VAL A 256 -1.19 15.75 -4.80
N ALA A 257 -0.55 14.60 -4.74
CA ALA A 257 -1.19 13.43 -4.17
C ALA A 257 -0.98 13.33 -2.64
N ASP A 258 0.09 13.91 -2.12
CA ASP A 258 0.32 13.92 -0.67
C ASP A 258 -0.76 14.76 -0.01
N LEU A 259 -1.06 15.88 -0.62
CA LEU A 259 -2.13 16.68 -0.07
C LEU A 259 -3.44 15.95 -0.27
N ILE A 260 -3.71 15.39 -1.46
CA ILE A 260 -4.95 14.66 -1.77
C ILE A 260 -5.25 13.50 -0.82
N GLU A 261 -4.23 12.69 -0.53
CA GLU A 261 -4.30 11.59 0.43
C GLU A 261 -4.73 12.14 1.76
N SER A 262 -4.02 13.13 2.29
CA SER A 262 -4.35 13.66 3.64
C SER A 262 -5.72 14.31 3.73
N MET A 263 -6.26 14.78 2.64
CA MET A 263 -7.59 15.34 2.72
C MET A 263 -8.63 14.18 2.65
N LEU A 264 -8.62 13.37 1.59
CA LEU A 264 -9.60 12.27 1.45
C LEU A 264 -9.63 11.26 2.60
N LYS A 265 -8.47 10.88 3.16
CA LYS A 265 -8.42 9.94 4.28
C LYS A 265 -8.59 10.66 5.59
N ASN A 266 -8.77 11.98 5.54
CA ASN A 266 -9.17 12.79 6.71
C ASN A 266 -8.14 12.90 7.83
N LEU A 267 -6.88 12.90 7.49
CA LEU A 267 -5.83 12.60 8.46
C LEU A 267 -5.45 13.72 9.34
N SER A 268 -5.73 14.94 8.88
CA SER A 268 -5.46 16.20 9.61
C SER A 268 -3.99 16.28 9.85
N ARG A 269 -3.22 16.44 8.78
CA ARG A 269 -1.74 16.51 8.83
C ARG A 269 -1.29 17.83 8.29
N ILE A 270 -0.11 18.27 8.72
CA ILE A 270 0.41 19.60 8.42
C ILE A 270 1.23 19.60 7.13
N HIS A 271 0.82 20.49 6.24
CA HIS A 271 1.56 20.75 5.03
C HIS A 271 1.65 22.25 4.89
N PRO A 272 2.74 22.80 4.41
CA PRO A 272 2.73 24.21 4.18
C PRO A 272 2.02 24.34 2.88
N VAL A 273 0.83 24.91 2.88
CA VAL A 273 0.24 25.23 1.60
C VAL A 273 -0.17 26.69 1.58
N SER A 274 -0.52 27.12 0.38
CA SER A 274 -0.98 28.45 0.06
C SER A 274 -2.38 28.72 0.58
N THR A 275 -2.50 29.52 1.63
CA THR A 275 -3.80 29.98 2.14
C THR A 275 -3.72 31.46 2.44
N MET A 276 -4.86 32.14 2.31
CA MET A 276 -5.10 33.55 2.65
C MET A 276 -4.43 33.96 3.95
N VAL A 277 -3.45 34.85 3.98
CA VAL A 277 -2.83 35.13 5.26
C VAL A 277 -3.06 36.53 5.81
N LYS A 278 -4.21 37.15 5.53
CA LYS A 278 -4.43 38.49 6.07
C LYS A 278 -4.20 38.44 7.58
N GLY A 279 -3.81 39.56 8.13
CA GLY A 279 -3.63 39.68 9.55
C GLY A 279 -2.42 39.00 10.09
N MET A 280 -1.80 38.06 9.42
CA MET A 280 -0.66 37.32 10.01
C MET A 280 0.71 37.98 9.80
N TYR A 281 1.55 37.80 10.82
CA TYR A 281 2.87 38.40 10.88
C TYR A 281 2.78 39.81 10.37
N GLY A 282 1.74 40.47 10.87
CA GLY A 282 1.42 41.82 10.46
C GLY A 282 1.36 41.99 8.96
N ILE A 283 0.40 41.29 8.32
CA ILE A 283 0.13 41.40 6.89
C ILE A 283 -1.27 42.06 6.67
N GLU A 284 -1.31 43.07 5.82
CA GLU A 284 -2.49 43.92 5.71
C GLU A 284 -3.41 43.62 4.53
N ASN A 285 -3.00 42.68 3.68
CA ASN A 285 -3.78 42.37 2.52
C ASN A 285 -4.00 40.90 2.41
N GLU A 286 -4.96 40.54 1.57
CA GLU A 286 -5.42 39.17 1.42
C GLU A 286 -4.49 38.25 0.61
N VAL A 287 -3.19 38.46 0.73
CA VAL A 287 -2.24 37.63 0.02
C VAL A 287 -2.51 36.18 0.33
N PHE A 288 -2.36 35.34 -0.66
CA PHE A 288 -2.18 33.95 -0.43
C PHE A 288 -0.71 33.60 -0.51
N LEU A 289 -0.19 32.97 0.53
CA LEU A 289 1.14 32.36 0.50
C LEU A 289 1.10 31.06 1.30
N SER A 290 2.25 30.39 1.44
CA SER A 290 2.31 29.06 2.07
C SER A 290 2.70 29.18 3.51
N LEU A 291 1.93 28.50 4.34
CA LEU A 291 2.21 28.35 5.79
C LEU A 291 1.68 27.00 6.30
N PRO A 292 2.23 26.50 7.41
CA PRO A 292 1.79 25.23 7.95
C PRO A 292 0.27 25.26 8.23
N CYS A 293 -0.40 24.26 7.71
CA CYS A 293 -1.82 24.22 7.64
C CYS A 293 -2.17 22.83 7.91
N ILE A 294 -3.27 22.62 8.61
CA ILE A 294 -3.82 21.28 8.71
C ILE A 294 -4.86 21.01 7.66
N LEU A 295 -4.62 19.98 6.85
CA LEU A 295 -5.55 19.54 5.77
C LEU A 295 -6.32 18.27 6.18
N ASN A 296 -7.63 18.33 6.17
CA ASN A 296 -8.43 17.19 6.58
C ASN A 296 -9.51 16.84 5.50
N ALA A 297 -10.65 16.26 5.87
CA ALA A 297 -11.62 15.89 4.85
C ALA A 297 -12.37 17.12 4.40
N ARG A 298 -12.32 18.18 5.22
CA ARG A 298 -12.98 19.46 4.90
C ARG A 298 -12.11 20.41 4.03
N GLY A 299 -10.82 20.10 3.98
CA GLY A 299 -9.85 20.90 3.25
C GLY A 299 -8.77 21.42 4.18
N LEU A 300 -8.56 22.74 4.13
CA LEU A 300 -7.51 23.46 4.85
C LEU A 300 -8.20 24.07 6.05
N THR A 301 -7.95 23.58 7.25
CA THR A 301 -8.78 23.99 8.39
C THR A 301 -8.06 24.71 9.46
N SER A 302 -6.76 24.79 9.33
CA SER A 302 -5.99 25.35 10.40
C SER A 302 -4.67 25.84 9.89
N VAL A 303 -4.18 26.92 10.49
CA VAL A 303 -2.80 27.35 10.32
C VAL A 303 -2.09 27.34 11.68
N ILE A 304 -0.90 26.76 11.66
CA ILE A 304 -0.04 26.75 12.81
C ILE A 304 0.64 28.09 12.98
N ASN A 305 0.20 28.82 14.01
CA ASN A 305 0.78 30.10 14.44
C ASN A 305 2.15 29.77 14.85
N GLN A 306 3.13 30.52 14.36
CA GLN A 306 4.55 30.21 14.52
C GLN A 306 5.32 31.34 15.26
N LYS A 307 6.54 30.97 15.68
CA LYS A 307 7.42 31.80 16.46
C LYS A 307 8.64 32.13 15.61
N LEU A 308 8.40 32.76 14.46
CA LEU A 308 9.50 33.05 13.52
C LEU A 308 10.39 34.14 14.12
N LYS A 309 11.70 34.06 13.89
CA LYS A 309 12.66 35.06 14.39
C LYS A 309 12.47 36.41 13.67
N ASP A 310 13.05 37.48 14.22
CA ASP A 310 12.78 38.83 13.72
C ASP A 310 13.09 39.06 12.22
N ASP A 311 13.90 38.19 11.61
CA ASP A 311 14.20 38.31 10.20
C ASP A 311 13.60 37.20 9.34
N GLU A 312 12.87 36.29 9.97
CA GLU A 312 12.01 35.34 9.25
C GLU A 312 10.63 35.95 8.96
N VAL A 313 10.17 36.78 9.89
CA VAL A 313 8.94 37.50 9.81
C VAL A 313 9.18 38.63 8.83
N ALA A 314 10.44 39.06 8.78
CA ALA A 314 10.90 40.04 7.79
C ALA A 314 10.86 39.52 6.36
N GLN A 315 11.69 38.52 6.08
CA GLN A 315 11.67 37.88 4.78
C GLN A 315 10.28 37.35 4.45
N LEU A 316 9.48 37.00 5.45
CA LEU A 316 8.11 36.60 5.19
C LEU A 316 7.35 37.78 4.70
N LYS A 317 7.46 38.92 5.39
CA LYS A 317 6.67 40.11 4.99
C LYS A 317 6.99 40.59 3.58
N LYS A 318 8.11 40.08 3.09
CA LYS A 318 8.74 40.49 1.85
C LYS A 318 8.29 39.63 0.69
N SER A 319 7.89 38.40 0.99
CA SER A 319 7.18 37.58 0.01
C SER A 319 5.77 38.06 -0.02
N ALA A 320 5.25 38.46 1.12
CA ALA A 320 3.90 38.93 1.13
C ALA A 320 3.85 40.08 0.21
N ASP A 321 4.72 41.06 0.37
CA ASP A 321 4.53 42.37 -0.27
C ASP A 321 4.69 42.29 -1.77
N THR A 322 5.54 41.34 -2.18
CA THR A 322 5.89 41.08 -3.54
C THR A 322 4.74 40.45 -4.29
N LEU A 323 3.98 39.56 -3.64
CA LEU A 323 2.82 38.94 -4.25
C LEU A 323 1.67 39.89 -4.30
N TRP A 324 1.59 40.76 -3.32
CA TRP A 324 0.45 41.66 -3.23
C TRP A 324 0.59 42.71 -4.31
N ASP A 325 1.85 42.98 -4.66
CA ASP A 325 2.21 43.95 -5.68
C ASP A 325 1.75 43.49 -7.06
N ILE A 326 1.96 42.23 -7.35
CA ILE A 326 1.48 41.62 -8.58
C ILE A 326 -0.03 41.37 -8.51
N GLN A 327 -0.56 41.18 -7.31
CA GLN A 327 -1.97 40.92 -7.10
C GLN A 327 -2.78 42.17 -7.27
N LYS A 328 -2.23 43.31 -6.84
CA LYS A 328 -3.05 44.53 -6.56
C LYS A 328 -3.68 45.09 -7.81
N ASP A 329 -3.03 44.85 -8.96
CA ASP A 329 -3.47 45.30 -10.29
C ASP A 329 -4.42 44.35 -11.09
N LEU A 330 -4.34 43.05 -10.81
CA LEU A 330 -5.16 42.06 -11.51
C LEU A 330 -6.49 42.62 -12.05
N LYS A 331 -7.32 43.08 -11.12
CA LYS A 331 -8.59 43.74 -11.47
C LYS A 331 -9.28 43.10 -12.67
N PHE A 332 -10.22 42.20 -12.38
CA PHE A 332 -10.85 41.36 -13.41
C PHE A 332 -12.31 41.74 -13.66
N ALA B 1 33.26 18.23 12.97
CA ALA B 1 32.82 19.67 12.86
C ALA B 1 31.63 19.83 11.88
N THR B 2 31.79 19.27 10.69
CA THR B 2 30.70 18.72 9.88
C THR B 2 29.44 18.57 10.78
N LEU B 3 28.28 19.12 10.39
CA LEU B 3 27.09 19.04 11.27
C LEU B 3 26.65 17.61 11.50
N LYS B 4 26.88 16.77 10.49
CA LYS B 4 26.74 15.31 10.59
C LYS B 4 27.62 14.76 11.71
N GLU B 5 28.67 15.46 12.09
CA GLU B 5 29.49 15.05 13.23
C GLU B 5 28.96 15.52 14.60
N LYS B 6 28.54 16.76 14.72
CA LYS B 6 27.91 17.19 15.96
C LYS B 6 26.54 16.48 16.19
N LEU B 7 25.87 16.10 15.11
CA LEU B 7 24.51 15.49 15.19
C LEU B 7 24.45 13.96 15.11
N ILE B 8 25.29 13.34 14.28
CA ILE B 8 25.29 11.91 14.13
C ILE B 8 26.52 11.20 14.75
N ALA B 9 26.21 10.17 15.53
CA ALA B 9 27.18 9.34 16.25
C ALA B 9 27.02 7.94 15.74
N PRO B 10 28.06 7.35 15.16
CA PRO B 10 27.89 6.13 14.37
C PRO B 10 27.95 4.86 15.23
N VAL B 11 26.84 4.13 15.33
CA VAL B 11 26.80 2.92 16.18
C VAL B 11 27.50 1.74 15.49
N ALA B 12 27.24 1.57 14.21
CA ALA B 12 28.05 0.70 13.41
C ALA B 12 29.02 1.66 12.75
N GLU B 13 30.28 1.65 13.22
CA GLU B 13 31.34 2.53 12.72
C GLU B 13 31.60 2.32 11.22
N GLU B 14 31.27 3.32 10.41
CA GLU B 14 31.35 3.17 8.98
C GLU B 14 29.99 2.81 8.40
N GLU B 15 29.37 3.79 7.74
CA GLU B 15 28.23 3.54 6.85
C GLU B 15 28.73 3.10 5.49
N ALA B 16 27.90 2.32 4.84
CA ALA B 16 28.24 1.63 3.62
C ALA B 16 27.18 0.55 3.58
N THR B 17 26.15 0.69 2.75
CA THR B 17 25.19 -0.41 2.56
C THR B 17 25.62 -1.38 1.46
N VAL B 18 25.43 -2.67 1.71
CA VAL B 18 25.52 -3.68 0.67
C VAL B 18 24.48 -3.38 -0.40
N PRO B 19 24.80 -3.47 -1.69
CA PRO B 19 23.78 -3.32 -2.74
C PRO B 19 22.61 -4.28 -2.51
N ASN B 20 21.40 -3.95 -2.98
CA ASN B 20 20.26 -4.88 -2.82
C ASN B 20 19.25 -4.94 -3.99
N ASN B 21 18.00 -4.52 -3.77
CA ASN B 21 17.01 -4.49 -4.83
C ASN B 21 17.09 -3.21 -5.64
N LYS B 22 18.32 -2.83 -5.93
CA LYS B 22 18.67 -1.92 -6.96
C LYS B 22 17.97 -2.35 -8.22
N ILE B 23 17.09 -1.51 -8.76
CA ILE B 23 16.53 -1.71 -10.08
C ILE B 23 17.06 -0.66 -11.00
N THR B 24 17.14 -0.99 -12.27
CA THR B 24 17.57 -0.03 -13.25
C THR B 24 16.50 0.04 -14.36
N VAL B 25 16.39 1.23 -14.90
CA VAL B 25 15.38 1.51 -15.89
C VAL B 25 16.19 2.25 -16.89
N VAL B 26 16.33 1.63 -18.07
CA VAL B 26 17.18 2.13 -19.16
C VAL B 26 16.38 3.04 -20.10
N GLY B 27 16.91 4.24 -20.30
CA GLY B 27 16.24 5.21 -21.13
C GLY B 27 15.15 5.88 -20.35
N VAL B 28 15.03 7.20 -20.51
CA VAL B 28 14.13 8.01 -19.70
C VAL B 28 13.22 8.89 -20.54
N GLY B 29 12.53 8.27 -21.48
CA GLY B 29 11.53 8.98 -22.23
C GLY B 29 10.20 8.76 -21.57
N GLN B 30 9.17 8.67 -22.41
CA GLN B 30 7.82 8.49 -21.96
C GLN B 30 7.70 7.19 -21.17
N VAL B 31 8.22 6.11 -21.72
CA VAL B 31 8.06 4.80 -21.11
C VAL B 31 9.03 4.66 -19.92
N GLY B 32 10.28 5.05 -20.11
CA GLY B 32 11.24 5.07 -19.03
C GLY B 32 10.65 5.62 -17.74
N MET B 33 10.33 6.91 -17.76
CA MET B 33 9.76 7.55 -16.59
C MET B 33 8.52 6.86 -16.05
N ALA B 34 7.58 6.55 -16.94
CA ALA B 34 6.30 5.97 -16.52
C ALA B 34 6.51 4.62 -15.86
N CYS B 35 7.53 3.89 -16.26
CA CYS B 35 7.83 2.66 -15.56
C CYS B 35 8.36 3.04 -14.21
N ALA B 36 9.44 3.84 -14.21
CA ALA B 36 10.00 4.41 -12.99
C ALA B 36 9.00 4.95 -12.00
N ILE B 37 8.19 5.94 -12.37
CA ILE B 37 7.23 6.48 -11.43
C ILE B 37 6.33 5.41 -10.79
N SER B 38 6.08 4.34 -11.52
CA SER B 38 5.23 3.25 -11.08
C SER B 38 5.96 2.22 -10.23
N ILE B 39 7.25 2.12 -10.46
CA ILE B 39 8.16 1.35 -9.66
C ILE B 39 8.37 2.05 -8.35
N LEU B 40 8.37 3.37 -8.38
CA LEU B 40 8.72 4.16 -7.17
C LEU B 40 7.57 4.23 -6.23
N GLY B 41 6.43 4.42 -6.83
CA GLY B 41 5.24 4.42 -6.07
C GLY B 41 4.84 3.06 -5.60
N LYS B 42 5.45 1.97 -6.05
CA LYS B 42 5.05 0.67 -5.49
C LYS B 42 6.06 0.22 -4.49
N SER B 43 7.02 1.09 -4.23
CA SER B 43 8.03 0.91 -3.21
C SER B 43 8.80 -0.36 -3.43
N LEU B 44 9.21 -0.56 -4.68
CA LEU B 44 9.82 -1.81 -5.10
C LEU B 44 11.32 -1.79 -5.05
N ALA B 45 11.92 -0.62 -4.89
CA ALA B 45 13.33 -0.48 -5.19
C ALA B 45 14.07 0.44 -4.18
N ASP B 46 15.23 0.01 -3.69
CA ASP B 46 16.02 0.83 -2.80
C ASP B 46 17.16 1.52 -3.53
N GLU B 47 17.37 1.11 -4.78
CA GLU B 47 18.17 1.94 -5.68
C GLU B 47 17.60 1.96 -7.13
N LEU B 48 17.09 3.13 -7.51
CA LEU B 48 16.76 3.40 -8.90
C LEU B 48 17.99 3.97 -9.63
N ALA B 49 18.39 3.30 -10.71
CA ALA B 49 19.38 3.82 -11.63
C ALA B 49 18.63 4.25 -12.85
N LEU B 50 19.04 5.34 -13.46
CA LEU B 50 18.54 5.79 -14.74
C LEU B 50 19.72 5.83 -15.69
N VAL B 51 19.55 5.34 -16.93
CA VAL B 51 20.64 5.42 -17.94
C VAL B 51 20.12 5.92 -19.22
N ASP B 52 20.96 6.67 -19.88
CA ASP B 52 20.56 7.37 -21.08
C ASP B 52 21.67 8.24 -21.69
N VAL B 53 21.64 8.23 -23.01
CA VAL B 53 22.66 8.83 -23.85
C VAL B 53 22.47 10.34 -23.84
N LEU B 54 21.23 10.82 -23.81
CA LEU B 54 20.95 12.26 -23.64
C LEU B 54 21.20 12.78 -22.21
N GLU B 55 22.41 12.63 -21.70
CA GLU B 55 22.79 13.22 -20.41
C GLU B 55 21.90 14.29 -19.91
N ASP B 56 21.73 15.31 -20.70
CA ASP B 56 21.15 16.52 -20.14
C ASP B 56 19.76 16.28 -19.58
N LYS B 57 18.90 15.69 -20.41
CA LYS B 57 17.56 15.25 -20.00
C LYS B 57 17.63 14.26 -18.86
N LEU B 58 18.55 13.33 -18.98
CA LEU B 58 18.68 12.31 -17.96
C LEU B 58 18.99 12.90 -16.58
N LYS B 59 19.74 14.00 -16.45
CA LYS B 59 20.02 14.56 -15.12
C LYS B 59 18.83 15.33 -14.56
N GLY B 60 17.87 15.65 -15.42
CA GLY B 60 16.62 16.26 -14.98
C GLY B 60 15.59 15.24 -14.48
N GLU B 61 15.44 14.14 -15.18
CA GLU B 61 14.51 13.17 -14.74
C GLU B 61 15.06 12.53 -13.46
N MET B 62 16.39 12.53 -13.33
CA MET B 62 17.02 12.09 -12.10
C MET B 62 16.60 12.99 -10.92
N MET B 63 16.58 14.30 -11.18
CA MET B 63 16.46 15.33 -10.17
C MET B 63 15.02 15.50 -9.74
N ASP B 64 14.13 15.51 -10.74
CA ASP B 64 12.69 15.70 -10.54
C ASP B 64 12.20 14.52 -9.69
N LEU B 65 12.82 13.36 -9.91
CA LEU B 65 12.58 12.19 -9.07
C LEU B 65 13.20 12.30 -7.70
N GLN B 66 14.36 12.92 -7.60
CA GLN B 66 15.01 13.03 -6.32
C GLN B 66 14.30 13.94 -5.38
N HIS B 67 13.64 14.95 -5.92
CA HIS B 67 12.96 15.93 -5.08
C HIS B 67 11.77 15.34 -4.47
N GLY B 68 11.25 14.29 -5.07
CA GLY B 68 10.00 13.71 -4.60
C GLY B 68 10.19 12.74 -3.47
N SER B 69 11.40 12.68 -2.90
CA SER B 69 11.79 11.54 -2.11
C SER B 69 10.88 11.37 -0.91
N LEU B 70 10.84 12.38 -0.03
CA LEU B 70 9.84 12.45 1.06
C LEU B 70 8.60 11.56 0.85
N PHE B 71 8.06 11.57 -0.35
CA PHE B 71 6.89 10.79 -0.63
C PHE B 71 7.14 9.37 -1.03
N LEU B 72 8.34 8.86 -0.90
CA LEU B 72 8.65 7.54 -1.42
C LEU B 72 9.39 6.68 -0.38
N GLN B 73 9.89 5.55 -0.84
CA GLN B 73 10.55 4.60 0.05
C GLN B 73 11.70 3.98 -0.71
N THR B 74 12.40 4.86 -1.45
CA THR B 74 13.47 4.51 -2.37
C THR B 74 14.64 5.49 -2.13
N PRO B 75 15.54 5.12 -1.22
CA PRO B 75 16.54 6.01 -0.65
C PRO B 75 17.72 6.50 -1.54
N LYS B 76 17.89 5.92 -2.72
CA LYS B 76 18.97 6.36 -3.59
C LYS B 76 18.45 6.31 -5.03
N ILE B 77 18.29 7.51 -5.59
CA ILE B 77 18.04 7.64 -6.99
C ILE B 77 19.29 8.16 -7.64
N VAL B 78 19.72 7.52 -8.74
CA VAL B 78 20.92 7.95 -9.47
C VAL B 78 20.84 7.83 -10.97
N ALA B 79 21.45 8.75 -11.68
CA ALA B 79 21.47 8.68 -13.12
C ALA B 79 22.79 9.18 -13.74
N ASP B 80 23.23 8.45 -14.77
CA ASP B 80 24.45 8.73 -15.52
C ASP B 80 24.38 8.02 -16.89
N LYS B 81 25.21 8.48 -17.84
CA LYS B 81 25.26 7.97 -19.21
C LYS B 81 26.21 6.78 -19.33
N ASP B 82 27.14 6.64 -18.35
CA ASP B 82 28.02 5.46 -18.18
C ASP B 82 27.25 4.44 -17.37
N TYR B 83 27.15 3.21 -17.88
CA TYR B 83 26.36 2.14 -17.25
C TYR B 83 26.99 1.73 -15.92
N SER B 84 28.04 2.42 -15.49
CA SER B 84 28.58 2.19 -14.16
C SER B 84 27.50 2.34 -13.09
N VAL B 85 26.61 3.33 -13.25
CA VAL B 85 25.59 3.55 -12.26
C VAL B 85 24.62 2.41 -12.15
N THR B 86 24.62 1.49 -13.11
CA THR B 86 23.76 0.32 -13.03
C THR B 86 24.48 -0.93 -12.51
N ALA B 87 25.41 -0.76 -11.58
CA ALA B 87 26.21 -1.89 -11.14
C ALA B 87 25.30 -2.62 -10.17
N ASN B 88 25.63 -3.89 -9.85
CA ASN B 88 24.90 -4.68 -8.85
C ASN B 88 23.46 -4.31 -8.91
N SER B 89 22.84 -4.67 -10.04
CA SER B 89 21.44 -4.42 -10.29
C SER B 89 20.80 -5.76 -10.21
N LYS B 90 19.49 -5.74 -10.03
CA LYS B 90 18.73 -6.97 -9.84
C LYS B 90 17.71 -7.12 -10.95
N ILE B 91 17.14 -6.01 -11.39
CA ILE B 91 16.21 -6.03 -12.50
C ILE B 91 16.57 -4.86 -13.31
N VAL B 92 16.63 -5.03 -14.64
CA VAL B 92 16.94 -3.92 -15.53
C VAL B 92 15.97 -3.91 -16.61
N VAL B 93 15.26 -2.80 -16.76
CA VAL B 93 14.21 -2.65 -17.77
C VAL B 93 14.78 -1.94 -18.96
N VAL B 94 14.50 -2.44 -20.15
CA VAL B 94 15.12 -1.87 -21.33
C VAL B 94 14.01 -1.20 -22.14
N THR B 95 13.97 0.13 -22.10
CA THR B 95 12.99 0.89 -22.86
C THR B 95 13.60 1.76 -23.93
N ALA B 96 14.92 1.91 -23.87
CA ALA B 96 15.65 2.75 -24.81
C ALA B 96 15.36 2.35 -26.23
N GLY B 97 15.45 3.33 -27.11
CA GLY B 97 15.25 3.09 -28.52
C GLY B 97 14.57 4.22 -29.24
N VAL B 98 13.96 3.82 -30.35
CA VAL B 98 13.14 4.68 -31.13
C VAL B 98 11.81 3.91 -31.13
N ARG B 99 10.73 4.55 -31.62
CA ARG B 99 9.36 4.05 -31.52
C ARG B 99 8.63 4.39 -32.79
N GLN B 100 7.51 3.72 -32.96
CA GLN B 100 6.65 3.96 -34.13
C GLN B 100 6.17 5.42 -34.33
N GLN B 101 6.27 5.92 -35.56
CA GLN B 101 5.53 7.13 -35.94
C GLN B 101 4.13 6.65 -36.19
N GLU B 102 3.16 7.54 -36.05
CA GLU B 102 1.77 7.24 -36.39
C GLU B 102 1.80 6.43 -37.68
N GLY B 103 1.04 5.33 -37.73
CA GLY B 103 1.02 4.46 -38.88
C GLY B 103 1.99 3.28 -38.77
N GLU B 104 3.24 3.59 -38.43
CA GLU B 104 4.31 2.59 -38.31
C GLU B 104 3.78 1.34 -37.57
N SER B 105 4.19 0.17 -38.07
CA SER B 105 3.96 -1.10 -37.40
C SER B 105 5.28 -1.43 -36.72
N ARG B 106 5.24 -2.28 -35.69
CA ARG B 106 6.39 -2.43 -34.79
C ARG B 106 7.69 -3.01 -35.40
N LEU B 107 7.62 -3.68 -36.55
CA LEU B 107 8.81 -4.23 -37.23
C LEU B 107 9.64 -3.18 -38.02
N ASN B 108 9.10 -1.98 -38.21
CA ASN B 108 9.81 -0.97 -38.99
C ASN B 108 11.12 -0.56 -38.30
N LEU B 109 11.45 -1.27 -37.22
CA LEU B 109 12.25 -0.70 -36.15
C LEU B 109 13.61 -1.43 -35.94
N VAL B 110 13.53 -2.74 -35.84
CA VAL B 110 14.68 -3.64 -35.75
C VAL B 110 16.06 -3.05 -36.13
N GLN B 111 16.27 -2.69 -37.39
CA GLN B 111 17.55 -2.09 -37.77
C GLN B 111 18.04 -1.09 -36.72
N ARG B 112 17.41 0.09 -36.64
CA ARG B 112 17.96 1.23 -35.85
C ARG B 112 18.13 0.74 -34.42
N ASN B 113 17.06 0.08 -33.93
CA ASN B 113 16.99 -0.42 -32.57
C ASN B 113 18.06 -1.48 -32.30
N VAL B 114 18.15 -2.52 -33.14
CA VAL B 114 19.17 -3.56 -32.94
C VAL B 114 20.58 -2.99 -32.87
N ASN B 115 20.84 -1.83 -33.46
CA ASN B 115 22.11 -1.13 -33.20
C ASN B 115 22.10 -0.59 -31.77
N VAL B 116 20.89 -0.32 -31.29
CA VAL B 116 20.63 0.12 -29.92
C VAL B 116 20.94 -0.98 -28.90
N PHE B 117 20.28 -2.11 -29.04
CA PHE B 117 20.58 -3.18 -28.12
C PHE B 117 22.05 -3.59 -28.27
N LYS B 118 22.58 -3.67 -29.49
CA LYS B 118 23.99 -4.02 -29.70
C LYS B 118 24.97 -3.19 -28.87
N PHE B 119 24.57 -1.98 -28.51
CA PHE B 119 25.39 -1.09 -27.69
C PHE B 119 25.27 -1.49 -26.28
N ILE B 120 24.02 -1.47 -25.81
CA ILE B 120 23.68 -1.47 -24.39
C ILE B 120 23.77 -2.82 -23.70
N ILE B 121 23.08 -3.80 -24.25
CA ILE B 121 22.87 -5.08 -23.55
C ILE B 121 24.14 -5.63 -22.88
N PRO B 122 25.25 -5.68 -23.59
CA PRO B 122 26.54 -5.92 -22.94
C PRO B 122 26.75 -5.05 -21.72
N GLN B 123 26.63 -3.74 -21.88
CA GLN B 123 26.89 -2.82 -20.78
C GLN B 123 26.01 -3.10 -19.55
N ILE B 124 24.82 -3.68 -19.75
CA ILE B 124 24.07 -4.22 -18.60
C ILE B 124 24.93 -5.36 -17.97
N VAL B 125 25.09 -6.45 -18.71
CA VAL B 125 25.83 -7.61 -18.19
C VAL B 125 27.26 -7.25 -17.75
N LYS B 126 27.80 -6.11 -18.15
CA LYS B 126 29.18 -5.85 -17.82
C LYS B 126 29.26 -5.43 -16.39
N TYR B 127 28.33 -4.54 -16.02
CA TYR B 127 28.22 -3.87 -14.70
C TYR B 127 27.26 -4.54 -13.66
N SER B 128 26.49 -5.51 -14.14
CA SER B 128 25.36 -6.09 -13.44
C SER B 128 25.05 -7.43 -14.11
N PRO B 129 25.94 -8.40 -13.88
CA PRO B 129 25.89 -9.71 -14.55
C PRO B 129 24.95 -10.73 -13.93
N ASP B 130 24.54 -10.50 -12.69
CA ASP B 130 23.68 -11.44 -11.97
C ASP B 130 22.25 -10.97 -12.00
N CYS B 131 21.68 -10.74 -13.18
CA CYS B 131 20.42 -10.00 -13.24
C CYS B 131 19.31 -10.62 -14.10
N ILE B 132 18.07 -10.17 -13.86
CA ILE B 132 16.92 -10.37 -14.73
C ILE B 132 16.83 -9.13 -15.62
N ILE B 133 16.46 -9.31 -16.90
CA ILE B 133 16.39 -8.18 -17.81
C ILE B 133 14.99 -8.16 -18.39
N ILE B 134 14.19 -7.17 -18.04
CA ILE B 134 12.88 -7.04 -18.67
C ILE B 134 13.12 -6.18 -19.91
N VAL B 135 12.51 -6.59 -21.03
CA VAL B 135 12.71 -5.94 -22.33
C VAL B 135 11.39 -5.30 -22.74
N VAL B 136 11.41 -4.01 -23.04
CA VAL B 136 10.19 -3.35 -23.51
C VAL B 136 10.28 -2.73 -24.93
N SER B 137 11.44 -2.17 -25.27
CA SER B 137 11.62 -1.52 -26.56
C SER B 137 11.22 -2.43 -27.72
N ASN B 138 10.72 -1.77 -28.77
CA ASN B 138 10.20 -2.44 -29.97
C ASN B 138 11.32 -2.61 -31.01
N PRO B 139 11.22 -3.62 -31.89
CA PRO B 139 10.17 -4.66 -31.82
C PRO B 139 10.67 -5.59 -30.75
N VAL B 140 9.74 -6.07 -29.93
CA VAL B 140 10.07 -6.39 -28.54
C VAL B 140 10.39 -7.88 -28.30
N ASP B 141 9.92 -8.74 -29.18
CA ASP B 141 10.31 -10.15 -29.15
C ASP B 141 11.63 -10.30 -29.91
N ILE B 142 11.64 -9.73 -31.10
CA ILE B 142 12.81 -9.69 -31.91
C ILE B 142 13.96 -9.04 -31.15
N LEU B 143 13.69 -8.20 -30.15
CA LEU B 143 14.77 -7.67 -29.33
C LEU B 143 14.96 -8.47 -28.04
N THR B 144 13.91 -9.10 -27.55
CA THR B 144 14.05 -10.04 -26.47
C THR B 144 15.09 -11.07 -26.92
N TYR B 145 14.72 -12.02 -27.80
CA TYR B 145 15.70 -12.86 -28.48
C TYR B 145 17.06 -12.17 -28.64
N VAL B 146 17.12 -11.01 -29.27
CA VAL B 146 18.40 -10.31 -29.41
C VAL B 146 19.14 -10.13 -28.08
N THR B 147 18.39 -9.95 -27.01
CA THR B 147 18.95 -9.79 -25.67
C THR B 147 19.43 -11.09 -25.03
N TRP B 148 18.74 -12.20 -25.31
CA TRP B 148 19.10 -13.51 -24.80
C TRP B 148 20.48 -13.88 -25.29
N LYS B 149 20.69 -13.68 -26.58
CA LYS B 149 21.98 -13.89 -27.23
C LYS B 149 22.99 -12.92 -26.69
N LEU B 150 22.92 -11.66 -27.07
CA LEU B 150 23.94 -10.70 -26.62
C LEU B 150 24.40 -10.93 -25.19
N SER B 151 23.47 -10.77 -24.25
CA SER B 151 23.79 -10.87 -22.83
C SER B 151 24.37 -12.22 -22.51
N GLY B 152 23.91 -13.22 -23.23
CA GLY B 152 24.28 -14.57 -22.93
C GLY B 152 23.99 -14.74 -21.46
N LEU B 153 22.69 -14.71 -21.16
CA LEU B 153 22.16 -15.03 -19.84
C LEU B 153 21.31 -16.23 -20.07
N PRO B 154 21.03 -16.95 -19.00
CA PRO B 154 20.12 -18.10 -19.04
C PRO B 154 18.71 -17.73 -19.50
N LYS B 155 17.99 -18.69 -20.08
CA LYS B 155 16.63 -18.41 -20.56
C LYS B 155 15.88 -17.57 -19.51
N HIS B 156 15.81 -18.13 -18.32
CA HIS B 156 14.98 -17.62 -17.22
C HIS B 156 15.29 -16.24 -16.67
N ARG B 157 16.29 -15.56 -17.20
CA ARG B 157 16.66 -14.26 -16.71
C ARG B 157 16.32 -13.19 -17.73
N VAL B 158 15.93 -13.60 -18.94
CA VAL B 158 15.55 -12.65 -19.99
C VAL B 158 14.09 -12.87 -20.25
N ILE B 159 13.30 -11.80 -19.99
CA ILE B 159 11.86 -11.75 -20.21
C ILE B 159 11.57 -10.50 -21.02
N GLY B 160 10.55 -10.60 -21.91
CA GLY B 160 9.97 -9.48 -22.63
C GLY B 160 8.57 -9.11 -22.16
N SER B 161 8.24 -7.83 -22.23
CA SER B 161 6.96 -7.37 -21.71
C SER B 161 5.81 -7.94 -22.53
N GLY B 162 6.09 -8.13 -23.82
CA GLY B 162 5.31 -9.06 -24.62
C GLY B 162 3.81 -8.81 -24.58
N CYS B 163 3.01 -9.77 -24.13
CA CYS B 163 1.56 -9.70 -24.29
C CYS B 163 0.84 -9.33 -23.04
N ASN B 164 1.60 -9.16 -21.96
CA ASN B 164 1.09 -8.70 -20.66
C ASN B 164 0.09 -7.56 -20.83
N LEU B 165 0.59 -6.47 -21.42
CA LEU B 165 -0.22 -5.27 -21.70
C LEU B 165 -1.43 -5.59 -22.49
N ASP B 166 -1.29 -6.43 -23.51
CA ASP B 166 -2.45 -6.87 -24.32
C ASP B 166 -3.51 -7.62 -23.54
N SER B 167 -3.10 -8.50 -22.66
CA SER B 167 -4.08 -9.26 -21.94
C SER B 167 -4.70 -8.36 -20.87
N ALA B 168 -4.06 -7.20 -20.66
CA ALA B 168 -4.59 -6.18 -19.78
C ALA B 168 -5.57 -5.28 -20.53
N ARG B 169 -5.25 -4.89 -21.76
CA ARG B 169 -6.22 -4.24 -22.63
C ARG B 169 -7.40 -5.18 -22.77
N PHE B 170 -7.14 -6.46 -23.11
CA PHE B 170 -8.19 -7.46 -23.28
C PHE B 170 -9.12 -7.52 -22.09
N ARG B 171 -8.57 -7.85 -20.93
CA ARG B 171 -9.33 -7.95 -19.70
C ARG B 171 -10.09 -6.67 -19.35
N TYR B 172 -9.52 -5.51 -19.72
CA TYR B 172 -10.24 -4.25 -19.58
C TYR B 172 -11.38 -4.11 -20.58
N LEU B 173 -11.19 -4.45 -21.83
CA LEU B 173 -12.28 -4.30 -22.79
C LEU B 173 -13.46 -5.24 -22.45
N MET B 174 -13.14 -6.48 -22.13
CA MET B 174 -14.09 -7.43 -21.58
C MET B 174 -14.86 -6.81 -20.42
N ALA B 175 -14.15 -6.08 -19.56
CA ALA B 175 -14.72 -5.46 -18.35
C ALA B 175 -15.80 -4.44 -18.64
N GLU B 176 -15.55 -3.62 -19.64
CA GLU B 176 -16.55 -2.63 -20.03
C GLU B 176 -17.86 -3.34 -20.36
N LYS B 177 -17.72 -4.50 -21.01
CA LYS B 177 -18.84 -5.24 -21.62
C LYS B 177 -19.76 -5.84 -20.53
N LEU B 178 -19.22 -6.23 -19.37
CA LEU B 178 -19.96 -6.79 -18.22
C LEU B 178 -20.04 -5.94 -16.93
N GLY B 179 -19.29 -4.83 -16.91
CA GLY B 179 -19.22 -3.92 -15.77
C GLY B 179 -18.67 -4.51 -14.49
N ILE B 180 -17.57 -5.26 -14.54
CA ILE B 180 -16.83 -5.67 -13.35
C ILE B 180 -15.40 -5.22 -13.50
N HIS B 181 -14.48 -5.69 -12.65
CA HIS B 181 -13.08 -5.24 -12.70
C HIS B 181 -12.34 -6.17 -13.61
N PRO B 182 -11.50 -5.66 -14.48
CA PRO B 182 -10.59 -6.48 -15.28
C PRO B 182 -9.87 -7.61 -14.53
N SER B 183 -9.84 -7.56 -13.19
CA SER B 183 -9.26 -8.57 -12.32
C SER B 183 -10.18 -9.78 -11.98
N SER B 184 -11.49 -9.59 -12.16
CA SER B 184 -12.47 -10.68 -12.15
C SER B 184 -12.83 -11.19 -13.59
N CYS B 185 -12.25 -10.52 -14.61
CA CYS B 185 -12.43 -10.84 -16.02
C CYS B 185 -11.19 -11.58 -16.51
N HIS B 186 -11.29 -12.88 -16.81
CA HIS B 186 -10.12 -13.68 -17.14
C HIS B 186 -10.01 -13.97 -18.59
N GLY B 187 -8.82 -13.85 -19.14
CA GLY B 187 -8.69 -13.95 -20.59
C GLY B 187 -7.27 -13.76 -21.05
N TRP B 188 -6.87 -14.48 -22.09
CA TRP B 188 -5.45 -14.50 -22.47
C TRP B 188 -5.23 -14.21 -23.94
N ILE B 189 -4.50 -13.13 -24.22
CA ILE B 189 -4.03 -12.76 -25.53
C ILE B 189 -2.58 -13.12 -25.57
N LEU B 190 -2.22 -14.19 -26.29
CA LEU B 190 -0.83 -14.70 -26.30
C LEU B 190 -0.09 -14.46 -27.61
N GLY B 191 1.20 -14.78 -27.64
CA GLY B 191 1.99 -14.69 -28.86
C GLY B 191 2.76 -13.41 -29.07
N GLU B 192 2.73 -12.89 -30.30
CA GLU B 192 3.52 -11.72 -30.68
C GLU B 192 2.72 -10.50 -30.26
N HIS B 193 3.42 -9.56 -29.67
CA HIS B 193 2.80 -8.38 -29.04
C HIS B 193 1.90 -7.47 -29.93
N GLY B 194 2.21 -7.39 -31.23
CA GLY B 194 1.54 -6.48 -32.16
C GLY B 194 0.33 -7.10 -32.82
N ASP B 195 0.33 -7.12 -34.14
CA ASP B 195 -0.89 -7.33 -34.91
C ASP B 195 -1.34 -8.80 -34.83
N SER B 196 -0.39 -9.63 -34.39
CA SER B 196 -0.41 -11.07 -34.64
C SER B 196 -0.91 -11.89 -33.47
N SER B 197 -1.06 -11.26 -32.30
CA SER B 197 -1.58 -11.88 -31.05
C SER B 197 -2.72 -12.85 -31.29
N VAL B 198 -3.11 -13.56 -30.26
CA VAL B 198 -3.97 -14.71 -30.39
C VAL B 198 -4.93 -14.86 -29.22
N ALA B 199 -6.19 -14.52 -29.35
CA ALA B 199 -7.07 -14.64 -28.18
C ALA B 199 -7.57 -16.09 -27.83
N VAL B 200 -6.95 -16.72 -26.83
CA VAL B 200 -7.35 -18.06 -26.44
C VAL B 200 -8.75 -18.07 -25.82
N TRP B 201 -9.74 -18.02 -26.69
CA TRP B 201 -11.16 -17.94 -26.32
C TRP B 201 -11.70 -19.03 -25.37
N SER B 202 -10.98 -20.16 -25.23
CA SER B 202 -11.33 -21.25 -24.27
C SER B 202 -11.17 -20.77 -22.81
N GLY B 203 -10.09 -20.06 -22.56
CA GLY B 203 -9.77 -19.57 -21.24
C GLY B 203 -10.79 -18.53 -20.86
N VAL B 204 -10.97 -17.57 -21.76
CA VAL B 204 -11.89 -16.49 -21.49
C VAL B 204 -13.04 -17.01 -20.64
N ASN B 205 -13.01 -16.74 -19.35
CA ASN B 205 -14.11 -17.05 -18.46
C ASN B 205 -14.38 -15.90 -17.52
N VAL B 206 -15.23 -16.16 -16.53
CA VAL B 206 -15.59 -15.18 -15.53
C VAL B 206 -16.26 -16.02 -14.46
N ALA B 207 -15.69 -16.03 -13.25
CA ALA B 207 -16.24 -16.68 -12.06
C ALA B 207 -16.40 -18.19 -12.13
N GLY B 208 -15.52 -18.88 -12.83
CA GLY B 208 -15.66 -20.32 -12.97
C GLY B 208 -16.32 -20.69 -14.29
N VAL B 209 -17.08 -19.78 -14.89
CA VAL B 209 -17.95 -20.10 -16.03
C VAL B 209 -17.29 -19.81 -17.37
N SER B 210 -17.21 -20.81 -18.23
CA SER B 210 -16.66 -20.62 -19.56
C SER B 210 -17.65 -19.78 -20.38
N LEU B 211 -17.09 -18.91 -21.22
CA LEU B 211 -17.87 -18.03 -22.09
C LEU B 211 -18.19 -18.74 -23.40
N GLN B 212 -17.14 -19.21 -24.09
CA GLN B 212 -17.30 -20.08 -25.28
C GLN B 212 -18.31 -21.23 -25.06
N GLU B 213 -18.13 -22.02 -24.01
CA GLU B 213 -19.16 -23.01 -23.58
C GLU B 213 -20.53 -22.44 -23.16
N LEU B 214 -20.80 -21.20 -23.56
CA LEU B 214 -22.07 -20.53 -23.33
C LEU B 214 -22.54 -19.93 -24.66
N ASN B 215 -21.66 -19.17 -25.33
CA ASN B 215 -21.91 -18.58 -26.66
C ASN B 215 -20.81 -19.03 -27.63
N PRO B 216 -21.07 -20.12 -28.34
CA PRO B 216 -20.00 -20.77 -29.13
C PRO B 216 -19.61 -20.02 -30.38
N GLU B 217 -20.37 -18.97 -30.74
CA GLU B 217 -20.00 -18.05 -31.83
C GLU B 217 -18.63 -17.33 -31.66
N MET B 218 -18.17 -17.19 -30.40
CA MET B 218 -16.95 -16.45 -30.06
C MET B 218 -15.75 -16.74 -30.94
N GLY B 219 -15.13 -15.71 -31.49
CA GLY B 219 -13.95 -15.87 -32.31
C GLY B 219 -14.13 -16.03 -33.82
N THR B 220 -15.28 -16.55 -34.27
CA THR B 220 -15.56 -16.72 -35.71
C THR B 220 -15.88 -15.39 -36.43
N ASP B 221 -16.37 -15.48 -37.68
CA ASP B 221 -16.75 -14.29 -38.46
C ASP B 221 -17.85 -13.47 -37.74
N ASN B 222 -19.10 -13.91 -37.85
CA ASN B 222 -20.15 -13.24 -37.14
C ASN B 222 -20.92 -13.88 -35.98
N ASP B 223 -20.15 -13.96 -34.91
CA ASP B 223 -20.56 -13.81 -33.50
C ASP B 223 -21.53 -12.63 -33.20
N SER B 224 -22.47 -12.84 -32.27
CA SER B 224 -23.48 -11.81 -31.92
C SER B 224 -23.20 -10.97 -30.62
N GLU B 225 -22.16 -11.34 -29.86
CA GLU B 225 -21.57 -10.50 -28.81
C GLU B 225 -20.42 -9.63 -29.36
N ASN B 226 -20.11 -9.86 -30.64
CA ASN B 226 -19.04 -9.17 -31.38
C ASN B 226 -17.68 -9.28 -30.70
N TRP B 227 -17.10 -10.47 -30.66
CA TRP B 227 -15.89 -10.73 -29.83
C TRP B 227 -14.61 -10.69 -30.64
N LYS B 228 -14.70 -10.94 -31.96
CA LYS B 228 -13.53 -10.74 -32.83
C LYS B 228 -13.23 -9.24 -32.86
N GLU B 229 -14.26 -8.42 -32.64
CA GLU B 229 -14.09 -6.96 -32.48
C GLU B 229 -13.25 -6.60 -31.26
N VAL B 230 -13.46 -7.28 -30.14
CA VAL B 230 -12.61 -7.02 -28.97
C VAL B 230 -11.11 -7.26 -29.29
N HIS B 231 -10.71 -8.49 -29.62
CA HIS B 231 -9.31 -8.77 -30.06
C HIS B 231 -8.86 -7.70 -31.03
N LYS B 232 -9.82 -7.20 -31.81
CA LYS B 232 -9.58 -6.19 -32.84
C LYS B 232 -9.00 -4.97 -32.19
N MET B 233 -9.69 -4.48 -31.16
CA MET B 233 -9.27 -3.33 -30.37
C MET B 233 -7.92 -3.58 -29.67
N VAL B 234 -7.81 -4.65 -28.89
CA VAL B 234 -6.51 -5.02 -28.28
C VAL B 234 -5.33 -4.91 -29.26
N VAL B 235 -5.59 -5.12 -30.54
CA VAL B 235 -4.57 -4.98 -31.59
C VAL B 235 -4.41 -3.55 -32.01
N GLU B 236 -5.52 -2.93 -32.42
CA GLU B 236 -5.50 -1.53 -32.90
C GLU B 236 -5.04 -0.57 -31.81
N SER B 237 -5.59 -0.71 -30.60
CA SER B 237 -5.13 0.02 -29.40
C SER B 237 -3.88 0.88 -29.63
N ALA B 238 -2.72 0.23 -29.64
CA ALA B 238 -1.45 0.94 -29.82
C ALA B 238 -1.57 2.08 -30.83
N TYR B 239 -1.99 1.73 -32.04
CA TYR B 239 -2.04 2.66 -33.15
C TYR B 239 -2.92 3.78 -32.79
N GLU B 240 -4.14 3.45 -32.36
CA GLU B 240 -5.18 4.46 -32.23
C GLU B 240 -4.86 5.41 -31.06
N VAL B 241 -4.26 4.88 -29.99
CA VAL B 241 -3.65 5.73 -28.95
C VAL B 241 -2.51 6.65 -29.48
N ILE B 242 -1.69 6.12 -30.37
CA ILE B 242 -0.54 6.85 -30.91
C ILE B 242 -1.00 8.02 -31.78
N LYS B 243 -2.21 7.87 -32.34
CA LYS B 243 -2.85 8.93 -33.12
C LYS B 243 -3.28 10.12 -32.23
N LEU B 244 -3.63 9.87 -30.98
CA LEU B 244 -4.14 10.90 -30.07
C LEU B 244 -3.04 11.64 -29.28
N LYS B 245 -2.17 10.87 -28.64
CA LYS B 245 -1.16 11.41 -27.77
C LYS B 245 0.30 11.04 -28.12
N GLY B 246 0.53 10.60 -29.37
CA GLY B 246 1.86 10.27 -29.93
C GLY B 246 2.57 8.97 -29.51
N TYR B 247 2.12 8.38 -28.40
CA TYR B 247 2.83 7.28 -27.77
C TYR B 247 1.91 6.62 -26.74
N THR B 248 2.41 5.56 -26.12
CA THR B 248 1.81 5.02 -24.90
C THR B 248 2.94 4.93 -23.89
N ASN B 249 2.61 5.02 -22.61
CA ASN B 249 3.58 4.85 -21.51
C ASN B 249 3.01 4.30 -20.18
N TRP B 250 1.78 4.67 -19.94
CA TRP B 250 1.20 4.48 -18.67
C TRP B 250 0.85 3.04 -18.57
N ALA B 251 0.11 2.53 -19.53
CA ALA B 251 -0.33 1.14 -19.49
C ALA B 251 0.86 0.25 -19.39
N ILE B 252 1.78 0.46 -20.32
CA ILE B 252 3.03 -0.28 -20.37
C ILE B 252 3.72 -0.20 -19.02
N GLY B 253 3.72 0.98 -18.41
CA GLY B 253 4.55 1.28 -17.25
C GLY B 253 4.10 0.58 -16.00
N LEU B 254 2.82 0.73 -15.72
CA LEU B 254 2.19 -0.04 -14.68
C LEU B 254 2.39 -1.54 -14.84
N SER B 255 2.44 -2.05 -16.07
CA SER B 255 2.45 -3.49 -16.29
C SER B 255 3.83 -4.01 -16.15
N VAL B 256 4.81 -3.14 -16.32
CA VAL B 256 6.19 -3.53 -16.17
C VAL B 256 6.38 -3.67 -14.68
N ALA B 257 5.84 -2.71 -13.93
CA ALA B 257 5.95 -2.64 -12.48
C ALA B 257 5.25 -3.77 -11.79
N ASP B 258 4.26 -4.33 -12.46
CA ASP B 258 3.52 -5.50 -11.99
C ASP B 258 4.41 -6.75 -12.08
N LEU B 259 5.26 -6.78 -13.11
CA LEU B 259 6.17 -7.89 -13.28
C LEU B 259 7.18 -7.72 -12.19
N ILE B 260 7.63 -6.50 -12.01
CA ILE B 260 8.73 -6.24 -11.09
C ILE B 260 8.34 -6.55 -9.65
N GLU B 261 7.06 -6.30 -9.31
CA GLU B 261 6.47 -6.73 -8.03
C GLU B 261 6.44 -8.26 -7.97
N SER B 262 5.76 -8.90 -8.89
CA SER B 262 5.73 -10.35 -8.87
C SER B 262 7.11 -10.89 -8.50
N MET B 263 8.14 -10.36 -9.11
CA MET B 263 9.41 -11.04 -9.10
C MET B 263 10.22 -10.70 -7.90
N LEU B 264 10.22 -9.45 -7.42
CA LEU B 264 10.94 -9.12 -6.22
C LEU B 264 10.30 -9.77 -4.98
N LYS B 265 8.99 -10.01 -5.05
CA LYS B 265 8.19 -10.57 -3.99
C LYS B 265 8.14 -12.10 -4.10
N ASN B 266 8.80 -12.55 -5.17
CA ASN B 266 9.05 -13.97 -5.36
C ASN B 266 7.76 -14.72 -5.21
N LEU B 267 6.81 -14.31 -6.02
CA LEU B 267 5.41 -14.45 -5.77
C LEU B 267 4.89 -15.59 -6.58
N SER B 268 5.54 -15.87 -7.70
CA SER B 268 5.19 -17.02 -8.52
C SER B 268 3.73 -16.92 -8.93
N ARG B 269 3.38 -15.76 -9.45
CA ARG B 269 2.13 -15.58 -10.12
C ARG B 269 2.38 -15.78 -11.57
N ILE B 270 1.34 -16.00 -12.38
CA ILE B 270 1.51 -16.19 -13.84
C ILE B 270 1.31 -14.89 -14.64
N HIS B 271 2.02 -14.76 -15.76
CA HIS B 271 1.97 -13.55 -16.55
C HIS B 271 2.22 -13.82 -18.03
N PRO B 272 1.35 -13.41 -18.93
CA PRO B 272 1.57 -13.74 -20.32
C PRO B 272 2.75 -12.95 -20.79
N VAL B 273 3.96 -13.43 -20.53
CA VAL B 273 5.20 -12.76 -20.94
C VAL B 273 6.03 -13.58 -21.94
N SER B 274 6.81 -12.89 -22.77
CA SER B 274 7.61 -13.47 -23.87
C SER B 274 8.80 -14.25 -23.36
N THR B 275 9.08 -15.36 -24.03
CA THR B 275 10.08 -16.33 -23.60
C THR B 275 10.29 -17.30 -24.73
N MET B 276 11.37 -18.10 -24.62
CA MET B 276 11.75 -19.04 -25.67
C MET B 276 10.73 -20.16 -25.77
N VAL B 277 10.14 -20.33 -26.96
CA VAL B 277 9.01 -21.24 -27.18
C VAL B 277 9.33 -22.61 -27.86
N LYS B 278 10.45 -22.74 -28.59
CA LYS B 278 10.81 -24.03 -29.22
C LYS B 278 10.52 -25.25 -28.32
N GLY B 279 9.84 -26.26 -28.89
CA GLY B 279 9.40 -27.45 -28.18
C GLY B 279 7.97 -27.27 -27.70
N MET B 280 7.41 -26.12 -28.05
CA MET B 280 6.05 -25.81 -27.70
C MET B 280 5.33 -25.63 -28.99
N TYR B 281 4.34 -26.51 -29.17
CA TYR B 281 3.49 -26.44 -30.34
C TYR B 281 4.38 -26.31 -31.61
N GLY B 282 5.42 -27.15 -31.65
CA GLY B 282 6.18 -27.41 -32.86
C GLY B 282 7.04 -26.30 -33.40
N ILE B 283 7.52 -25.41 -32.54
CA ILE B 283 8.47 -24.42 -33.02
C ILE B 283 9.78 -25.18 -33.25
N GLU B 284 10.49 -24.82 -34.33
CA GLU B 284 11.88 -25.23 -34.51
C GLU B 284 12.85 -24.07 -34.45
N ASN B 285 12.36 -22.84 -34.35
CA ASN B 285 13.24 -21.66 -34.28
C ASN B 285 13.49 -21.08 -32.83
N GLU B 286 14.74 -20.67 -32.59
CA GLU B 286 15.13 -19.96 -31.37
C GLU B 286 14.47 -18.58 -31.33
N VAL B 287 13.27 -18.55 -30.76
CA VAL B 287 12.38 -17.41 -30.90
C VAL B 287 11.46 -17.25 -29.67
N PHE B 288 11.09 -16.00 -29.42
CA PHE B 288 10.36 -15.63 -28.21
C PHE B 288 8.94 -15.10 -28.48
N LEU B 289 7.94 -15.68 -27.82
CA LEU B 289 6.61 -15.06 -27.70
C LEU B 289 5.97 -15.36 -26.36
N SER B 290 4.86 -14.69 -26.09
CA SER B 290 4.34 -14.59 -24.75
C SER B 290 3.43 -15.74 -24.41
N LEU B 291 3.83 -16.55 -23.45
CA LEU B 291 2.93 -17.58 -22.89
C LEU B 291 2.71 -17.34 -21.38
N PRO B 292 1.62 -17.87 -20.84
CA PRO B 292 1.42 -17.87 -19.40
C PRO B 292 2.70 -18.35 -18.74
N CYS B 293 3.27 -17.64 -17.81
CA CYS B 293 4.52 -18.10 -17.23
C CYS B 293 4.78 -17.53 -15.87
N ILE B 294 5.62 -18.22 -15.09
CA ILE B 294 5.71 -18.10 -13.64
C ILE B 294 6.86 -17.21 -13.17
N LEU B 295 6.53 -16.16 -12.43
CA LEU B 295 7.43 -15.06 -12.23
C LEU B 295 7.78 -14.94 -10.76
N ASN B 296 8.93 -15.47 -10.37
CA ASN B 296 9.38 -15.39 -8.98
C ASN B 296 10.65 -14.56 -8.90
N ALA B 297 11.47 -14.73 -7.88
CA ALA B 297 12.74 -13.99 -7.80
C ALA B 297 13.87 -14.49 -8.74
N ARG B 298 13.74 -15.73 -9.18
CA ARG B 298 14.55 -16.28 -10.27
C ARG B 298 14.19 -15.72 -11.68
N GLY B 299 12.96 -15.28 -11.90
CA GLY B 299 12.60 -14.63 -13.14
C GLY B 299 11.51 -15.41 -13.80
N LEU B 300 11.57 -15.64 -15.09
CA LEU B 300 10.59 -16.49 -15.71
C LEU B 300 11.18 -17.90 -15.55
N THR B 301 10.50 -18.80 -14.84
CA THR B 301 11.02 -20.12 -14.50
C THR B 301 10.21 -21.28 -15.04
N SER B 302 9.12 -21.02 -15.73
CA SER B 302 8.39 -22.13 -16.29
C SER B 302 7.28 -21.57 -17.10
N VAL B 303 6.58 -22.43 -17.84
CA VAL B 303 5.50 -22.01 -18.75
C VAL B 303 4.27 -22.85 -18.43
N ILE B 304 3.13 -22.50 -18.98
CA ILE B 304 1.97 -23.32 -18.79
C ILE B 304 1.76 -24.22 -20.02
N ASN B 305 1.84 -25.53 -19.80
CA ASN B 305 1.50 -26.52 -20.83
C ASN B 305 0.01 -26.56 -21.03
N GLN B 306 -0.44 -25.88 -22.10
CA GLN B 306 -1.86 -25.72 -22.44
C GLN B 306 -2.24 -26.55 -23.66
N LYS B 307 -3.51 -26.94 -23.73
CA LYS B 307 -4.08 -27.47 -24.97
C LYS B 307 -4.57 -26.37 -25.91
N LEU B 308 -3.80 -26.15 -27.00
CA LEU B 308 -4.08 -25.11 -28.05
C LEU B 308 -4.52 -25.60 -29.47
N LYS B 309 -5.71 -25.18 -29.91
CA LYS B 309 -6.29 -25.60 -31.20
C LYS B 309 -5.43 -25.14 -32.36
N ASP B 310 -5.70 -25.79 -33.51
CA ASP B 310 -5.03 -25.59 -34.80
C ASP B 310 -4.77 -24.08 -35.12
N ASP B 311 -5.87 -23.36 -35.41
CA ASP B 311 -5.86 -21.99 -35.94
C ASP B 311 -5.18 -20.97 -35.04
N GLU B 312 -4.84 -21.43 -33.84
CA GLU B 312 -4.09 -20.66 -32.88
C GLU B 312 -2.63 -20.96 -33.07
N VAL B 313 -2.29 -22.26 -33.07
CA VAL B 313 -0.88 -22.69 -33.19
C VAL B 313 -0.37 -22.27 -34.55
N ALA B 314 -1.25 -22.38 -35.54
CA ALA B 314 -0.95 -21.81 -36.83
C ALA B 314 -0.55 -20.36 -36.56
N GLN B 315 -1.52 -19.57 -36.10
CA GLN B 315 -1.30 -18.16 -35.74
C GLN B 315 0.09 -17.96 -35.14
N LEU B 316 0.43 -18.87 -34.21
CA LEU B 316 1.68 -18.87 -33.46
C LEU B 316 2.89 -19.01 -34.40
N LYS B 317 2.82 -19.99 -35.31
CA LYS B 317 3.95 -20.38 -36.16
C LYS B 317 4.32 -19.36 -37.23
N LYS B 318 3.33 -18.88 -37.99
CA LYS B 318 3.56 -17.75 -38.90
C LYS B 318 4.13 -16.56 -38.14
N SER B 319 3.68 -16.36 -36.91
CA SER B 319 4.26 -15.35 -36.06
C SER B 319 5.72 -15.76 -35.95
N ALA B 320 5.97 -16.95 -35.41
CA ALA B 320 7.36 -17.39 -35.17
C ALA B 320 8.25 -17.55 -36.45
N ASP B 321 7.64 -17.42 -37.63
CA ASP B 321 8.40 -17.45 -38.87
C ASP B 321 8.86 -16.02 -39.16
N THR B 322 7.90 -15.14 -39.48
CA THR B 322 8.16 -13.70 -39.65
C THR B 322 9.29 -13.32 -38.68
N LEU B 323 9.06 -13.65 -37.42
CA LEU B 323 10.09 -13.55 -36.42
C LEU B 323 11.48 -14.00 -36.93
N TRP B 324 11.64 -15.29 -37.19
CA TRP B 324 12.98 -15.78 -37.52
C TRP B 324 13.53 -15.14 -38.77
N ASP B 325 12.67 -14.85 -39.76
CA ASP B 325 13.12 -14.32 -41.06
C ASP B 325 13.99 -13.05 -40.94
N ILE B 326 13.46 -12.02 -40.29
CA ILE B 326 14.27 -10.89 -39.82
C ILE B 326 15.53 -11.46 -39.17
N GLN B 327 15.28 -12.28 -38.13
CA GLN B 327 16.30 -12.77 -37.24
C GLN B 327 17.49 -13.42 -37.93
N LYS B 328 17.25 -14.46 -38.74
CA LYS B 328 18.27 -15.25 -39.45
C LYS B 328 19.44 -14.43 -40.00
N ASP B 329 19.11 -13.32 -40.65
CA ASP B 329 20.10 -12.41 -41.31
C ASP B 329 20.71 -11.37 -40.37
N LEU B 330 20.66 -11.62 -39.06
CA LEU B 330 21.03 -10.60 -38.09
C LEU B 330 22.50 -10.74 -37.92
N LYS B 331 23.23 -9.84 -38.57
CA LYS B 331 24.67 -9.83 -38.47
C LYS B 331 25.07 -9.53 -37.04
N PHE B 332 25.08 -10.58 -36.23
CA PHE B 332 25.33 -10.49 -34.80
C PHE B 332 26.78 -10.12 -34.53
N ALA C 1 -6.03 29.72 26.18
CA ALA C 1 -6.92 28.54 26.43
C ALA C 1 -6.28 27.25 25.95
N THR C 2 -5.16 26.93 26.60
CA THR C 2 -4.24 25.84 26.23
C THR C 2 -3.43 26.26 25.00
N LEU C 3 -2.85 25.26 24.32
CA LEU C 3 -2.02 25.47 23.16
C LEU C 3 -2.87 25.45 21.92
N LYS C 4 -3.77 24.49 21.81
CA LYS C 4 -4.66 24.42 20.65
C LYS C 4 -5.27 25.82 20.37
N GLU C 5 -5.48 26.59 21.43
CA GLU C 5 -6.08 27.92 21.33
C GLU C 5 -5.23 28.93 20.61
N LYS C 6 -4.03 29.17 21.09
CA LYS C 6 -3.14 30.11 20.41
C LYS C 6 -1.95 29.43 19.77
N LEU C 7 -2.17 28.28 19.14
CA LEU C 7 -1.15 27.56 18.36
C LEU C 7 -1.77 27.12 17.08
N ILE C 8 -2.96 26.57 17.17
CA ILE C 8 -3.77 26.36 16.00
C ILE C 8 -4.71 27.55 15.91
N ALA C 9 -4.94 28.00 14.67
CA ALA C 9 -5.80 29.14 14.39
C ALA C 9 -6.73 28.74 13.26
N PRO C 10 -8.02 28.76 13.50
CA PRO C 10 -8.97 28.22 12.53
C PRO C 10 -9.04 29.07 11.30
N VAL C 11 -8.93 28.41 10.15
CA VAL C 11 -9.18 28.98 8.83
C VAL C 11 -10.63 28.72 8.47
N ALA C 12 -11.24 27.78 9.19
CA ALA C 12 -12.61 27.37 8.94
C ALA C 12 -13.59 27.88 10.04
N GLU C 13 -14.35 26.95 10.57
CA GLU C 13 -15.10 27.15 11.78
C GLU C 13 -15.39 25.76 12.35
N GLU C 14 -15.14 25.60 13.64
CA GLU C 14 -15.39 24.33 14.31
C GLU C 14 -16.89 23.95 14.25
N GLU C 15 -17.34 22.97 13.44
CA GLU C 15 -16.59 21.89 12.79
C GLU C 15 -17.20 20.61 13.34
N ALA C 16 -17.70 19.79 12.45
CA ALA C 16 -17.84 18.38 12.73
C ALA C 16 -17.58 17.75 11.40
N THR C 17 -17.52 16.43 11.37
CA THR C 17 -17.14 15.77 10.13
C THR C 17 -18.36 15.33 9.38
N VAL C 18 -19.10 14.42 10.00
CA VAL C 18 -19.85 13.34 9.31
C VAL C 18 -18.89 12.32 8.76
N PRO C 19 -18.68 11.22 9.49
CA PRO C 19 -18.05 10.04 8.87
C PRO C 19 -18.39 9.96 7.38
N ASN C 20 -17.38 9.58 6.63
CA ASN C 20 -17.58 9.17 5.27
C ASN C 20 -17.59 7.64 5.39
N ASN C 21 -16.40 7.04 5.35
CA ASN C 21 -16.31 5.61 5.42
C ASN C 21 -15.92 5.12 6.81
N LYS C 22 -16.89 5.19 7.69
CA LYS C 22 -16.81 4.51 8.97
C LYS C 22 -17.11 3.05 8.75
N ILE C 23 -16.65 2.24 9.71
CA ILE C 23 -16.93 0.84 9.80
C ILE C 23 -17.07 0.49 11.29
N THR C 24 -18.18 -0.13 11.67
CA THR C 24 -18.27 -0.74 12.99
C THR C 24 -17.86 -2.24 12.95
N VAL C 25 -17.00 -2.63 13.86
CA VAL C 25 -16.78 -4.02 14.09
C VAL C 25 -17.53 -4.30 15.38
N VAL C 26 -18.36 -5.34 15.33
CA VAL C 26 -19.27 -5.71 16.41
C VAL C 26 -18.75 -7.01 16.94
N GLY C 27 -18.12 -6.90 18.08
CA GLY C 27 -17.44 -8.02 18.63
C GLY C 27 -15.98 -7.69 18.55
N VAL C 28 -15.31 -7.87 19.68
CA VAL C 28 -13.88 -7.70 19.82
C VAL C 28 -13.26 -8.98 20.39
N GLY C 29 -13.74 -10.08 19.85
CA GLY C 29 -13.24 -11.41 20.13
C GLY C 29 -12.12 -11.74 19.19
N GLN C 30 -11.62 -12.98 19.23
CA GLN C 30 -10.45 -13.35 18.42
C GLN C 30 -10.73 -12.97 16.99
N VAL C 31 -11.98 -13.10 16.55
CA VAL C 31 -12.39 -12.75 15.17
C VAL C 31 -12.53 -11.23 14.96
N GLY C 32 -13.42 -10.62 15.72
CA GLY C 32 -13.54 -9.17 15.81
C GLY C 32 -12.25 -8.29 15.74
N MET C 33 -11.21 -8.66 16.47
CA MET C 33 -9.94 -8.00 16.33
C MET C 33 -9.13 -8.33 15.05
N ALA C 34 -9.22 -9.56 14.52
CA ALA C 34 -8.51 -9.92 13.29
C ALA C 34 -9.01 -9.03 12.20
N CYS C 35 -10.33 -8.97 12.09
CA CYS C 35 -11.00 -8.15 11.10
C CYS C 35 -10.59 -6.70 11.27
N ALA C 36 -10.56 -6.26 12.54
CA ALA C 36 -10.18 -4.91 12.93
C ALA C 36 -8.72 -4.64 12.67
N ILE C 37 -7.80 -5.53 13.03
CA ILE C 37 -6.43 -5.20 12.73
C ILE C 37 -6.24 -5.12 11.22
N SER C 38 -7.06 -5.83 10.45
CA SER C 38 -6.92 -5.90 8.98
C SER C 38 -7.62 -4.76 8.23
N ILE C 39 -8.78 -4.35 8.73
CA ILE C 39 -9.40 -3.13 8.21
C ILE C 39 -8.41 -2.01 8.40
N LEU C 40 -7.92 -1.84 9.62
CA LEU C 40 -7.05 -0.72 9.89
C LEU C 40 -5.84 -0.82 8.99
N GLY C 41 -5.24 -2.00 8.91
CA GLY C 41 -4.08 -2.23 8.05
C GLY C 41 -4.15 -1.81 6.59
N LYS C 42 -5.27 -2.04 5.92
CA LYS C 42 -5.47 -1.64 4.52
C LYS C 42 -6.03 -0.20 4.40
N SER C 43 -6.13 0.45 5.56
CA SER C 43 -6.43 1.90 5.70
C SER C 43 -7.84 2.21 5.32
N LEU C 44 -8.76 1.38 5.80
CA LEU C 44 -10.05 1.29 5.10
C LEU C 44 -11.10 2.14 5.76
N ALA C 45 -10.87 2.60 6.98
CA ALA C 45 -11.81 3.47 7.67
C ALA C 45 -11.20 4.80 8.04
N ASP C 46 -11.90 5.91 7.82
CA ASP C 46 -11.57 7.18 8.46
C ASP C 46 -12.01 7.20 9.91
N GLU C 47 -12.93 6.32 10.29
CA GLU C 47 -13.31 6.11 11.68
C GLU C 47 -13.69 4.63 11.86
N LEU C 48 -13.11 3.99 12.87
CA LEU C 48 -13.41 2.59 13.22
C LEU C 48 -14.06 2.59 14.58
N ALA C 49 -15.13 1.82 14.79
CA ALA C 49 -15.92 1.84 16.03
C ALA C 49 -16.18 0.43 16.58
N LEU C 50 -15.97 0.24 17.85
CA LEU C 50 -16.11 -1.09 18.40
C LEU C 50 -17.39 -1.19 19.25
N VAL C 51 -18.28 -2.16 18.97
CA VAL C 51 -19.31 -2.49 19.96
C VAL C 51 -19.21 -3.92 20.47
N ASP C 52 -19.04 -4.07 21.76
CA ASP C 52 -19.11 -5.39 22.32
C ASP C 52 -19.93 -5.20 23.57
N VAL C 53 -20.30 -6.30 24.21
CA VAL C 53 -20.95 -6.29 25.52
C VAL C 53 -19.98 -6.21 26.69
N LEU C 54 -18.82 -6.85 26.60
CA LEU C 54 -17.81 -6.76 27.65
C LEU C 54 -17.09 -5.39 27.77
N GLU C 55 -17.77 -4.42 28.37
CA GLU C 55 -17.31 -3.01 28.48
C GLU C 55 -15.83 -2.76 28.70
N ASP C 56 -15.27 -3.54 29.62
CA ASP C 56 -13.85 -3.48 29.99
C ASP C 56 -12.92 -3.96 28.87
N LYS C 57 -13.28 -5.13 28.27
CA LYS C 57 -12.51 -5.74 27.16
C LYS C 57 -12.60 -4.85 25.95
N LEU C 58 -13.58 -3.97 25.92
CA LEU C 58 -13.75 -3.09 24.79
C LEU C 58 -12.84 -1.89 24.90
N LYS C 59 -12.87 -1.22 26.06
CA LYS C 59 -12.11 0.02 26.30
C LYS C 59 -10.62 -0.26 26.08
N GLY C 60 -10.21 -1.50 26.32
CA GLY C 60 -8.82 -1.90 26.20
C GLY C 60 -8.46 -2.40 24.83
N GLU C 61 -9.44 -2.74 24.00
CA GLU C 61 -9.09 -3.14 22.66
C GLU C 61 -9.14 -1.85 21.85
N MET C 62 -10.14 -1.01 22.10
CA MET C 62 -10.16 0.41 21.72
C MET C 62 -8.84 1.17 22.06
N MET C 63 -8.40 1.07 23.30
CA MET C 63 -7.21 1.79 23.71
C MET C 63 -6.01 1.25 22.98
N ASP C 64 -6.03 -0.04 22.66
CA ASP C 64 -4.82 -0.65 22.12
C ASP C 64 -4.64 -0.26 20.67
N LEU C 65 -5.75 -0.13 19.94
CA LEU C 65 -5.70 0.28 18.56
C LEU C 65 -5.43 1.77 18.53
N GLN C 66 -5.74 2.44 19.63
CA GLN C 66 -5.54 3.87 19.70
C GLN C 66 -4.03 4.21 19.72
N HIS C 67 -3.31 3.66 20.65
CA HIS C 67 -1.85 3.87 20.75
C HIS C 67 -1.01 3.74 19.46
N GLY C 68 -1.44 2.82 18.58
CA GLY C 68 -0.81 2.67 17.29
C GLY C 68 -1.34 3.62 16.25
N SER C 69 -2.06 4.65 16.64
CA SER C 69 -2.66 5.53 15.66
C SER C 69 -1.59 5.98 14.63
N LEU C 70 -0.42 6.35 15.14
CA LEU C 70 0.71 6.85 14.35
C LEU C 70 1.20 5.94 13.24
N PHE C 71 0.71 4.74 13.14
CA PHE C 71 1.18 3.90 12.08
C PHE C 71 0.07 3.67 11.10
N LEU C 72 -1.04 4.36 11.34
CA LEU C 72 -2.30 4.00 10.74
C LEU C 72 -3.00 5.26 10.28
N GLN C 73 -4.07 5.10 9.48
CA GLN C 73 -4.66 6.22 8.78
C GLN C 73 -6.16 6.23 9.06
N THR C 74 -6.49 6.24 10.35
CA THR C 74 -7.86 6.08 10.81
C THR C 74 -8.08 7.06 12.02
N PRO C 75 -8.21 8.35 11.73
CA PRO C 75 -8.16 9.39 12.75
C PRO C 75 -8.95 9.11 14.05
N LYS C 76 -10.17 8.59 13.87
CA LYS C 76 -11.08 8.34 14.98
C LYS C 76 -11.20 6.83 15.18
N ILE C 77 -10.81 6.36 16.34
CA ILE C 77 -11.18 5.03 16.77
C ILE C 77 -12.01 5.17 18.06
N VAL C 78 -13.06 4.37 18.17
CA VAL C 78 -14.03 4.52 19.24
C VAL C 78 -14.70 3.23 19.65
N ALA C 79 -15.30 3.25 20.83
CA ALA C 79 -15.82 2.02 21.44
C ALA C 79 -16.81 2.23 22.58
N ASP C 80 -17.97 1.62 22.46
CA ASP C 80 -18.96 1.58 23.54
C ASP C 80 -19.87 0.35 23.52
N LYS C 81 -20.35 -0.04 24.70
CA LYS C 81 -21.34 -1.10 24.81
C LYS C 81 -22.69 -0.58 24.35
N ASP C 82 -22.89 0.74 24.42
CA ASP C 82 -24.05 1.40 23.78
C ASP C 82 -23.88 1.52 22.27
N TYR C 83 -24.88 1.10 21.49
CA TYR C 83 -24.73 1.11 20.02
C TYR C 83 -24.82 2.49 19.43
N SER C 84 -24.87 3.52 20.27
CA SER C 84 -24.80 4.88 19.76
C SER C 84 -23.45 5.25 19.13
N VAL C 85 -22.36 4.51 19.39
CA VAL C 85 -21.10 4.80 18.71
C VAL C 85 -21.07 4.34 17.29
N THR C 86 -21.99 3.48 16.91
CA THR C 86 -22.03 2.98 15.53
C THR C 86 -22.84 3.84 14.59
N ALA C 87 -23.08 5.07 14.99
CA ALA C 87 -23.99 5.89 14.24
C ALA C 87 -23.31 6.27 12.96
N ASN C 88 -23.93 5.96 11.82
CA ASN C 88 -23.62 6.52 10.51
C ASN C 88 -22.44 5.84 9.85
N SER C 89 -22.22 4.60 10.34
CA SER C 89 -21.38 3.53 9.78
C SER C 89 -21.81 3.12 8.39
N LYS C 90 -20.82 2.85 7.55
CA LYS C 90 -21.04 2.47 6.17
C LYS C 90 -21.03 0.95 6.03
N ILE C 91 -20.21 0.27 6.82
CA ILE C 91 -20.22 -1.17 6.82
C ILE C 91 -20.15 -1.63 8.24
N VAL C 92 -20.91 -2.70 8.55
CA VAL C 92 -20.99 -3.16 9.92
C VAL C 92 -20.64 -4.62 9.98
N VAL C 93 -19.57 -4.97 10.68
CA VAL C 93 -19.07 -6.33 10.69
C VAL C 93 -19.52 -6.97 11.98
N VAL C 94 -20.46 -7.90 11.91
CA VAL C 94 -20.96 -8.57 13.09
C VAL C 94 -20.07 -9.81 13.25
N THR C 95 -19.67 -10.05 14.50
CA THR C 95 -18.82 -11.21 14.86
C THR C 95 -19.13 -11.76 16.24
N ALA C 96 -20.13 -11.15 16.89
CA ALA C 96 -20.30 -11.29 18.32
C ALA C 96 -20.90 -12.68 18.58
N GLY C 97 -20.61 -13.21 19.75
CA GLY C 97 -21.39 -14.30 20.28
C GLY C 97 -20.54 -15.49 20.57
N VAL C 98 -21.22 -16.61 20.79
CA VAL C 98 -20.56 -17.87 21.07
C VAL C 98 -19.96 -18.51 19.82
N ARG C 99 -18.89 -19.28 20.04
CA ARG C 99 -18.18 -20.03 18.99
C ARG C 99 -18.17 -21.54 19.26
N GLN C 100 -17.79 -22.33 18.27
CA GLN C 100 -17.83 -23.79 18.42
C GLN C 100 -16.86 -24.25 19.51
N GLN C 101 -17.32 -25.08 20.46
CA GLN C 101 -16.42 -25.88 21.32
C GLN C 101 -15.78 -27.03 20.51
N GLU C 102 -14.67 -27.58 20.93
CA GLU C 102 -13.94 -28.51 20.07
C GLU C 102 -14.87 -29.62 19.67
N GLY C 103 -15.25 -29.65 18.39
CA GLY C 103 -16.11 -30.72 17.86
C GLY C 103 -17.49 -30.28 17.44
N GLU C 104 -18.15 -29.55 18.32
CA GLU C 104 -19.37 -28.78 18.03
C GLU C 104 -19.52 -28.27 16.60
N SER C 105 -20.72 -28.37 16.06
CA SER C 105 -20.98 -27.94 14.70
C SER C 105 -21.28 -26.50 14.74
N ARG C 106 -21.02 -25.80 13.65
CA ARG C 106 -21.46 -24.42 13.57
C ARG C 106 -22.94 -24.40 13.88
N LEU C 107 -23.72 -25.27 13.23
CA LEU C 107 -25.21 -25.28 13.30
C LEU C 107 -25.83 -25.56 14.65
N ASN C 108 -25.04 -25.91 15.65
CA ASN C 108 -25.53 -26.07 16.99
C ASN C 108 -25.37 -24.73 17.78
N LEU C 109 -25.11 -23.64 17.10
CA LEU C 109 -24.98 -22.39 17.80
C LEU C 109 -26.17 -21.52 17.49
N VAL C 110 -27.03 -21.95 16.55
CA VAL C 110 -28.23 -21.19 16.14
C VAL C 110 -29.05 -20.66 17.36
N GLN C 111 -29.59 -21.56 18.17
CA GLN C 111 -30.52 -21.10 19.14
C GLN C 111 -29.78 -19.91 19.69
N ARG C 112 -28.60 -20.15 20.26
CA ARG C 112 -27.90 -19.15 21.07
C ARG C 112 -27.52 -17.88 20.33
N ASN C 113 -26.94 -18.00 19.14
CA ASN C 113 -26.41 -16.85 18.36
C ASN C 113 -27.51 -16.03 17.73
N VAL C 114 -28.65 -16.68 17.48
CA VAL C 114 -29.88 -16.00 17.08
C VAL C 114 -30.32 -15.05 18.19
N ASN C 115 -30.28 -15.50 19.43
CA ASN C 115 -30.74 -14.63 20.54
C ASN C 115 -29.82 -13.38 20.64
N VAL C 116 -28.55 -13.58 20.31
CA VAL C 116 -27.63 -12.50 20.23
C VAL C 116 -28.19 -11.56 19.19
N PHE C 117 -28.32 -12.05 17.96
CA PHE C 117 -28.67 -11.23 16.80
C PHE C 117 -30.04 -10.58 16.89
N LYS C 118 -30.89 -11.21 17.69
CA LYS C 118 -32.21 -10.70 17.91
C LYS C 118 -32.09 -9.35 18.61
N PHE C 119 -31.05 -9.20 19.43
CA PHE C 119 -30.74 -7.95 20.11
C PHE C 119 -29.89 -7.02 19.27
N ILE C 120 -28.81 -7.48 18.66
CA ILE C 120 -27.86 -6.51 18.04
C ILE C 120 -28.16 -6.04 16.65
N ILE C 121 -28.82 -6.86 15.83
CA ILE C 121 -29.13 -6.45 14.46
C ILE C 121 -30.01 -5.22 14.38
N PRO C 122 -31.09 -5.16 15.13
CA PRO C 122 -31.98 -4.00 15.06
C PRO C 122 -31.42 -2.73 15.76
N GLN C 123 -30.45 -2.83 16.66
CA GLN C 123 -29.81 -1.60 17.12
C GLN C 123 -28.79 -1.03 16.06
N ILE C 124 -28.25 -1.90 15.19
CA ILE C 124 -27.42 -1.42 14.09
C ILE C 124 -28.22 -0.53 13.12
N VAL C 125 -29.41 -0.96 12.68
CA VAL C 125 -30.18 -0.15 11.73
C VAL C 125 -30.80 1.10 12.40
N LYS C 126 -31.02 1.07 13.72
CA LYS C 126 -31.37 2.28 14.44
C LYS C 126 -30.28 3.33 14.14
N TYR C 127 -29.02 2.95 14.27
CA TYR C 127 -27.97 3.97 14.20
C TYR C 127 -27.40 4.25 12.82
N SER C 128 -27.25 3.21 12.01
CA SER C 128 -26.75 3.31 10.65
C SER C 128 -27.83 2.78 9.65
N PRO C 129 -28.94 3.52 9.48
CA PRO C 129 -30.06 3.05 8.67
C PRO C 129 -29.70 2.57 7.29
N ASP C 130 -28.68 3.19 6.68
CA ASP C 130 -28.25 2.85 5.32
C ASP C 130 -26.87 2.17 5.27
N CYS C 131 -26.70 1.10 6.05
CA CYS C 131 -25.42 0.38 6.07
C CYS C 131 -25.40 -0.90 5.21
N ILE C 132 -24.23 -1.44 5.01
CA ILE C 132 -24.09 -2.77 4.52
C ILE C 132 -23.76 -3.50 5.78
N ILE C 133 -24.34 -4.68 5.96
CA ILE C 133 -23.95 -5.48 7.10
C ILE C 133 -23.08 -6.55 6.56
N ILE C 134 -22.02 -6.90 7.26
CA ILE C 134 -21.40 -8.18 7.03
C ILE C 134 -21.64 -9.00 8.28
N VAL C 135 -22.07 -10.23 8.05
CA VAL C 135 -22.37 -11.22 9.07
C VAL C 135 -21.27 -12.25 9.01
N VAL C 136 -20.65 -12.49 10.16
CA VAL C 136 -19.55 -13.44 10.27
C VAL C 136 -19.86 -14.50 11.34
N SER C 137 -20.55 -14.11 12.40
CA SER C 137 -21.02 -15.04 13.45
C SER C 137 -21.71 -16.27 12.87
N ASN C 138 -21.53 -17.42 13.52
CA ASN C 138 -21.97 -18.67 12.98
C ASN C 138 -23.44 -19.01 13.29
N PRO C 139 -23.94 -20.13 12.78
CA PRO C 139 -24.72 -20.25 11.56
C PRO C 139 -24.71 -18.97 10.79
N VAL C 140 -23.68 -18.84 9.95
CA VAL C 140 -23.43 -17.62 9.14
C VAL C 140 -24.52 -17.40 8.07
N ASP C 141 -24.83 -18.42 7.28
CA ASP C 141 -25.83 -18.29 6.22
C ASP C 141 -27.27 -18.28 6.77
N ILE C 142 -27.45 -18.97 7.91
CA ILE C 142 -28.71 -19.01 8.61
C ILE C 142 -28.89 -17.67 9.25
N LEU C 143 -27.79 -17.05 9.73
CA LEU C 143 -27.90 -15.74 10.45
C LEU C 143 -27.90 -14.56 9.48
N THR C 144 -27.15 -14.67 8.39
CA THR C 144 -27.29 -13.72 7.31
C THR C 144 -28.79 -13.58 6.99
N TYR C 145 -29.52 -14.69 7.05
CA TYR C 145 -30.97 -14.70 6.83
C TYR C 145 -31.68 -14.08 7.99
N VAL C 146 -31.30 -14.47 9.21
CA VAL C 146 -31.87 -13.84 10.41
C VAL C 146 -31.58 -12.32 10.43
N THR C 147 -30.40 -11.93 9.96
CA THR C 147 -30.00 -10.52 9.94
C THR C 147 -30.85 -9.77 8.93
N TRP C 148 -31.03 -10.37 7.77
CA TRP C 148 -31.86 -9.82 6.72
C TRP C 148 -33.25 -9.48 7.22
N LYS C 149 -33.82 -10.34 8.04
CA LYS C 149 -35.21 -10.19 8.41
C LYS C 149 -35.36 -9.08 9.46
N LEU C 150 -34.73 -9.28 10.60
CA LEU C 150 -34.66 -8.29 11.67
C LEU C 150 -34.21 -6.87 11.28
N SER C 151 -33.09 -6.76 10.56
CA SER C 151 -32.58 -5.46 10.06
C SER C 151 -33.65 -4.76 9.30
N GLY C 152 -34.29 -5.53 8.44
CA GLY C 152 -35.23 -5.00 7.49
C GLY C 152 -34.45 -4.13 6.58
N LEU C 153 -33.56 -4.77 5.85
CA LEU C 153 -32.76 -4.15 4.83
C LEU C 153 -32.92 -4.90 3.54
N PRO C 154 -32.65 -4.25 2.44
CA PRO C 154 -32.57 -4.91 1.16
C PRO C 154 -31.64 -6.13 1.19
N LYS C 155 -31.67 -6.97 0.13
CA LYS C 155 -30.83 -8.16 -0.01
C LYS C 155 -29.40 -7.76 -0.40
N HIS C 156 -29.27 -6.67 -1.15
CA HIS C 156 -27.94 -6.21 -1.56
C HIS C 156 -27.26 -5.43 -0.47
N ARG C 157 -27.83 -5.37 0.71
CA ARG C 157 -27.18 -4.69 1.81
C ARG C 157 -27.08 -5.62 3.01
N VAL C 158 -27.17 -6.92 2.74
CA VAL C 158 -26.93 -7.94 3.77
C VAL C 158 -26.07 -9.07 3.19
N ILE C 159 -24.84 -9.25 3.68
CA ILE C 159 -23.83 -10.12 3.04
C ILE C 159 -23.20 -11.14 3.97
N GLY C 160 -23.22 -12.42 3.55
CA GLY C 160 -22.62 -13.51 4.30
C GLY C 160 -21.13 -13.59 4.03
N SER C 161 -20.35 -13.68 5.10
CA SER C 161 -18.91 -13.94 5.04
C SER C 161 -18.63 -15.18 4.22
N GLY C 162 -19.67 -15.98 4.12
CA GLY C 162 -19.83 -16.92 3.06
C GLY C 162 -18.66 -17.84 2.94
N CYS C 163 -18.49 -18.32 1.71
CA CYS C 163 -17.44 -19.27 1.35
C CYS C 163 -16.31 -18.59 0.62
N ASN C 164 -16.13 -17.30 0.95
CA ASN C 164 -15.00 -16.47 0.56
C ASN C 164 -13.81 -17.08 1.27
N LEU C 165 -13.91 -17.24 2.58
CA LEU C 165 -12.86 -17.91 3.31
C LEU C 165 -12.68 -19.36 2.81
N ASP C 166 -13.77 -20.16 2.67
CA ASP C 166 -13.64 -21.55 2.09
C ASP C 166 -12.85 -21.59 0.77
N SER C 167 -13.14 -20.63 -0.11
CA SER C 167 -12.61 -20.66 -1.45
C SER C 167 -11.17 -20.31 -1.48
N ALA C 168 -10.69 -19.64 -0.43
CA ALA C 168 -9.28 -19.27 -0.33
C ALA C 168 -8.46 -20.40 0.32
N ARG C 169 -9.05 -21.00 1.36
CA ARG C 169 -8.62 -22.31 1.86
C ARG C 169 -8.40 -23.26 0.70
N PHE C 170 -9.31 -23.23 -0.28
CA PHE C 170 -9.25 -24.13 -1.44
C PHE C 170 -8.16 -23.72 -2.41
N ARG C 171 -8.19 -22.46 -2.86
CA ARG C 171 -7.17 -21.92 -3.78
C ARG C 171 -5.78 -21.98 -3.17
N TYR C 172 -5.71 -22.18 -1.85
CA TYR C 172 -4.43 -22.25 -1.18
C TYR C 172 -3.87 -23.72 -1.24
N LEU C 173 -4.76 -24.70 -1.18
CA LEU C 173 -4.36 -26.10 -1.34
C LEU C 173 -4.02 -26.46 -2.79
N MET C 174 -4.88 -26.06 -3.71
CA MET C 174 -4.48 -25.98 -5.11
C MET C 174 -3.10 -25.32 -5.31
N ALA C 175 -2.87 -24.15 -4.73
CA ALA C 175 -1.59 -23.44 -4.87
C ALA C 175 -0.39 -24.24 -4.40
N GLU C 176 -0.48 -24.94 -3.26
CA GLU C 176 0.60 -25.88 -2.81
C GLU C 176 0.94 -27.01 -3.80
N LYS C 177 -0.07 -27.84 -4.12
CA LYS C 177 -0.11 -28.71 -5.31
C LYS C 177 0.69 -28.14 -6.49
N LEU C 178 0.43 -26.91 -6.90
CA LEU C 178 1.04 -26.39 -8.14
C LEU C 178 2.30 -25.63 -7.94
N GLY C 179 2.51 -25.09 -6.74
CA GLY C 179 3.67 -24.24 -6.43
C GLY C 179 3.70 -22.83 -7.03
N ILE C 180 2.49 -22.31 -7.31
CA ILE C 180 2.21 -20.89 -7.63
C ILE C 180 1.47 -20.15 -6.50
N HIS C 181 0.99 -18.94 -6.77
CA HIS C 181 0.33 -18.16 -5.75
C HIS C 181 -1.14 -18.36 -5.98
N PRO C 182 -1.99 -18.42 -4.94
CA PRO C 182 -3.44 -18.59 -5.11
C PRO C 182 -4.16 -17.53 -5.92
N SER C 183 -3.59 -16.35 -6.06
CA SER C 183 -4.13 -15.36 -6.99
C SER C 183 -4.23 -15.94 -8.38
N SER C 184 -3.26 -16.78 -8.73
CA SER C 184 -3.13 -17.40 -10.04
C SER C 184 -3.85 -18.72 -10.14
N CYS C 185 -4.35 -19.28 -9.03
CA CYS C 185 -5.26 -20.44 -9.11
C CYS C 185 -6.67 -19.96 -8.98
N HIS C 186 -7.58 -20.46 -9.83
CA HIS C 186 -9.00 -20.16 -9.70
C HIS C 186 -9.84 -21.38 -9.42
N GLY C 187 -11.03 -21.20 -8.85
CA GLY C 187 -11.85 -22.34 -8.47
C GLY C 187 -12.67 -22.05 -7.23
N TRP C 188 -13.86 -22.65 -7.11
CA TRP C 188 -14.88 -22.14 -6.16
C TRP C 188 -15.54 -23.12 -5.20
N ILE C 189 -15.74 -22.67 -3.96
CA ILE C 189 -16.55 -23.41 -3.00
C ILE C 189 -17.79 -22.58 -2.65
N LEU C 190 -18.98 -23.09 -2.98
CA LEU C 190 -20.28 -22.41 -2.76
C LEU C 190 -21.19 -23.20 -1.79
N GLY C 191 -22.35 -22.64 -1.48
CA GLY C 191 -23.22 -23.21 -0.45
C GLY C 191 -22.82 -23.02 1.03
N GLU C 192 -23.36 -23.82 1.93
CA GLU C 192 -23.06 -23.60 3.35
C GLU C 192 -21.55 -23.57 3.52
N HIS C 193 -21.02 -22.41 3.85
CA HIS C 193 -19.73 -22.33 4.53
C HIS C 193 -19.66 -23.52 5.54
N GLY C 194 -18.77 -24.48 5.28
CA GLY C 194 -18.67 -25.68 6.10
C GLY C 194 -19.21 -26.96 5.46
N ASP C 195 -19.68 -27.90 6.30
CA ASP C 195 -19.88 -29.30 5.94
C ASP C 195 -20.57 -29.54 4.57
N SER C 196 -21.59 -28.75 4.26
CA SER C 196 -22.43 -29.06 3.09
C SER C 196 -21.99 -28.34 1.82
N SER C 197 -20.74 -27.89 1.82
CA SER C 197 -20.22 -27.04 0.79
C SER C 197 -19.84 -27.87 -0.41
N VAL C 198 -19.78 -27.19 -1.53
CA VAL C 198 -19.80 -27.74 -2.84
C VAL C 198 -18.49 -27.32 -3.44
N ALA C 199 -17.78 -28.22 -4.06
CA ALA C 199 -16.64 -27.81 -4.83
C ALA C 199 -17.15 -27.72 -6.26
N VAL C 200 -16.90 -26.61 -6.94
CA VAL C 200 -17.23 -26.54 -8.36
C VAL C 200 -16.02 -26.84 -9.20
N TRP C 201 -15.92 -28.10 -9.63
CA TRP C 201 -14.78 -28.59 -10.42
C TRP C 201 -14.88 -28.10 -11.87
N SER C 202 -16.10 -28.06 -12.39
CA SER C 202 -16.33 -27.48 -13.71
C SER C 202 -15.36 -26.26 -13.92
N GLY C 203 -15.26 -25.39 -12.90
CA GLY C 203 -14.53 -24.14 -12.98
C GLY C 203 -13.16 -24.01 -12.32
N VAL C 204 -12.76 -24.99 -11.52
CA VAL C 204 -11.33 -25.08 -11.14
C VAL C 204 -10.46 -24.86 -12.41
N ASN C 205 -9.42 -24.03 -12.37
CA ASN C 205 -8.53 -23.87 -13.55
C ASN C 205 -7.24 -23.02 -13.35
N VAL C 206 -6.31 -23.08 -14.30
CA VAL C 206 -5.12 -22.23 -14.29
C VAL C 206 -4.75 -21.79 -15.70
N ALA C 207 -4.56 -20.48 -15.86
CA ALA C 207 -4.55 -19.81 -17.16
C ALA C 207 -5.59 -20.37 -18.12
N GLY C 208 -6.84 -20.41 -17.70
CA GLY C 208 -7.91 -20.88 -18.57
C GLY C 208 -8.03 -22.41 -18.77
N VAL C 209 -6.97 -23.15 -18.47
CA VAL C 209 -6.97 -24.61 -18.52
C VAL C 209 -7.90 -25.26 -17.51
N SER C 210 -9.12 -25.53 -17.94
CA SER C 210 -10.06 -26.24 -17.11
C SER C 210 -9.42 -27.56 -16.71
N LEU C 211 -9.36 -27.85 -15.42
CA LEU C 211 -8.88 -29.15 -14.96
C LEU C 211 -9.99 -30.21 -14.81
N GLN C 212 -11.26 -29.86 -14.99
CA GLN C 212 -12.30 -30.89 -15.10
C GLN C 212 -12.18 -31.50 -16.45
N GLU C 213 -11.48 -30.82 -17.34
CA GLU C 213 -11.20 -31.38 -18.65
C GLU C 213 -9.92 -32.15 -18.60
N LEU C 214 -8.87 -31.57 -18.01
CA LEU C 214 -7.55 -32.20 -18.00
C LEU C 214 -7.46 -33.41 -17.10
N ASN C 215 -8.56 -33.75 -16.46
CA ASN C 215 -8.75 -35.03 -15.81
C ASN C 215 -10.17 -35.08 -15.33
N PRO C 216 -11.07 -35.73 -16.09
CA PRO C 216 -12.49 -35.77 -15.69
C PRO C 216 -12.75 -36.79 -14.56
N GLU C 217 -11.72 -37.56 -14.19
CA GLU C 217 -11.68 -38.28 -12.93
C GLU C 217 -11.80 -37.31 -11.72
N MET C 218 -11.43 -36.05 -11.93
CA MET C 218 -11.44 -34.99 -10.90
C MET C 218 -12.72 -34.88 -10.08
N GLY C 219 -12.62 -35.08 -8.78
CA GLY C 219 -13.78 -34.93 -7.92
C GLY C 219 -14.58 -36.21 -7.66
N THR C 220 -14.38 -37.21 -8.53
CA THR C 220 -15.00 -38.52 -8.37
C THR C 220 -14.21 -39.39 -7.37
N ASP C 221 -14.80 -39.61 -6.19
CA ASP C 221 -14.19 -40.33 -5.07
C ASP C 221 -13.81 -41.71 -5.52
N ASN C 222 -12.82 -42.24 -4.80
CA ASN C 222 -12.05 -43.46 -5.13
C ASN C 222 -11.02 -43.09 -6.21
N ASP C 223 -11.50 -42.94 -7.44
CA ASP C 223 -10.65 -42.69 -8.60
C ASP C 223 -9.95 -41.36 -8.36
N SER C 224 -9.48 -40.75 -9.44
CA SER C 224 -8.81 -39.47 -9.40
C SER C 224 -7.47 -39.56 -8.73
N GLU C 225 -6.62 -38.68 -9.20
CA GLU C 225 -5.32 -38.52 -8.66
C GLU C 225 -5.46 -37.31 -7.70
N ASN C 226 -6.10 -37.60 -6.54
CA ASN C 226 -6.11 -36.81 -5.29
C ASN C 226 -7.27 -35.84 -5.01
N TRP C 227 -7.96 -35.30 -6.02
CA TRP C 227 -8.85 -34.11 -5.84
C TRP C 227 -9.95 -34.16 -4.79
N LYS C 228 -10.46 -35.36 -4.51
CA LYS C 228 -11.56 -35.49 -3.56
C LYS C 228 -11.10 -34.80 -2.31
N GLU C 229 -9.90 -35.15 -1.86
CA GLU C 229 -9.41 -34.85 -0.51
C GLU C 229 -9.20 -33.37 -0.27
N VAL C 230 -8.96 -32.64 -1.36
CA VAL C 230 -8.78 -31.21 -1.27
C VAL C 230 -10.05 -30.52 -0.72
N HIS C 231 -11.21 -30.87 -1.27
CA HIS C 231 -12.48 -30.41 -0.73
C HIS C 231 -12.66 -30.86 0.69
N LYS C 232 -12.45 -32.12 1.00
CA LYS C 232 -12.58 -32.54 2.39
C LYS C 232 -11.64 -31.72 3.27
N MET C 233 -10.46 -31.37 2.74
CA MET C 233 -9.51 -30.62 3.55
C MET C 233 -10.12 -29.30 3.91
N VAL C 234 -10.54 -28.55 2.90
CA VAL C 234 -11.26 -27.28 3.09
C VAL C 234 -12.40 -27.46 4.09
N VAL C 235 -13.21 -28.51 3.92
CA VAL C 235 -14.37 -28.65 4.79
C VAL C 235 -13.92 -28.85 6.24
N GLU C 236 -13.23 -29.96 6.47
CA GLU C 236 -12.72 -30.32 7.77
C GLU C 236 -11.90 -29.20 8.44
N SER C 237 -11.40 -28.23 7.65
CA SER C 237 -10.24 -27.42 8.08
C SER C 237 -10.53 -26.55 9.28
N ALA C 238 -11.70 -25.93 9.30
CA ALA C 238 -12.16 -25.19 10.49
C ALA C 238 -11.96 -26.01 11.79
N TYR C 239 -12.44 -27.26 11.79
CA TYR C 239 -12.26 -28.18 12.93
C TYR C 239 -10.80 -28.46 13.23
N GLU C 240 -9.99 -28.57 12.20
CA GLU C 240 -8.60 -29.01 12.38
C GLU C 240 -7.67 -27.95 13.00
N VAL C 241 -8.07 -26.68 12.82
CA VAL C 241 -7.41 -25.54 13.43
C VAL C 241 -7.91 -25.30 14.86
N ILE C 242 -9.13 -25.75 15.15
CA ILE C 242 -9.70 -25.54 16.46
C ILE C 242 -9.06 -26.53 17.44
N LYS C 243 -8.80 -27.72 16.97
CA LYS C 243 -8.12 -28.72 17.78
C LYS C 243 -6.82 -28.17 18.32
N LEU C 244 -6.07 -27.53 17.44
CA LEU C 244 -4.70 -27.06 17.71
C LEU C 244 -4.56 -25.72 18.44
N LYS C 245 -5.48 -24.78 18.20
CA LYS C 245 -5.32 -23.42 18.68
C LYS C 245 -6.50 -22.78 19.47
N GLY C 246 -7.74 -23.25 19.22
CA GLY C 246 -8.93 -22.80 19.92
C GLY C 246 -9.99 -22.29 18.99
N TYR C 247 -9.58 -21.60 17.93
CA TYR C 247 -10.51 -20.85 17.03
C TYR C 247 -9.85 -20.50 15.71
N THR C 248 -10.58 -19.95 14.73
CA THR C 248 -9.91 -19.28 13.57
C THR C 248 -10.12 -17.73 13.50
N ASN C 249 -9.19 -17.02 12.89
CA ASN C 249 -9.46 -15.59 12.67
C ASN C 249 -8.60 -14.82 11.65
N TRP C 250 -7.33 -15.21 11.46
CA TRP C 250 -6.41 -14.41 10.62
C TRP C 250 -6.83 -14.49 9.17
N ALA C 251 -7.42 -15.62 8.83
CA ALA C 251 -7.98 -15.81 7.52
C ALA C 251 -9.38 -15.23 7.43
N ILE C 252 -10.22 -15.37 8.44
CA ILE C 252 -11.52 -14.76 8.29
C ILE C 252 -11.30 -13.27 8.25
N GLY C 253 -10.42 -12.75 9.11
CA GLY C 253 -10.19 -11.34 9.22
C GLY C 253 -9.78 -10.70 7.92
N LEU C 254 -8.88 -11.37 7.21
CA LEU C 254 -8.41 -10.91 5.91
C LEU C 254 -9.50 -11.06 4.86
N SER C 255 -10.25 -12.16 4.88
CA SER C 255 -11.36 -12.33 3.92
C SER C 255 -12.21 -11.06 3.97
N VAL C 256 -12.59 -10.68 5.19
CA VAL C 256 -13.47 -9.57 5.43
C VAL C 256 -12.88 -8.25 4.95
N ALA C 257 -11.63 -8.00 5.22
CA ALA C 257 -11.07 -6.76 4.68
C ALA C 257 -11.15 -6.75 3.16
N ASP C 258 -10.94 -7.92 2.57
CA ASP C 258 -11.08 -8.14 1.12
C ASP C 258 -12.38 -7.61 0.61
N LEU C 259 -13.42 -8.03 1.34
CA LEU C 259 -14.82 -7.82 0.98
C LEU C 259 -15.15 -6.34 1.00
N ILE C 260 -14.62 -5.70 2.06
CA ILE C 260 -14.78 -4.29 2.37
C ILE C 260 -13.96 -3.41 1.40
N GLU C 261 -12.77 -3.87 1.02
CA GLU C 261 -11.99 -3.13 0.06
C GLU C 261 -12.70 -3.10 -1.26
N SER C 262 -13.08 -4.24 -1.77
CA SER C 262 -13.85 -4.33 -3.02
C SER C 262 -14.95 -3.29 -3.03
N MET C 263 -15.74 -3.23 -1.90
CA MET C 263 -16.98 -2.41 -1.71
C MET C 263 -16.76 -0.90 -1.52
N LEU C 264 -15.85 -0.54 -0.62
CA LEU C 264 -15.62 0.87 -0.30
C LEU C 264 -14.79 1.50 -1.39
N LYS C 265 -14.20 0.67 -2.25
CA LYS C 265 -13.48 1.08 -3.47
C LYS C 265 -14.34 0.84 -4.72
N ASN C 266 -15.56 0.37 -4.52
CA ASN C 266 -16.55 0.33 -5.60
C ASN C 266 -15.98 -0.38 -6.84
N LEU C 267 -15.29 -1.52 -6.64
CA LEU C 267 -14.51 -2.17 -7.69
C LEU C 267 -15.30 -3.09 -8.59
N SER C 268 -16.40 -3.60 -8.04
CA SER C 268 -17.30 -4.57 -8.70
C SER C 268 -16.48 -5.78 -9.12
N ARG C 269 -15.85 -6.40 -8.12
CA ARG C 269 -14.99 -7.57 -8.28
C ARG C 269 -15.70 -8.77 -7.70
N ILE C 270 -15.31 -10.00 -8.08
CA ILE C 270 -16.16 -11.17 -7.71
C ILE C 270 -15.71 -11.99 -6.50
N HIS C 271 -16.70 -12.31 -5.67
CA HIS C 271 -16.50 -12.91 -4.35
C HIS C 271 -17.54 -14.00 -4.18
N PRO C 272 -17.17 -15.20 -3.76
CA PRO C 272 -18.19 -16.19 -3.43
C PRO C 272 -18.82 -15.95 -2.07
N VAL C 273 -19.99 -15.31 -1.96
CA VAL C 273 -20.52 -14.98 -0.63
C VAL C 273 -22.03 -15.13 -0.41
N SER C 274 -22.43 -15.45 0.83
CA SER C 274 -23.82 -15.82 1.20
C SER C 274 -24.96 -14.83 0.90
N THR C 275 -25.80 -15.17 -0.06
CA THR C 275 -26.94 -14.35 -0.40
C THR C 275 -28.28 -15.14 -0.46
N MET C 276 -29.40 -14.49 -0.71
CA MET C 276 -30.68 -15.20 -0.82
C MET C 276 -30.88 -15.76 -2.20
N VAL C 277 -30.85 -17.08 -2.29
CA VAL C 277 -30.92 -17.79 -3.57
C VAL C 277 -32.28 -18.42 -3.91
N LYS C 278 -33.36 -17.94 -3.30
CA LYS C 278 -34.70 -18.25 -3.82
C LYS C 278 -34.79 -18.03 -5.34
N GLY C 279 -35.29 -19.03 -6.04
CA GLY C 279 -35.57 -18.91 -7.47
C GLY C 279 -34.37 -19.19 -8.36
N MET C 280 -33.33 -19.82 -7.79
CA MET C 280 -32.17 -20.24 -8.55
C MET C 280 -31.86 -21.69 -8.25
N TYR C 281 -31.39 -22.36 -9.30
CA TYR C 281 -31.19 -23.81 -9.33
C TYR C 281 -32.27 -24.62 -8.50
N GLY C 282 -33.54 -24.28 -8.78
CA GLY C 282 -34.68 -25.05 -8.32
C GLY C 282 -35.08 -24.85 -6.88
N ILE C 283 -34.56 -23.80 -6.26
CA ILE C 283 -34.59 -23.66 -4.80
C ILE C 283 -35.99 -23.24 -4.31
N GLU C 284 -36.59 -24.07 -3.45
CA GLU C 284 -37.90 -23.73 -2.89
C GLU C 284 -37.96 -22.26 -2.35
N ASN C 285 -37.10 -21.96 -1.36
CA ASN C 285 -37.33 -20.89 -0.38
C ASN C 285 -36.21 -19.84 -0.16
N GLU C 286 -36.46 -18.93 0.77
CA GLU C 286 -35.57 -17.83 1.11
C GLU C 286 -34.40 -18.36 1.97
N VAL C 287 -33.42 -18.85 1.24
CA VAL C 287 -32.29 -19.56 1.79
C VAL C 287 -31.12 -18.68 1.46
N PHE C 288 -30.20 -18.57 2.39
CA PHE C 288 -29.03 -17.80 2.17
C PHE C 288 -27.97 -18.84 2.00
N LEU C 289 -27.29 -18.85 0.87
CA LEU C 289 -25.99 -19.53 0.75
C LEU C 289 -25.15 -18.89 -0.33
N SER C 290 -23.85 -19.10 -0.27
CA SER C 290 -22.91 -18.37 -1.10
C SER C 290 -22.94 -18.68 -2.61
N LEU C 291 -22.75 -17.64 -3.41
CA LEU C 291 -22.52 -17.73 -4.87
C LEU C 291 -21.69 -16.53 -5.36
N PRO C 292 -21.03 -16.67 -6.47
CA PRO C 292 -20.12 -15.62 -6.95
C PRO C 292 -20.81 -14.29 -7.20
N CYS C 293 -20.78 -13.43 -6.21
CA CYS C 293 -21.42 -12.12 -6.30
C CYS C 293 -20.45 -11.01 -6.63
N ILE C 294 -21.00 -9.93 -7.19
CA ILE C 294 -20.22 -8.74 -7.58
C ILE C 294 -20.22 -7.72 -6.48
N LEU C 295 -19.15 -7.56 -5.70
CA LEU C 295 -19.15 -6.52 -4.65
C LEU C 295 -18.61 -5.12 -5.05
N ASN C 296 -19.49 -4.15 -4.94
CA ASN C 296 -19.19 -2.75 -5.16
C ASN C 296 -19.75 -1.91 -4.00
N ALA C 297 -19.75 -0.59 -4.17
CA ALA C 297 -20.20 0.33 -3.10
C ALA C 297 -21.66 0.24 -2.72
N ARG C 298 -22.49 -0.29 -3.61
CA ARG C 298 -23.88 -0.61 -3.30
C ARG C 298 -23.98 -1.71 -2.20
N GLY C 299 -23.08 -2.70 -2.28
CA GLY C 299 -23.18 -3.97 -1.54
C GLY C 299 -23.10 -5.08 -2.56
N LEU C 300 -23.65 -6.25 -2.32
CA LEU C 300 -23.68 -7.19 -3.43
C LEU C 300 -24.83 -6.85 -4.42
N THR C 301 -24.48 -6.32 -5.61
CA THR C 301 -25.46 -5.90 -6.65
C THR C 301 -25.78 -6.93 -7.77
N SER C 302 -25.10 -8.08 -7.79
CA SER C 302 -25.53 -9.20 -8.61
C SER C 302 -25.04 -10.48 -7.97
N VAL C 303 -25.60 -11.59 -8.48
CA VAL C 303 -25.03 -12.94 -8.35
C VAL C 303 -24.54 -13.30 -9.76
N ILE C 304 -23.90 -14.45 -9.92
CA ILE C 304 -23.53 -14.93 -11.26
C ILE C 304 -24.24 -16.25 -11.53
N ASN C 305 -24.88 -16.33 -12.70
CA ASN C 305 -25.54 -17.56 -13.14
C ASN C 305 -24.54 -18.47 -13.80
N GLN C 306 -24.35 -19.65 -13.19
CA GLN C 306 -23.42 -20.63 -13.72
C GLN C 306 -24.18 -21.83 -14.30
N LYS C 307 -23.67 -22.35 -15.42
CA LYS C 307 -23.98 -23.70 -15.82
C LYS C 307 -23.26 -24.58 -14.76
N LEU C 308 -24.03 -25.17 -13.85
CA LEU C 308 -23.51 -26.20 -12.96
C LEU C 308 -23.78 -27.58 -13.58
N LYS C 309 -22.89 -28.55 -13.30
CA LYS C 309 -23.13 -29.98 -13.58
C LYS C 309 -24.24 -30.48 -12.66
N ASP C 310 -24.91 -31.58 -13.06
CA ASP C 310 -26.17 -31.99 -12.42
C ASP C 310 -25.92 -32.30 -10.96
N ASP C 311 -24.79 -32.91 -10.69
CA ASP C 311 -24.46 -33.30 -9.35
C ASP C 311 -24.31 -32.09 -8.43
N GLU C 312 -23.82 -30.96 -8.95
CA GLU C 312 -23.46 -29.79 -8.12
C GLU C 312 -24.70 -29.01 -7.64
N VAL C 313 -25.77 -29.07 -8.41
CA VAL C 313 -27.04 -28.52 -7.94
C VAL C 313 -27.70 -29.50 -6.93
N ALA C 314 -27.52 -30.80 -7.17
CA ALA C 314 -27.92 -31.81 -6.20
C ALA C 314 -27.31 -31.45 -4.86
N GLN C 315 -25.99 -31.18 -4.84
CA GLN C 315 -25.26 -30.91 -3.58
C GLN C 315 -25.76 -29.61 -3.00
N LEU C 316 -26.04 -28.65 -3.86
CA LEU C 316 -26.51 -27.35 -3.42
C LEU C 316 -27.95 -27.37 -2.92
N LYS C 317 -28.79 -28.28 -3.37
CA LYS C 317 -30.14 -28.34 -2.85
C LYS C 317 -30.14 -29.02 -1.48
N LYS C 318 -29.31 -30.05 -1.31
CA LYS C 318 -29.11 -30.73 -0.02
C LYS C 318 -28.74 -29.71 1.02
N SER C 319 -27.89 -28.75 0.62
CA SER C 319 -27.48 -27.64 1.47
C SER C 319 -28.69 -26.79 1.79
N ALA C 320 -29.15 -26.02 0.80
CA ALA C 320 -30.30 -25.12 0.98
C ALA C 320 -31.52 -25.76 1.65
N ASP C 321 -31.65 -27.09 1.59
CA ASP C 321 -32.75 -27.78 2.25
C ASP C 321 -32.45 -27.89 3.74
N THR C 322 -31.20 -28.28 4.05
CA THR C 322 -30.70 -28.28 5.44
C THR C 322 -30.96 -26.92 6.14
N LEU C 323 -30.48 -25.86 5.51
CA LEU C 323 -30.61 -24.52 6.06
C LEU C 323 -32.07 -24.11 6.16
N TRP C 324 -32.89 -24.52 5.21
CA TRP C 324 -34.30 -24.13 5.22
C TRP C 324 -35.05 -24.90 6.29
N ASP C 325 -34.50 -26.02 6.74
CA ASP C 325 -35.23 -26.79 7.71
C ASP C 325 -35.07 -26.18 9.10
N ILE C 326 -34.00 -25.41 9.30
CA ILE C 326 -33.78 -24.63 10.55
C ILE C 326 -34.47 -23.24 10.51
N GLN C 327 -34.68 -22.70 9.31
CA GLN C 327 -35.25 -21.36 9.15
C GLN C 327 -36.79 -21.36 9.17
N LYS C 328 -37.38 -22.52 8.88
CA LYS C 328 -38.83 -22.69 8.85
C LYS C 328 -39.43 -22.84 10.26
N ASP C 329 -38.60 -23.29 11.22
CA ASP C 329 -38.95 -23.36 12.64
C ASP C 329 -38.62 -22.05 13.38
N LEU C 330 -37.93 -21.15 12.69
CA LEU C 330 -37.23 -20.06 13.36
C LEU C 330 -38.22 -19.10 13.99
N LYS C 331 -39.12 -18.59 13.17
CA LYS C 331 -40.15 -17.66 13.65
C LYS C 331 -39.73 -16.70 14.78
N PHE C 332 -39.76 -15.41 14.48
CA PHE C 332 -39.46 -14.39 15.47
C PHE C 332 -40.47 -13.29 15.34
N ALA D 1 3.52 -37.22 -14.42
CA ALA D 1 2.03 -37.25 -14.47
C ALA D 1 1.44 -36.59 -13.20
N THR D 2 2.31 -36.23 -12.24
CA THR D 2 1.90 -35.33 -11.18
C THR D 2 1.30 -34.10 -11.86
N LEU D 3 0.18 -33.60 -11.34
CA LEU D 3 -0.64 -32.61 -12.07
C LEU D 3 0.20 -31.39 -12.46
N LYS D 4 1.23 -31.11 -11.66
CA LYS D 4 2.29 -30.15 -12.03
C LYS D 4 3.05 -30.56 -13.30
N GLU D 5 3.51 -31.81 -13.40
CA GLU D 5 4.21 -32.30 -14.59
C GLU D 5 3.42 -31.97 -15.87
N LYS D 6 2.11 -32.21 -15.84
CA LYS D 6 1.24 -32.02 -16.99
C LYS D 6 1.05 -30.55 -17.31
N LEU D 7 0.91 -29.72 -16.28
CA LEU D 7 0.52 -28.30 -16.46
C LEU D 7 1.67 -27.31 -16.55
N ILE D 8 2.75 -27.57 -15.86
CA ILE D 8 3.83 -26.62 -15.76
C ILE D 8 5.08 -27.22 -16.39
N ALA D 9 5.44 -26.69 -17.57
CA ALA D 9 6.66 -27.04 -18.29
C ALA D 9 7.84 -26.20 -17.83
N PRO D 10 8.66 -26.68 -16.91
CA PRO D 10 9.70 -25.84 -16.31
C PRO D 10 10.61 -25.28 -17.33
N VAL D 11 11.29 -24.21 -16.95
CA VAL D 11 12.17 -23.46 -17.83
C VAL D 11 13.52 -23.22 -17.15
N ALA D 12 13.55 -23.06 -15.82
CA ALA D 12 14.79 -22.74 -15.09
C ALA D 12 15.38 -23.93 -14.32
N GLU D 13 14.79 -25.11 -14.53
CA GLU D 13 15.16 -26.35 -13.82
C GLU D 13 15.08 -26.30 -12.27
N GLU D 14 13.97 -26.83 -11.77
CA GLU D 14 13.79 -27.17 -10.35
C GLU D 14 14.14 -26.03 -9.39
N GLU D 15 13.42 -26.05 -8.26
CA GLU D 15 13.55 -25.03 -7.19
C GLU D 15 14.86 -25.14 -6.33
N ALA D 16 15.28 -24.01 -5.76
CA ALA D 16 16.38 -23.95 -4.81
C ALA D 16 16.38 -22.55 -4.16
N THR D 17 15.20 -22.13 -3.66
CA THR D 17 14.90 -20.70 -3.43
C THR D 17 15.97 -19.99 -2.58
N VAL D 18 16.55 -18.92 -3.16
CA VAL D 18 17.43 -17.99 -2.44
C VAL D 18 16.55 -17.16 -1.48
N PRO D 19 16.49 -17.64 -0.23
CA PRO D 19 15.63 -17.11 0.82
C PRO D 19 15.26 -15.60 0.81
N ASN D 20 16.28 -14.75 0.78
CA ASN D 20 16.17 -13.27 0.92
C ASN D 20 15.55 -12.65 2.19
N ASN D 21 14.24 -12.31 2.15
CA ASN D 21 13.58 -11.55 3.23
C ASN D 21 12.88 -12.40 4.26
N LYS D 22 13.59 -13.36 4.84
CA LYS D 22 13.07 -14.18 5.91
C LYS D 22 12.77 -13.26 7.08
N ILE D 23 11.68 -13.54 7.80
CA ILE D 23 11.51 -13.01 9.16
C ILE D 23 10.97 -14.11 10.03
N THR D 24 11.59 -14.29 11.19
CA THR D 24 11.15 -15.25 12.14
C THR D 24 10.45 -14.49 13.21
N VAL D 25 9.46 -15.11 13.83
CA VAL D 25 8.81 -14.57 15.00
C VAL D 25 8.94 -15.66 16.01
N VAL D 26 9.61 -15.39 17.12
CA VAL D 26 9.68 -16.33 18.21
C VAL D 26 8.56 -16.11 19.20
N GLY D 27 7.71 -17.10 19.38
CA GLY D 27 6.61 -16.96 20.30
C GLY D 27 5.33 -16.49 19.65
N VAL D 28 4.45 -17.42 19.30
CA VAL D 28 3.14 -17.18 18.71
C VAL D 28 1.99 -16.79 19.68
N GLY D 29 2.29 -16.09 20.76
CA GLY D 29 1.24 -15.64 21.67
C GLY D 29 0.68 -14.32 21.20
N GLN D 30 -0.22 -13.75 21.99
CA GLN D 30 -0.86 -12.49 21.66
C GLN D 30 0.12 -11.60 20.87
N VAL D 31 1.20 -11.15 21.50
CA VAL D 31 2.18 -10.28 20.87
C VAL D 31 2.81 -10.89 19.61
N GLY D 32 3.28 -12.12 19.75
CA GLY D 32 3.82 -12.88 18.64
C GLY D 32 3.04 -12.77 17.35
N MET D 33 1.73 -12.96 17.44
CA MET D 33 0.83 -13.01 16.27
C MET D 33 0.36 -11.64 15.80
N ALA D 34 0.52 -10.62 16.65
CA ALA D 34 0.20 -9.25 16.26
C ALA D 34 1.29 -8.71 15.38
N CYS D 35 2.50 -9.02 15.77
CA CYS D 35 3.65 -8.83 14.94
C CYS D 35 3.45 -9.60 13.67
N ALA D 36 3.07 -10.86 13.72
CA ALA D 36 3.04 -11.66 12.49
C ALA D 36 2.10 -11.04 11.52
N ILE D 37 0.83 -10.92 11.89
CA ILE D 37 -0.17 -10.39 10.96
C ILE D 37 0.19 -8.98 10.44
N SER D 38 0.81 -8.16 11.29
CA SER D 38 1.13 -6.81 10.91
C SER D 38 2.26 -6.86 9.93
N ILE D 39 3.19 -7.76 10.11
CA ILE D 39 4.22 -7.97 9.08
C ILE D 39 3.64 -8.41 7.72
N LEU D 40 2.61 -9.25 7.75
CA LEU D 40 2.05 -9.81 6.53
C LEU D 40 1.30 -8.84 5.62
N GLY D 41 0.67 -7.84 6.23
CA GLY D 41 -0.11 -6.85 5.49
C GLY D 41 0.72 -5.72 4.94
N LYS D 42 1.96 -5.68 5.34
CA LYS D 42 2.88 -4.76 4.76
C LYS D 42 3.83 -5.49 3.77
N SER D 43 3.52 -6.77 3.49
CA SER D 43 4.31 -7.68 2.63
C SER D 43 5.80 -7.55 2.86
N LEU D 44 6.27 -7.59 4.09
CA LEU D 44 7.69 -7.30 4.35
C LEU D 44 8.53 -8.54 4.13
N ALA D 45 7.96 -9.69 4.54
CA ALA D 45 8.55 -11.00 4.35
C ALA D 45 8.05 -11.69 3.09
N ASP D 46 8.96 -12.44 2.49
CA ASP D 46 8.66 -13.44 1.46
C ASP D 46 8.91 -14.83 2.01
N GLU D 47 9.20 -14.91 3.31
CA GLU D 47 9.05 -16.16 4.11
C GLU D 47 8.82 -15.74 5.55
N LEU D 48 7.82 -16.34 6.20
CA LEU D 48 7.62 -16.17 7.64
C LEU D 48 7.80 -17.51 8.31
N ALA D 49 8.61 -17.62 9.32
CA ALA D 49 8.69 -18.83 10.11
C ALA D 49 8.36 -18.49 11.56
N LEU D 50 7.44 -19.22 12.17
CA LEU D 50 7.14 -19.02 13.59
C LEU D 50 7.86 -20.10 14.41
N VAL D 51 8.27 -19.80 15.64
CA VAL D 51 8.80 -20.84 16.53
C VAL D 51 8.16 -20.66 17.85
N ASP D 52 8.11 -21.73 18.64
CA ASP D 52 7.42 -21.74 19.93
C ASP D 52 7.49 -23.10 20.49
N VAL D 53 7.31 -23.20 21.78
CA VAL D 53 7.37 -24.46 22.49
C VAL D 53 6.06 -25.18 22.35
N LEU D 54 4.99 -24.44 22.08
CA LEU D 54 3.64 -24.97 22.17
C LEU D 54 3.31 -25.51 20.81
N GLU D 55 3.77 -26.73 20.57
CA GLU D 55 3.65 -27.44 19.30
C GLU D 55 2.25 -27.41 18.63
N ASP D 56 1.20 -27.61 19.39
CA ASP D 56 -0.11 -27.62 18.79
C ASP D 56 -0.46 -26.25 18.31
N LYS D 57 -0.59 -25.29 19.23
CA LYS D 57 -0.93 -23.88 18.93
C LYS D 57 -0.15 -23.27 17.79
N LEU D 58 1.13 -23.58 17.77
CA LEU D 58 2.07 -23.08 16.78
C LEU D 58 1.63 -23.49 15.37
N LYS D 59 1.29 -24.79 15.21
CA LYS D 59 0.80 -25.39 13.97
C LYS D 59 -0.51 -24.84 13.57
N GLY D 60 -1.26 -24.41 14.56
CA GLY D 60 -2.55 -23.79 14.33
C GLY D 60 -2.39 -22.44 13.72
N GLU D 61 -1.41 -21.67 14.16
CA GLU D 61 -1.32 -20.28 13.70
C GLU D 61 -0.73 -20.27 12.27
N MET D 62 0.22 -21.19 12.02
CA MET D 62 0.84 -21.31 10.73
C MET D 62 -0.27 -21.65 9.79
N MET D 63 -1.09 -22.59 10.21
CA MET D 63 -2.20 -23.06 9.40
C MET D 63 -3.13 -21.91 9.14
N ASP D 64 -3.38 -21.13 10.19
CA ASP D 64 -4.39 -20.11 10.09
C ASP D 64 -3.91 -19.08 9.09
N LEU D 65 -2.63 -18.72 9.14
CA LEU D 65 -2.13 -17.70 8.24
C LEU D 65 -2.15 -18.26 6.82
N GLN D 66 -1.46 -19.39 6.64
CA GLN D 66 -1.45 -20.10 5.36
C GLN D 66 -2.78 -19.93 4.63
N HIS D 67 -3.87 -20.06 5.36
CA HIS D 67 -5.20 -20.10 4.79
C HIS D 67 -5.60 -18.77 4.23
N GLY D 68 -5.11 -17.71 4.88
CA GLY D 68 -5.23 -16.36 4.39
C GLY D 68 -4.40 -16.03 3.18
N SER D 69 -3.58 -16.95 2.68
CA SER D 69 -2.43 -16.60 1.83
C SER D 69 -2.81 -15.85 0.61
N LEU D 70 -4.01 -16.15 0.12
CA LEU D 70 -4.56 -15.51 -1.07
C LEU D 70 -4.69 -14.02 -0.86
N PHE D 71 -5.01 -13.63 0.36
CA PHE D 71 -5.14 -12.22 0.68
C PHE D 71 -3.82 -11.51 0.94
N LEU D 72 -2.69 -12.14 0.66
CA LEU D 72 -1.35 -11.73 1.13
C LEU D 72 -0.28 -11.68 0.01
N GLN D 73 0.98 -11.39 0.40
CA GLN D 73 2.11 -11.38 -0.51
C GLN D 73 3.31 -12.05 0.15
N THR D 74 3.04 -13.11 0.90
CA THR D 74 4.04 -13.96 1.56
C THR D 74 4.01 -15.44 1.05
N PRO D 75 4.87 -15.75 0.11
CA PRO D 75 4.94 -17.05 -0.52
C PRO D 75 5.05 -18.24 0.38
N LYS D 76 5.72 -18.10 1.53
CA LYS D 76 6.03 -19.27 2.37
C LYS D 76 5.86 -18.97 3.83
N ILE D 77 5.19 -19.87 4.53
CA ILE D 77 4.91 -19.65 5.92
C ILE D 77 5.12 -20.99 6.56
N VAL D 78 5.99 -21.01 7.55
CA VAL D 78 6.42 -22.25 8.14
C VAL D 78 6.48 -22.11 9.66
N ALA D 79 6.72 -23.19 10.39
CA ALA D 79 6.63 -23.10 11.82
C ALA D 79 6.99 -24.39 12.48
N ASP D 80 7.80 -24.34 13.52
CA ASP D 80 8.36 -25.54 14.13
C ASP D 80 9.19 -25.25 15.41
N LYS D 81 9.12 -26.21 16.34
CA LYS D 81 9.82 -26.25 17.65
C LYS D 81 11.28 -25.98 17.55
N ASP D 82 11.82 -26.40 16.41
CA ASP D 82 13.25 -26.51 16.12
C ASP D 82 13.64 -25.15 15.64
N TYR D 83 14.85 -24.69 15.84
CA TYR D 83 15.17 -23.40 15.26
C TYR D 83 15.46 -23.51 13.75
N SER D 84 15.44 -24.72 13.19
CA SER D 84 15.88 -24.89 11.81
C SER D 84 14.88 -24.27 10.82
N VAL D 85 13.66 -24.01 11.28
CA VAL D 85 12.70 -23.33 10.42
C VAL D 85 12.96 -21.84 10.23
N THR D 86 14.04 -21.31 10.81
CA THR D 86 14.27 -19.88 10.92
C THR D 86 15.53 -19.58 10.24
N ALA D 87 15.94 -20.46 9.33
CA ALA D 87 17.30 -20.30 8.79
C ALA D 87 17.24 -19.15 7.82
N ASN D 88 18.32 -18.36 7.86
CA ASN D 88 18.60 -17.27 6.91
C ASN D 88 17.83 -16.00 7.13
N SER D 89 17.07 -16.01 8.22
CA SER D 89 16.27 -14.89 8.65
C SER D 89 17.06 -13.57 8.58
N LYS D 90 16.54 -12.60 7.84
CA LYS D 90 17.23 -11.34 7.72
C LYS D 90 17.03 -10.58 9.02
N ILE D 91 15.91 -10.88 9.67
CA ILE D 91 15.45 -10.17 10.86
C ILE D 91 14.68 -11.15 11.67
N VAL D 92 14.96 -11.21 12.94
CA VAL D 92 14.23 -12.10 13.77
C VAL D 92 13.69 -11.31 14.90
N VAL D 93 12.43 -11.60 15.22
CA VAL D 93 11.74 -11.04 16.38
C VAL D 93 11.58 -12.04 17.57
N VAL D 94 12.28 -11.88 18.67
CA VAL D 94 11.97 -12.67 19.83
C VAL D 94 10.87 -12.04 20.67
N THR D 95 9.67 -12.65 20.68
CA THR D 95 8.58 -12.22 21.60
C THR D 95 8.16 -13.23 22.65
N ALA D 96 8.97 -14.23 22.98
CA ALA D 96 8.52 -15.35 23.85
C ALA D 96 8.90 -15.18 25.33
N GLY D 97 8.27 -16.04 26.16
CA GLY D 97 8.40 -16.04 27.61
C GLY D 97 7.24 -15.35 28.33
N VAL D 98 7.28 -15.33 29.67
CA VAL D 98 6.20 -14.72 30.48
C VAL D 98 5.93 -13.20 30.24
N ARG D 99 4.90 -12.68 30.91
CA ARG D 99 4.44 -11.29 30.74
C ARG D 99 3.94 -10.71 32.06
N GLN D 100 3.48 -9.47 32.05
CA GLN D 100 2.98 -8.86 33.27
C GLN D 100 1.80 -9.60 33.87
N GLN D 101 1.70 -9.53 35.19
CA GLN D 101 0.46 -9.80 35.90
C GLN D 101 -0.18 -8.42 36.16
N GLU D 102 -1.50 -8.37 36.35
CA GLU D 102 -2.17 -7.13 36.71
C GLU D 102 -1.34 -6.52 37.83
N GLY D 103 -0.53 -5.54 37.48
CA GLY D 103 0.18 -4.70 38.44
C GLY D 103 1.67 -4.93 38.48
N GLU D 104 2.15 -5.95 37.79
CA GLU D 104 3.53 -6.42 37.93
C GLU D 104 4.39 -5.54 37.07
N SER D 105 5.55 -5.16 37.61
CA SER D 105 6.58 -4.45 36.83
C SER D 105 7.15 -5.36 35.72
N ARG D 106 7.64 -4.74 34.66
CA ARG D 106 8.32 -5.42 33.58
C ARG D 106 9.63 -6.04 34.02
N LEU D 107 10.34 -5.33 34.91
CA LEU D 107 11.61 -5.86 35.41
C LEU D 107 11.36 -7.00 36.39
N ASN D 108 10.16 -7.11 36.95
CA ASN D 108 9.90 -8.23 37.83
C ASN D 108 9.87 -9.57 37.07
N LEU D 109 9.82 -9.50 35.74
CA LEU D 109 9.81 -10.67 34.89
C LEU D 109 11.20 -11.09 34.50
N VAL D 110 12.24 -10.39 34.96
CA VAL D 110 13.54 -10.59 34.36
C VAL D 110 14.01 -12.05 34.40
N GLN D 111 14.41 -12.54 35.58
CA GLN D 111 15.06 -13.83 35.80
C GLN D 111 14.44 -14.93 34.98
N ARG D 112 13.11 -14.89 34.89
CA ARG D 112 12.36 -15.88 34.13
C ARG D 112 12.77 -15.86 32.69
N ASN D 113 12.67 -14.71 32.07
CA ASN D 113 12.94 -14.53 30.64
C ASN D 113 14.42 -14.59 30.30
N VAL D 114 15.28 -14.22 31.21
CA VAL D 114 16.70 -14.36 30.95
C VAL D 114 16.96 -15.87 30.69
N ASN D 115 16.33 -16.74 31.48
CA ASN D 115 16.50 -18.21 31.36
C ASN D 115 15.87 -18.81 30.13
N VAL D 116 14.77 -18.21 29.68
CA VAL D 116 14.29 -18.40 28.33
C VAL D 116 15.40 -17.98 27.40
N PHE D 117 15.67 -16.68 27.36
CA PHE D 117 16.65 -16.09 26.46
C PHE D 117 17.96 -16.88 26.39
N LYS D 118 18.34 -17.52 27.49
CA LYS D 118 19.58 -18.27 27.60
C LYS D 118 19.66 -19.50 26.70
N PHE D 119 18.57 -20.27 26.59
CA PHE D 119 18.44 -21.35 25.58
C PHE D 119 17.59 -20.97 24.32
N ILE D 120 17.09 -19.75 24.16
CA ILE D 120 16.48 -19.39 22.89
C ILE D 120 17.57 -18.96 21.96
N ILE D 121 18.37 -18.00 22.40
CA ILE D 121 19.19 -17.15 21.56
C ILE D 121 20.38 -17.80 20.89
N PRO D 122 21.14 -18.62 21.59
CA PRO D 122 22.28 -19.28 20.96
C PRO D 122 21.83 -19.99 19.70
N GLN D 123 20.62 -20.54 19.79
CA GLN D 123 19.98 -21.36 18.78
C GLN D 123 19.62 -20.53 17.59
N ILE D 124 19.03 -19.37 17.87
CA ILE D 124 18.71 -18.43 16.82
C ILE D 124 19.96 -18.25 15.93
N VAL D 125 21.13 -18.02 16.55
CA VAL D 125 22.31 -17.60 15.80
C VAL D 125 23.23 -18.78 15.40
N LYS D 126 22.78 -19.99 15.63
CA LYS D 126 23.24 -21.13 14.88
C LYS D 126 22.70 -21.12 13.45
N TYR D 127 21.41 -20.76 13.28
CA TYR D 127 20.62 -20.97 12.05
C TYR D 127 20.40 -19.77 11.17
N SER D 128 20.28 -18.59 11.76
CA SER D 128 20.35 -17.36 11.00
C SER D 128 21.51 -16.60 11.56
N PRO D 129 22.68 -16.81 10.98
CA PRO D 129 23.90 -16.30 11.59
C PRO D 129 24.14 -14.86 11.30
N ASP D 130 23.56 -14.35 10.20
CA ASP D 130 23.80 -12.97 9.73
C ASP D 130 22.60 -12.06 9.98
N CYS D 131 21.92 -12.17 11.12
CA CYS D 131 20.60 -11.55 11.32
C CYS D 131 20.43 -10.42 12.35
N ILE D 132 19.27 -9.79 12.33
CA ILE D 132 18.98 -8.64 13.16
C ILE D 132 17.99 -9.09 14.16
N ILE D 133 18.38 -9.14 15.45
CA ILE D 133 17.44 -9.49 16.52
C ILE D 133 16.69 -8.27 16.97
N ILE D 134 15.36 -8.41 17.07
CA ILE D 134 14.44 -7.39 17.57
C ILE D 134 13.78 -8.06 18.77
N VAL D 135 14.10 -7.57 19.94
CA VAL D 135 13.67 -8.15 21.20
C VAL D 135 12.45 -7.42 21.71
N VAL D 136 11.27 -8.02 21.57
CA VAL D 136 10.08 -7.53 22.27
C VAL D 136 10.00 -7.99 23.75
N SER D 137 10.26 -9.24 24.06
CA SER D 137 10.03 -9.71 25.43
C SER D 137 10.51 -8.70 26.50
N ASN D 138 9.86 -8.70 27.66
CA ASN D 138 10.21 -7.73 28.72
C ASN D 138 10.96 -8.37 29.87
N PRO D 139 11.72 -7.57 30.62
CA PRO D 139 12.06 -6.18 30.30
C PRO D 139 12.93 -6.03 29.01
N VAL D 140 12.45 -5.20 28.07
CA VAL D 140 12.90 -5.13 26.68
C VAL D 140 14.34 -4.64 26.54
N ASP D 141 14.75 -3.70 27.40
CA ASP D 141 16.11 -3.12 27.41
C ASP D 141 17.14 -4.11 27.95
N ILE D 142 16.88 -4.59 29.15
CA ILE D 142 17.75 -5.53 29.84
C ILE D 142 17.80 -6.83 29.09
N LEU D 143 16.81 -7.12 28.26
CA LEU D 143 16.79 -8.38 27.54
C LEU D 143 17.49 -8.24 26.22
N THR D 144 17.41 -7.03 25.68
CA THR D 144 18.19 -6.61 24.54
C THR D 144 19.67 -6.78 24.91
N TYR D 145 20.08 -6.26 26.07
CA TYR D 145 21.48 -6.36 26.50
C TYR D 145 21.88 -7.80 26.74
N VAL D 146 20.97 -8.65 27.21
CA VAL D 146 21.32 -10.03 27.49
C VAL D 146 21.40 -10.79 26.16
N THR D 147 20.72 -10.24 25.17
CA THR D 147 20.70 -10.83 23.84
C THR D 147 22.01 -10.48 23.18
N TRP D 148 22.48 -9.30 23.53
CA TRP D 148 23.66 -8.73 22.92
C TRP D 148 24.92 -9.50 23.31
N LYS D 149 24.96 -9.87 24.58
CA LYS D 149 26.12 -10.50 25.17
C LYS D 149 26.20 -11.92 24.73
N LEU D 150 25.04 -12.55 24.60
CA LEU D 150 24.97 -13.98 24.23
C LEU D 150 25.02 -14.19 22.76
N SER D 151 24.44 -13.29 21.98
CA SER D 151 24.35 -13.58 20.58
C SER D 151 25.70 -13.35 20.01
N GLY D 152 26.39 -12.34 20.55
CA GLY D 152 27.69 -11.92 20.06
C GLY D 152 27.57 -10.87 18.98
N LEU D 153 26.33 -10.60 18.62
CA LEU D 153 26.03 -9.87 17.43
C LEU D 153 26.53 -8.44 17.54
N PRO D 154 27.15 -7.93 16.47
CA PRO D 154 27.47 -6.52 16.46
C PRO D 154 26.34 -5.85 17.19
N LYS D 155 26.64 -4.83 17.98
CA LYS D 155 25.60 -4.13 18.76
C LYS D 155 24.51 -3.48 17.88
N HIS D 156 24.88 -2.90 16.73
CA HIS D 156 23.86 -2.40 15.81
C HIS D 156 22.87 -3.51 15.49
N ARG D 157 23.34 -4.74 15.26
CA ARG D 157 22.40 -5.86 14.98
C ARG D 157 21.48 -6.40 16.14
N VAL D 158 21.44 -5.73 17.31
CA VAL D 158 20.48 -6.08 18.38
C VAL D 158 19.69 -4.85 18.88
N ILE D 159 18.48 -4.72 18.36
CA ILE D 159 17.63 -3.58 18.52
C ILE D 159 16.54 -3.99 19.42
N GLY D 160 16.33 -3.21 20.47
CA GLY D 160 15.27 -3.54 21.39
C GLY D 160 14.11 -2.78 20.86
N SER D 161 12.89 -3.26 21.00
CA SER D 161 11.73 -2.49 20.51
C SER D 161 11.58 -1.23 21.32
N GLY D 162 12.23 -1.17 22.46
CA GLY D 162 12.31 0.03 23.24
C GLY D 162 11.08 0.94 23.33
N CYS D 163 11.30 2.24 23.10
CA CYS D 163 10.34 3.32 23.33
C CYS D 163 9.78 3.84 22.02
N ASN D 164 9.97 3.06 20.97
CA ASN D 164 9.24 3.31 19.73
C ASN D 164 7.75 3.39 20.06
N LEU D 165 7.28 2.43 20.86
CA LEU D 165 5.89 2.34 21.23
C LEU D 165 5.39 3.46 22.15
N ASP D 166 6.23 3.88 23.12
CA ASP D 166 5.79 4.89 24.08
C ASP D 166 5.59 6.24 23.43
N SER D 167 6.57 6.65 22.63
CA SER D 167 6.51 7.95 21.97
C SER D 167 5.34 7.93 21.03
N ALA D 168 4.99 6.74 20.55
CA ALA D 168 3.84 6.56 19.66
C ALA D 168 2.50 6.71 20.41
N ARG D 169 2.50 6.36 21.69
CA ARG D 169 1.43 6.73 22.62
C ARG D 169 1.49 8.21 22.96
N PHE D 170 2.67 8.68 23.37
CA PHE D 170 2.91 10.08 23.74
C PHE D 170 2.60 11.05 22.61
N ARG D 171 2.61 10.53 21.38
CA ARG D 171 2.35 11.34 20.19
C ARG D 171 0.91 11.26 19.82
N TYR D 172 0.27 10.19 20.22
CA TYR D 172 -1.18 10.10 20.15
C TYR D 172 -1.91 10.91 21.18
N LEU D 173 -1.38 10.94 22.38
CA LEU D 173 -1.97 11.72 23.42
C LEU D 173 -1.87 13.21 23.13
N MET D 174 -0.69 13.63 22.69
CA MET D 174 -0.50 15.06 22.42
C MET D 174 -1.36 15.47 21.21
N ALA D 175 -1.41 14.59 20.19
CA ALA D 175 -2.35 14.65 19.05
C ALA D 175 -3.83 14.81 19.38
N GLU D 176 -4.30 14.27 20.48
CA GLU D 176 -5.69 14.50 20.86
C GLU D 176 -5.89 15.94 21.36
N LYS D 177 -4.97 16.43 22.17
CA LYS D 177 -5.08 17.75 22.79
C LYS D 177 -5.09 18.84 21.73
N LEU D 178 -4.50 18.54 20.57
CA LEU D 178 -4.22 19.47 19.48
C LEU D 178 -5.07 19.22 18.27
N GLY D 179 -5.56 17.99 18.13
CA GLY D 179 -6.52 17.64 17.09
C GLY D 179 -5.95 17.49 15.69
N ILE D 180 -4.74 16.95 15.64
CA ILE D 180 -3.99 16.66 14.43
C ILE D 180 -3.55 15.21 14.43
N HIS D 181 -3.01 14.70 13.36
CA HIS D 181 -2.59 13.30 13.39
C HIS D 181 -1.38 13.25 14.31
N PRO D 182 -1.12 12.11 14.94
CA PRO D 182 0.16 11.96 15.64
C PRO D 182 1.38 12.19 14.72
N SER D 183 1.42 11.61 13.52
CA SER D 183 2.54 11.89 12.61
C SER D 183 3.01 13.36 12.65
N SER D 184 2.07 14.31 12.74
CA SER D 184 2.34 15.76 12.75
C SER D 184 2.62 16.39 14.15
N CYS D 185 2.43 15.61 15.21
CA CYS D 185 3.03 15.93 16.47
C CYS D 185 4.41 15.35 16.39
N HIS D 186 5.30 15.85 17.22
CA HIS D 186 6.66 15.34 17.31
C HIS D 186 7.05 15.48 18.76
N GLY D 187 7.69 14.47 19.31
CA GLY D 187 7.88 14.43 20.74
C GLY D 187 8.43 13.09 21.14
N TRP D 188 9.60 13.10 21.79
CA TRP D 188 10.29 11.87 22.07
C TRP D 188 10.06 11.56 23.50
N ILE D 189 10.07 10.26 23.77
CA ILE D 189 10.13 9.70 25.09
C ILE D 189 11.32 8.80 24.98
N LEU D 190 12.28 8.90 25.89
CA LEU D 190 13.46 8.03 25.77
C LEU D 190 13.68 7.25 27.03
N GLY D 191 14.60 6.31 26.97
CA GLY D 191 15.12 5.65 28.15
C GLY D 191 14.69 4.21 28.29
N GLU D 192 14.40 3.82 29.50
CA GLU D 192 13.72 2.57 29.77
C GLU D 192 12.29 2.58 29.26
N HIS D 193 11.88 1.43 28.70
CA HIS D 193 10.47 1.19 28.36
C HIS D 193 9.54 1.42 29.55
N GLY D 194 9.79 0.78 30.71
CA GLY D 194 8.97 1.04 31.90
C GLY D 194 8.83 2.45 32.50
N ASP D 195 8.87 2.56 33.83
CA ASP D 195 8.49 3.80 34.53
C ASP D 195 9.54 4.93 34.61
N SER D 196 10.81 4.68 34.29
CA SER D 196 11.82 5.77 34.12
C SER D 196 11.70 6.57 32.79
N SER D 197 10.76 6.22 31.93
CA SER D 197 10.67 6.93 30.68
C SER D 197 10.80 8.42 31.03
N VAL D 198 11.62 9.07 30.21
CA VAL D 198 11.82 10.48 30.15
C VAL D 198 11.09 10.97 28.91
N ALA D 199 10.28 12.02 29.05
CA ALA D 199 9.72 12.72 27.92
C ALA D 199 10.52 13.98 27.62
N VAL D 200 11.47 13.90 26.69
CA VAL D 200 12.29 15.06 26.33
C VAL D 200 11.44 16.26 25.81
N TRP D 201 11.01 17.14 26.70
CA TRP D 201 10.18 18.33 26.36
C TRP D 201 10.89 19.46 25.58
N SER D 202 12.20 19.57 25.70
CA SER D 202 12.96 20.30 24.73
C SER D 202 12.41 20.02 23.34
N GLY D 203 12.45 18.75 22.89
CA GLY D 203 12.04 18.34 21.55
C GLY D 203 10.55 18.49 21.15
N VAL D 204 9.65 18.16 22.06
CA VAL D 204 8.22 18.29 21.81
C VAL D 204 7.84 19.53 20.92
N ASN D 205 7.71 19.30 19.61
CA ASN D 205 7.23 20.33 18.68
C ASN D 205 6.10 19.87 17.71
N VAL D 206 5.53 20.86 17.02
CA VAL D 206 4.51 20.70 16.00
C VAL D 206 4.77 21.72 14.91
N ALA D 207 5.24 21.30 13.73
CA ALA D 207 5.50 22.22 12.64
C ALA D 207 6.65 23.12 12.94
N GLY D 208 7.62 22.63 13.71
CA GLY D 208 8.76 23.41 14.14
C GLY D 208 8.63 24.10 15.50
N VAL D 209 7.43 24.55 15.88
CA VAL D 209 7.25 25.44 17.04
C VAL D 209 7.21 24.69 18.37
N SER D 210 8.29 24.87 19.16
CA SER D 210 8.43 24.22 20.46
C SER D 210 7.32 24.57 21.42
N LEU D 211 6.82 23.52 22.06
CA LEU D 211 5.65 23.63 22.86
C LEU D 211 6.11 24.09 24.24
N GLN D 212 7.42 24.08 24.46
CA GLN D 212 8.03 24.65 25.68
C GLN D 212 8.15 26.18 25.65
N GLU D 213 8.92 26.75 24.72
CA GLU D 213 8.88 28.19 24.52
C GLU D 213 7.39 28.65 24.54
N LEU D 214 6.53 27.93 23.84
CA LEU D 214 5.12 28.26 23.85
C LEU D 214 4.75 28.34 25.31
N ASN D 215 5.18 27.33 26.06
CA ASN D 215 4.85 27.12 27.48
C ASN D 215 6.11 26.59 28.25
N PRO D 216 6.88 27.49 28.88
CA PRO D 216 8.22 27.16 29.43
C PRO D 216 8.26 26.44 30.78
N GLU D 217 7.08 26.19 31.36
CA GLU D 217 6.94 25.44 32.58
C GLU D 217 6.39 24.07 32.20
N MET D 218 6.76 23.61 31.00
CA MET D 218 6.20 22.37 30.45
C MET D 218 6.76 21.22 31.22
N GLY D 219 5.87 20.36 31.70
CA GLY D 219 6.29 19.09 32.30
C GLY D 219 6.84 19.21 33.69
N THR D 220 6.58 20.37 34.30
CA THR D 220 6.94 20.66 35.68
C THR D 220 5.67 20.41 36.44
N ASP D 221 5.74 20.66 37.75
CA ASP D 221 4.57 20.69 38.61
C ASP D 221 3.53 21.62 38.01
N ASN D 222 2.91 22.42 38.86
CA ASN D 222 1.94 23.40 38.39
C ASN D 222 2.35 24.09 37.07
N ASP D 223 1.63 23.70 36.02
CA ASP D 223 1.53 24.45 34.76
C ASP D 223 0.11 24.33 34.15
N SER D 224 -0.19 25.25 33.26
CA SER D 224 -1.54 25.41 32.74
C SER D 224 -2.06 24.17 32.04
N GLU D 225 -1.26 23.63 31.11
CA GLU D 225 -1.66 22.50 30.27
C GLU D 225 -1.44 21.14 30.91
N ASN D 226 -0.74 21.10 32.04
CA ASN D 226 -0.57 19.87 32.82
C ASN D 226 0.09 18.77 31.99
N TRP D 227 1.34 19.01 31.65
CA TRP D 227 1.99 18.23 30.63
C TRP D 227 2.48 16.91 31.20
N LYS D 228 2.75 16.86 32.50
CA LYS D 228 3.10 15.62 33.17
C LYS D 228 1.97 14.60 33.16
N GLU D 229 0.73 15.03 33.05
CA GLU D 229 -0.38 14.09 33.01
C GLU D 229 -0.32 13.27 31.72
N VAL D 230 0.31 13.81 30.66
CA VAL D 230 0.53 13.01 29.44
C VAL D 230 1.63 12.00 29.69
N HIS D 231 2.79 12.43 30.14
CA HIS D 231 3.90 11.50 30.37
C HIS D 231 3.55 10.45 31.38
N LYS D 232 2.65 10.72 32.31
CA LYS D 232 2.31 9.76 33.37
C LYS D 232 1.40 8.73 32.72
N MET D 233 0.40 9.22 32.01
CA MET D 233 -0.46 8.35 31.21
C MET D 233 0.28 7.45 30.23
N VAL D 234 1.45 7.89 29.78
CA VAL D 234 2.30 7.11 28.91
C VAL D 234 2.98 6.01 29.70
N VAL D 235 3.26 6.26 30.96
CA VAL D 235 3.87 5.24 31.83
C VAL D 235 2.82 4.21 32.26
N GLU D 236 1.77 4.70 32.93
CA GLU D 236 0.52 3.95 33.22
C GLU D 236 0.00 3.06 32.11
N SER D 237 0.13 3.51 30.87
CA SER D 237 -0.40 2.83 29.69
C SER D 237 -0.57 1.33 29.83
N ALA D 238 0.56 0.65 29.93
CA ALA D 238 0.56 -0.79 29.86
C ALA D 238 -0.35 -1.35 30.99
N TYR D 239 -0.12 -0.87 32.19
CA TYR D 239 -0.90 -1.21 33.37
C TYR D 239 -2.43 -1.05 33.18
N GLU D 240 -2.88 0.14 32.75
CA GLU D 240 -4.30 0.36 32.48
C GLU D 240 -4.82 -0.62 31.48
N VAL D 241 -4.03 -0.88 30.45
CA VAL D 241 -4.52 -1.64 29.31
C VAL D 241 -4.63 -3.13 29.60
N ILE D 242 -3.61 -3.67 30.23
CA ILE D 242 -3.65 -5.03 30.79
C ILE D 242 -4.82 -5.22 31.74
N LYS D 243 -4.97 -4.29 32.65
CA LYS D 243 -6.01 -4.36 33.64
C LYS D 243 -7.33 -4.60 32.92
N LEU D 244 -7.53 -4.06 31.73
CA LEU D 244 -8.81 -4.20 31.04
C LEU D 244 -8.94 -5.48 30.18
N LYS D 245 -7.80 -6.03 29.72
CA LYS D 245 -7.79 -7.05 28.66
C LYS D 245 -6.69 -8.10 28.71
N GLY D 246 -5.84 -8.12 29.73
CA GLY D 246 -4.90 -9.19 29.92
C GLY D 246 -3.55 -9.03 29.28
N TYR D 247 -3.36 -8.00 28.45
CA TYR D 247 -2.10 -7.87 27.69
C TYR D 247 -2.18 -6.63 26.92
N THR D 248 -1.09 -6.23 26.27
CA THR D 248 -1.19 -5.36 25.10
C THR D 248 -0.66 -6.17 23.99
N ASN D 249 -1.11 -5.87 22.77
CA ASN D 249 -0.41 -6.41 21.60
C ASN D 249 -0.41 -5.59 20.31
N TRP D 250 -1.58 -5.13 19.86
CA TRP D 250 -1.67 -4.53 18.52
C TRP D 250 -0.69 -3.38 18.37
N ALA D 251 -0.83 -2.33 19.16
CA ALA D 251 0.05 -1.20 18.98
C ALA D 251 1.51 -1.64 18.97
N ILE D 252 1.91 -2.62 19.78
CA ILE D 252 3.31 -3.09 19.64
C ILE D 252 3.49 -3.95 18.34
N GLY D 253 2.55 -4.80 17.96
CA GLY D 253 2.66 -5.47 16.68
C GLY D 253 2.81 -4.52 15.50
N LEU D 254 2.23 -3.35 15.64
CA LEU D 254 2.43 -2.31 14.63
C LEU D 254 3.85 -1.74 14.68
N SER D 255 4.38 -1.42 15.86
CA SER D 255 5.69 -0.75 15.89
C SER D 255 6.77 -1.72 15.50
N VAL D 256 6.87 -2.85 16.19
CA VAL D 256 7.81 -3.86 15.75
C VAL D 256 7.81 -3.72 14.22
N ALA D 257 6.64 -3.78 13.61
CA ALA D 257 6.57 -3.77 12.19
C ALA D 257 6.97 -2.48 11.52
N ASP D 258 6.71 -1.32 12.13
CA ASP D 258 7.06 -0.02 11.54
C ASP D 258 8.59 0.10 11.44
N LEU D 259 9.28 -0.42 12.47
CA LEU D 259 10.72 -0.56 12.52
C LEU D 259 11.19 -1.49 11.42
N ILE D 260 10.50 -2.61 11.21
CA ILE D 260 10.93 -3.59 10.21
C ILE D 260 10.87 -2.93 8.84
N GLU D 261 9.80 -2.18 8.57
CA GLU D 261 9.72 -1.42 7.34
C GLU D 261 11.03 -0.72 7.09
N SER D 262 11.53 -0.01 8.10
CA SER D 262 12.66 0.91 7.95
C SER D 262 13.91 0.19 7.65
N MET D 263 14.01 -1.01 8.17
CA MET D 263 15.12 -1.87 7.88
C MET D 263 15.03 -2.46 6.46
N LEU D 264 14.00 -3.23 6.20
CA LEU D 264 14.02 -4.02 4.99
C LEU D 264 14.01 -3.10 3.78
N LYS D 265 13.34 -1.99 3.93
CA LYS D 265 13.26 -1.00 2.87
C LYS D 265 14.43 0.01 2.88
N ASN D 266 15.28 -0.05 3.90
CA ASN D 266 16.57 0.61 3.90
C ASN D 266 16.43 2.15 3.95
N LEU D 267 15.52 2.61 4.79
CA LEU D 267 15.12 4.00 4.73
C LEU D 267 15.97 4.92 5.56
N SER D 268 16.63 4.37 6.57
CA SER D 268 17.35 5.20 7.52
C SER D 268 16.44 6.28 8.09
N ARG D 269 15.46 5.90 8.91
CA ARG D 269 14.68 6.87 9.69
C ARG D 269 14.96 6.72 11.16
N ILE D 270 14.47 7.67 11.93
CA ILE D 270 14.91 7.78 13.32
C ILE D 270 13.77 7.32 14.17
N HIS D 271 13.98 6.22 14.89
CA HIS D 271 13.03 5.72 15.85
C HIS D 271 13.72 5.75 17.18
N PRO D 272 12.98 5.87 18.28
CA PRO D 272 13.57 5.80 19.61
C PRO D 272 13.50 4.37 20.08
N VAL D 273 14.08 3.48 19.29
CA VAL D 273 14.40 2.17 19.81
C VAL D 273 15.62 2.19 20.78
N SER D 274 15.83 1.03 21.39
CA SER D 274 16.82 0.83 22.41
C SER D 274 18.17 0.39 21.84
N THR D 275 19.24 0.87 22.45
CA THR D 275 20.61 0.75 21.92
C THR D 275 21.52 0.89 23.12
N MET D 276 22.67 0.24 23.00
CA MET D 276 23.75 0.35 23.97
C MET D 276 24.23 1.82 24.18
N VAL D 277 23.93 2.43 25.33
CA VAL D 277 24.27 3.82 25.53
C VAL D 277 25.58 4.12 26.26
N LYS D 278 26.58 3.23 26.24
CA LYS D 278 27.82 3.54 26.97
C LYS D 278 28.57 4.56 26.19
N GLY D 279 29.06 5.58 26.88
CA GLY D 279 29.66 6.72 26.23
C GLY D 279 28.83 7.95 26.51
N MET D 280 27.50 7.80 26.53
CA MET D 280 26.54 8.88 26.28
C MET D 280 25.88 9.43 27.52
N TYR D 281 25.99 10.73 27.72
CA TYR D 281 25.42 11.45 28.88
C TYR D 281 25.95 10.97 30.24
N GLY D 282 27.22 10.60 30.30
CA GLY D 282 27.88 10.17 31.54
C GLY D 282 27.88 8.68 31.88
N ILE D 283 27.09 7.90 31.14
CA ILE D 283 26.91 6.45 31.41
C ILE D 283 28.19 5.59 31.20
N GLU D 284 28.74 5.07 32.30
CA GLU D 284 30.01 4.35 32.26
C GLU D 284 29.85 2.85 31.97
N ASN D 285 28.62 2.36 32.03
CA ASN D 285 28.43 0.91 31.91
C ASN D 285 27.61 0.52 30.67
N GLU D 286 27.62 -0.77 30.33
CA GLU D 286 27.09 -1.23 29.06
C GLU D 286 25.56 -1.34 29.14
N VAL D 287 24.89 -0.18 29.07
CA VAL D 287 23.47 -0.09 29.32
C VAL D 287 22.72 0.00 28.02
N PHE D 288 21.59 -0.70 27.93
CA PHE D 288 20.71 -0.53 26.77
C PHE D 288 19.58 0.37 27.20
N LEU D 289 19.01 1.10 26.27
CA LEU D 289 18.22 2.28 26.58
C LEU D 289 17.74 2.83 25.27
N SER D 290 16.82 3.78 25.26
CA SER D 290 16.17 4.10 24.02
C SER D 290 16.55 5.49 23.60
N LEU D 291 17.42 5.62 22.61
CA LEU D 291 17.72 6.96 22.10
C LEU D 291 17.45 7.05 20.62
N PRO D 292 17.14 8.24 20.18
CA PRO D 292 16.71 8.39 18.81
C PRO D 292 17.86 7.89 18.00
N CYS D 293 17.62 6.85 17.22
CA CYS D 293 18.61 6.27 16.34
C CYS D 293 18.06 6.13 14.97
N ILE D 294 18.94 5.70 14.06
CA ILE D 294 18.63 5.50 12.63
C ILE D 294 18.60 4.03 12.31
N LEU D 295 17.55 3.57 11.65
CA LEU D 295 17.44 2.19 11.26
C LEU D 295 17.57 2.08 9.75
N ASN D 296 18.28 1.08 9.26
CA ASN D 296 18.39 0.79 7.82
C ASN D 296 18.68 -0.69 7.61
N ALA D 297 19.18 -1.13 6.48
CA ALA D 297 19.13 -2.57 6.26
C ALA D 297 20.28 -3.25 7.01
N ARG D 298 21.16 -2.41 7.55
CA ARG D 298 22.21 -2.90 8.43
C ARG D 298 21.74 -3.03 9.89
N GLY D 299 20.59 -2.44 10.20
CA GLY D 299 19.99 -2.34 11.54
C GLY D 299 20.07 -0.96 12.20
N LEU D 300 20.80 -0.87 13.27
CA LEU D 300 20.87 0.37 14.00
C LEU D 300 22.27 0.95 13.79
N THR D 301 22.44 1.78 12.76
CA THR D 301 23.74 2.31 12.36
C THR D 301 24.06 3.67 12.92
N SER D 302 23.15 4.34 13.60
CA SER D 302 23.57 5.62 14.19
C SER D 302 22.60 6.22 15.24
N VAL D 303 23.16 6.84 16.28
CA VAL D 303 22.35 7.49 17.29
C VAL D 303 22.42 8.96 17.03
N ILE D 304 21.33 9.67 17.25
CA ILE D 304 21.34 11.13 17.20
C ILE D 304 21.83 11.68 18.52
N ASN D 305 22.93 12.44 18.49
CA ASN D 305 23.38 13.20 19.67
C ASN D 305 22.47 14.40 19.97
N GLN D 306 21.67 14.31 21.04
CA GLN D 306 20.68 15.33 21.39
C GLN D 306 21.28 16.34 22.36
N LYS D 307 20.62 17.52 22.46
CA LYS D 307 21.07 18.62 23.29
C LYS D 307 20.09 18.77 24.40
N LEU D 308 20.21 17.82 25.33
CA LEU D 308 19.24 17.63 26.41
C LEU D 308 19.53 18.58 27.55
N LYS D 309 18.46 18.91 28.26
CA LYS D 309 18.54 19.72 29.47
C LYS D 309 19.32 19.03 30.55
N ASP D 310 19.55 19.75 31.64
CA ASP D 310 20.17 19.22 32.85
C ASP D 310 19.27 18.19 33.53
N ASP D 311 18.03 18.61 33.80
CA ASP D 311 17.03 17.76 34.50
C ASP D 311 16.75 16.47 33.71
N GLU D 312 16.55 16.64 32.38
CA GLU D 312 16.38 15.57 31.37
C GLU D 312 17.49 14.54 31.33
N VAL D 313 18.71 15.02 31.51
CA VAL D 313 19.90 14.18 31.56
C VAL D 313 19.94 13.43 32.89
N ALA D 314 19.46 14.06 33.95
CA ALA D 314 19.55 13.43 35.24
C ALA D 314 18.79 12.15 35.06
N GLN D 315 17.56 12.34 34.56
CA GLN D 315 16.59 11.28 34.33
C GLN D 315 17.04 10.08 33.55
N LEU D 316 17.78 10.31 32.48
CA LEU D 316 18.47 9.21 31.89
C LEU D 316 19.36 8.56 32.95
N LYS D 317 20.08 9.38 33.71
CA LYS D 317 20.90 8.90 34.83
C LYS D 317 20.08 8.00 35.77
N LYS D 318 18.93 8.52 36.23
CA LYS D 318 17.94 7.72 36.97
C LYS D 318 17.75 6.36 36.25
N SER D 319 17.08 6.39 35.09
CA SER D 319 16.89 5.20 34.25
C SER D 319 18.09 4.30 34.06
N ALA D 320 19.21 4.85 33.64
CA ALA D 320 20.41 4.06 33.35
C ALA D 320 21.05 3.39 34.58
N ASP D 321 20.68 3.80 35.77
CA ASP D 321 21.25 3.17 36.96
C ASP D 321 20.33 2.17 37.64
N THR D 322 19.03 2.26 37.34
CA THR D 322 18.08 1.24 37.73
C THR D 322 18.34 0.09 36.79
N LEU D 323 18.44 0.34 35.49
CA LEU D 323 18.76 -0.74 34.58
C LEU D 323 20.09 -1.37 34.92
N TRP D 324 21.10 -0.55 35.15
CA TRP D 324 22.44 -1.10 35.35
C TRP D 324 22.49 -1.87 36.64
N ASP D 325 21.59 -1.56 37.57
CA ASP D 325 21.60 -2.22 38.87
C ASP D 325 21.07 -3.61 38.73
N ILE D 326 19.98 -3.80 37.99
CA ILE D 326 19.60 -5.17 37.60
C ILE D 326 20.81 -5.78 36.87
N GLN D 327 21.09 -5.28 35.67
CA GLN D 327 22.09 -5.85 34.75
C GLN D 327 23.36 -6.53 35.29
N LYS D 328 23.99 -5.91 36.30
CA LYS D 328 25.32 -6.38 36.78
C LYS D 328 25.29 -7.76 37.44
N ASP D 329 24.13 -8.12 37.97
CA ASP D 329 23.95 -9.35 38.74
C ASP D 329 23.86 -10.66 37.94
N LEU D 330 23.94 -10.59 36.63
CA LEU D 330 23.47 -11.70 35.81
C LEU D 330 24.53 -12.78 35.59
N LYS D 331 24.17 -14.01 35.92
CA LYS D 331 25.11 -15.12 35.90
C LYS D 331 25.30 -15.53 34.47
N PHE D 332 26.50 -15.29 33.96
CA PHE D 332 26.77 -15.41 32.54
C PHE D 332 27.69 -16.60 32.29
PA NAD E . 1.75 21.59 -20.32
O1A NAD E . 1.99 22.45 -21.47
O2A NAD E . 2.37 20.18 -20.36
O5B NAD E . 0.22 21.42 -19.95
C5B NAD E . -0.68 22.40 -20.34
C4B NAD E . -2.03 21.77 -20.59
O4B NAD E . -3.06 22.70 -20.24
C3B NAD E . -2.16 21.49 -22.05
O3B NAD E . -2.52 20.16 -22.20
C2B NAD E . -3.33 22.30 -22.50
O2B NAD E . -4.07 21.44 -23.32
C1B NAD E . -4.10 22.62 -21.22
N9A NAD E . -4.96 23.82 -21.21
C8A NAD E . -4.60 25.08 -21.60
N7A NAD E . -5.65 25.96 -21.46
C5A NAD E . -6.66 25.25 -20.94
C6A NAD E . -7.93 25.67 -20.55
N6A NAD E . -8.26 26.95 -20.73
N1A NAD E . -8.82 24.76 -20.02
C2A NAD E . -8.41 23.43 -19.89
N3A NAD E . -7.12 23.02 -20.27
C4A NAD E . -6.25 23.93 -20.78
O3 NAD E . 2.44 22.37 -19.10
PN NAD E . 2.80 21.63 -17.73
O1N NAD E . 4.25 21.36 -17.85
O2N NAD E . 1.70 20.65 -17.53
O5D NAD E . 2.50 22.80 -16.67
C5D NAD E . 1.26 23.48 -16.70
C4D NAD E . 1.22 24.33 -15.45
O4D NAD E . 1.90 23.55 -14.52
C3D NAD E . 2.01 25.62 -15.45
O3D NAD E . 1.25 26.65 -14.86
C2D NAD E . 3.14 25.42 -14.51
O2D NAD E . 3.48 26.51 -13.70
C1D NAD E . 2.46 24.46 -13.60
N1N NAD E . 3.37 23.87 -12.62
C2N NAD E . 3.17 24.09 -11.29
C3N NAD E . 4.02 23.51 -10.37
C7N NAD E . 3.90 23.68 -8.88
O7N NAD E . 4.86 23.10 -8.03
N7N NAD E . 2.90 24.42 -8.40
C4N NAD E . 5.06 22.74 -10.84
C5N NAD E . 5.25 22.52 -12.19
C6N NAD E . 4.40 23.12 -13.08
O9 OXQ F . 8.40 22.15 -9.67
C6 OXQ F . 8.28 23.37 -9.60
O8 OXQ F . 8.55 23.98 -8.57
C2 OXQ F . 7.75 24.09 -10.81
C1 OXQ F . 6.69 24.98 -10.82
O7 OXQ F . 6.04 25.34 -9.84
N3 OXQ F . 8.21 23.90 -12.02
O4 OXQ F . 7.43 24.72 -12.88
N5 OXQ F . 6.50 25.36 -12.08
PA NAD G . 10.85 7.88 -26.09
O1A NAD G . 11.30 8.68 -27.24
O2A NAD G . 9.94 8.76 -25.26
O5B NAD G . 12.11 7.36 -25.24
C5B NAD G . 13.32 7.16 -25.94
C4B NAD G . 14.55 7.09 -25.05
O4B NAD G . 15.45 6.12 -25.55
C3B NAD G . 15.30 8.41 -25.02
O3B NAD G . 15.83 8.66 -23.74
C2B NAD G . 16.52 8.21 -25.84
O2B NAD G . 17.60 8.95 -25.31
C1B NAD G . 16.71 6.72 -25.68
N9A NAD G . 17.58 6.26 -26.78
C8A NAD G . 17.51 6.43 -28.15
N7A NAD G . 18.62 5.88 -28.70
C5A NAD G . 19.37 5.40 -27.68
C6A NAD G . 20.58 4.76 -27.62
N6A NAD G . 21.22 4.50 -28.74
N1A NAD G . 21.11 4.37 -26.38
C2A NAD G . 20.46 4.63 -25.18
N3A NAD G . 19.26 5.28 -25.25
C4A NAD G . 18.74 5.64 -26.48
O3 NAD G . 10.04 6.59 -26.62
PN NAD G . 8.89 5.98 -25.69
O1N NAD G . 7.54 6.45 -26.06
O2N NAD G . 9.39 6.17 -24.32
O5D NAD G . 8.93 4.41 -26.04
C5D NAD G . 10.15 3.98 -26.61
C4D NAD G . 10.25 2.49 -26.86
O4D NAD G . 9.41 1.69 -26.06
C3D NAD G . 9.86 2.13 -28.26
O3D NAD G . 10.64 1.01 -28.47
C2D NAD G . 8.43 1.73 -28.14
O2D NAD G . 7.87 0.94 -29.14
C1D NAD G . 8.57 0.91 -26.89
N1N NAD G . 7.26 0.59 -26.30
C2N NAD G . 6.98 -0.72 -25.98
C3N NAD G . 5.77 -1.06 -25.38
C7N NAD G . 5.38 -2.49 -25.01
O7N NAD G . 4.13 -2.87 -24.42
N7N NAD G . 6.26 -3.47 -25.21
C4N NAD G . 4.88 -0.02 -25.17
C5N NAD G . 5.19 1.30 -25.51
C6N NAD G . 6.39 1.58 -26.06
O9 OXQ H . 1.06 0.08 -26.57
C6 OXQ H . 1.80 -0.72 -27.09
O8 OXQ H . 1.50 -1.90 -26.97
C2 OXQ H . 3.03 -0.14 -27.75
C1 OXQ H . 4.26 -0.73 -28.12
O7 OXQ H . 4.59 -1.91 -27.99
N3 OXQ H . 3.08 1.14 -28.01
O4 OXQ H . 4.36 1.39 -28.58
N5 OXQ H . 5.07 0.21 -28.63
PA NAD I . -14.78 -15.19 20.90
O1A NAD I . -15.25 -15.96 22.12
O2A NAD I . -13.24 -15.05 20.80
O5B NAD I . -15.49 -13.78 21.06
C5B NAD I . -16.77 -13.61 21.63
C4B NAD I . -17.16 -12.15 21.28
O4B NAD I . -18.53 -11.89 21.14
C3B NAD I . -16.70 -11.27 22.39
O3B NAD I . -16.57 -9.97 21.89
C2B NAD I . -17.87 -11.40 23.30
O2B NAD I . -17.91 -10.38 24.28
C1B NAD I . -18.98 -11.32 22.30
N9A NAD I . -20.17 -12.00 22.83
C8A NAD I . -20.39 -13.23 23.42
N7A NAD I . -21.70 -13.29 23.72
C5A NAD I . -22.30 -12.11 23.34
C6A NAD I . -23.61 -11.58 23.40
N6A NAD I . -24.65 -12.20 23.90
N1A NAD I . -23.84 -10.33 22.90
C2A NAD I . -22.80 -9.58 22.36
N3A NAD I . -21.51 -10.08 22.32
C4A NAD I . -21.30 -11.32 22.79
O3 NAD I . -15.36 -15.67 19.51
PN NAD I . -14.48 -15.41 18.23
O1N NAD I . -13.45 -16.50 18.21
O2N NAD I . -14.17 -13.96 18.30
O5D NAD I . -15.43 -15.75 16.97
C5D NAD I . -16.63 -15.03 16.80
C4D NAD I . -17.75 -15.79 16.04
O4D NAD I . -17.47 -15.81 14.67
C3D NAD I . -17.95 -17.21 16.49
O3D NAD I . -19.30 -17.47 16.54
C2D NAD I . -17.29 -17.97 15.40
O2D NAD I . -17.87 -19.21 15.13
C1D NAD I . -17.56 -17.12 14.22
N1N NAD I . -16.62 -17.41 13.12
C2N NAD I . -17.14 -17.34 11.85
C3N NAD I . -16.39 -17.57 10.72
C7N NAD I . -17.00 -17.52 9.34
O7N NAD I . -16.24 -17.79 8.23
N7N NAD I . -18.28 -17.22 9.10
C4N NAD I . -15.07 -17.86 10.90
C5N NAD I . -14.54 -17.91 12.19
C6N NAD I . -15.31 -17.68 13.29
O9 OXQ J . -12.70 -21.28 10.19
C6 OXQ J . -13.86 -20.94 10.08
O8 OXQ J . -14.35 -20.73 8.97
C2 OXQ J . -14.65 -20.82 11.34
C1 OXQ J . -16.03 -20.83 11.50
O7 OXQ J . -16.89 -20.90 10.61
N3 OXQ J . -14.05 -20.70 12.49
O4 OXQ J . -15.06 -20.63 13.43
N5 OXQ J . -16.27 -20.71 12.80
PA NAD K . 1.84 -14.53 25.66
O1A NAD K . 1.32 -15.34 26.82
O2A NAD K . 0.78 -14.30 24.58
O5B NAD K . 3.10 -15.16 24.89
C5B NAD K . 3.63 -16.35 25.42
C4B NAD K . 4.40 -17.17 24.40
O4B NAD K . 5.68 -17.42 24.93
C3B NAD K . 3.78 -18.53 24.10
O3B NAD K . 3.66 -18.72 22.72
C2B NAD K . 4.77 -19.48 24.76
O2B NAD K . 4.81 -20.84 24.34
C1B NAD K . 6.02 -18.70 24.43
N9A NAD K . 7.21 -19.33 25.01
C8A NAD K . 7.42 -19.55 26.32
N7A NAD K . 8.61 -20.16 26.46
C5A NAD K . 9.15 -20.32 25.26
C6A NAD K . 10.35 -20.91 24.90
N6A NAD K . 11.12 -21.36 25.88
N1A NAD K . 10.71 -21.02 23.56
C2A NAD K . 9.83 -20.46 22.62
N3A NAD K . 8.60 -19.85 22.99
C4A NAD K . 8.28 -19.81 24.31
O3 NAD K . 2.29 -13.10 26.20
PN NAD K . 2.39 -11.93 25.15
O1N NAD K . 1.34 -10.99 25.48
O2N NAD K . 2.54 -12.55 23.83
O5D NAD K . 3.78 -11.24 25.44
C5D NAD K . 4.96 -11.86 25.05
C4D NAD K . 6.04 -11.00 25.67
O4D NAD K . 5.90 -9.67 25.20
C3D NAD K . 5.92 -10.89 27.18
O3D NAD K . 7.21 -11.15 27.66
C2D NAD K . 5.42 -9.46 27.43
O2D NAD K . 5.75 -8.89 28.67
C1D NAD K . 6.07 -8.73 26.26
N1N NAD K . 5.49 -7.45 25.83
C2N NAD K . 6.33 -6.45 25.39
C3N NAD K . 5.81 -5.22 24.90
C7N NAD K . 6.70 -4.10 24.41
O7N NAD K . 6.10 -2.88 23.95
N7N NAD K . 8.02 -4.25 24.37
C4N NAD K . 4.42 -5.05 24.90
C5N NAD K . 3.58 -6.08 25.34
C6N NAD K . 4.13 -7.27 25.79
O9 OXQ L . 2.61 -2.40 25.88
C6 OXQ L . 3.34 -2.42 26.87
O8 OXQ L . 3.82 -1.39 27.30
C2 OXQ L . 3.67 -3.70 27.51
C1 OXQ L . 4.95 -4.19 27.64
O7 OXQ L . 5.97 -3.61 27.25
N3 OXQ L . 2.77 -4.53 28.02
O4 OXQ L . 3.52 -5.63 28.52
N5 OXQ L . 4.89 -5.37 28.24
#